data_7X0X
#
_entry.id   7X0X
#
_cell.length_a   1.00
_cell.length_b   1.00
_cell.length_c   1.00
_cell.angle_alpha   90.00
_cell.angle_beta   90.00
_cell.angle_gamma   90.00
#
_symmetry.space_group_name_H-M   'P 1'
#
loop_
_entity.id
_entity.type
_entity.pdbx_description
1 polymer Cryptochrome-2
2 non-polymer 'FLAVIN-ADENINE DINUCLEOTIDE'
#
_entity_poly.entity_id   1
_entity_poly.type   'polypeptide(L)'
_entity_poly.pdbx_seq_one_letter_code
;MKMDKKTIVWFRRDLRIEDNPALAAAAHEGSVFPVFIWCPEEEGQFYPGRASRWWMKQSLAHLSQSLKALGSDLTLIKTH
NTISAILDCIRVTGATKVVFNHLYDPVSLVRDHTVKEKLVERGISVQSYNGDLLYEPWEIYCEKGKPFTSFNSYWKKCLD
MSIESVMLPPPWRLMPITAAAEAIWACSIEELGLENEAEKPSNALLTRAWSPGWSNADKLLNEFIEKQLIDYAKNSKKVV
GNSTSLLSPYLHFGEISVRHVFQCARMKQIIWARDKNSEGEESADLFLRGIGLREYSRYICFNFPFTHEQSLLSHLRFFP
WDADVDKFKAWRQGRTGYPLVDAGMRELWATGWMHNRIRVIVSSFAVKFLLLPAKWGMKYFWDTLLDADLECDILGWQYI
SGSIPDGHELDRLDNPALQGAKYDPEGEYIRQWLPELARLPTEWIHHPWDAPLTVLKASGVELGTNYAKPIVDIDTAREL
LAKAISRTREAQIMIGAAPDEIVADSFEALGANTIKEPGLCPSVSSNDQQVPSAVRYNGSKRVKPEEEEERDMKKSRGFD
ERELFSTAESSSSSSVFFVSQSCSLASEGKNLEGIQDSSDQITTSLGKNGCK
;
_entity_poly.pdbx_strand_id   D,B,C,A
#
loop_
_chem_comp.id
_chem_comp.type
_chem_comp.name
_chem_comp.formula
FAD non-polymer 'FLAVIN-ADENINE DINUCLEOTIDE' 'C27 H33 N9 O15 P2'
#
# COMPACT_ATOMS: atom_id res chain seq x y z
N LYS A 5 -11.54 14.89 -49.12
CA LYS A 5 -12.20 16.20 -49.06
C LYS A 5 -13.08 16.18 -47.82
N LYS A 6 -14.21 15.49 -47.90
CA LYS A 6 -15.09 15.29 -46.76
C LYS A 6 -15.41 13.81 -46.64
N THR A 7 -15.22 13.27 -45.45
CA THR A 7 -15.34 11.82 -45.25
C THR A 7 -16.24 11.53 -44.06
N ILE A 8 -17.22 10.66 -44.26
CA ILE A 8 -18.04 10.13 -43.19
C ILE A 8 -17.36 8.90 -42.62
N VAL A 9 -17.11 8.90 -41.31
CA VAL A 9 -16.74 7.70 -40.60
C VAL A 9 -18.01 7.16 -39.97
N TRP A 10 -18.46 6.00 -40.45
CA TRP A 10 -19.71 5.39 -40.00
C TRP A 10 -19.38 4.39 -38.89
N PHE A 11 -19.68 4.77 -37.65
CA PHE A 11 -19.50 3.91 -36.50
C PHE A 11 -20.65 2.94 -36.39
N ARG A 12 -20.36 1.64 -36.33
CA ARG A 12 -21.40 0.66 -36.04
C ARG A 12 -21.14 -0.12 -34.77
N ARG A 13 -20.03 -0.85 -34.69
CA ARG A 13 -19.71 -1.64 -33.52
C ARG A 13 -18.21 -1.57 -33.23
N ASP A 14 -17.67 -0.36 -33.33
CA ASP A 14 -16.24 -0.08 -33.17
C ASP A 14 -16.06 1.18 -32.33
N LEU A 15 -16.73 1.23 -31.18
CA LEU A 15 -16.89 2.47 -30.42
C LEU A 15 -15.63 2.77 -29.61
N ARG A 16 -14.59 3.19 -30.32
CA ARG A 16 -13.31 3.56 -29.75
C ARG A 16 -12.60 4.46 -30.74
N ILE A 17 -11.46 5.03 -30.31
CA ILE A 17 -10.69 5.88 -31.21
C ILE A 17 -9.27 5.36 -31.39
N GLU A 18 -8.76 4.61 -30.41
CA GLU A 18 -7.47 3.95 -30.56
C GLU A 18 -7.63 2.70 -31.41
N ASP A 19 -6.66 2.48 -32.32
CA ASP A 19 -6.64 1.35 -33.26
C ASP A 19 -7.91 1.27 -34.10
N ASN A 20 -8.38 2.42 -34.58
CA ASN A 20 -9.57 2.46 -35.42
C ASN A 20 -9.13 2.82 -36.83
N PRO A 21 -9.00 1.84 -37.73
CA PRO A 21 -8.41 2.13 -39.04
C PRO A 21 -9.28 2.97 -39.97
N ALA A 22 -10.60 3.00 -39.77
CA ALA A 22 -11.44 3.85 -40.58
C ALA A 22 -11.39 5.30 -40.13
N LEU A 23 -11.26 5.53 -38.83
CA LEU A 23 -11.10 6.89 -38.32
C LEU A 23 -9.70 7.42 -38.58
N ALA A 24 -8.69 6.55 -38.50
CA ALA A 24 -7.31 6.99 -38.71
C ALA A 24 -7.03 7.32 -40.17
N ALA A 25 -7.63 6.56 -41.08
CA ALA A 25 -7.42 6.82 -42.50
C ALA A 25 -8.15 8.07 -42.96
N ALA A 26 -9.30 8.38 -42.37
CA ALA A 26 -10.04 9.56 -42.77
C ALA A 26 -9.39 10.84 -42.24
N ALA A 27 -8.65 10.74 -41.15
CA ALA A 27 -8.01 11.91 -40.54
C ALA A 27 -6.69 12.29 -41.20
N HIS A 28 -6.36 11.74 -42.36
CA HIS A 28 -5.15 12.13 -43.07
C HIS A 28 -5.40 13.21 -44.11
N GLU A 29 -6.50 13.15 -44.86
CA GLU A 29 -6.67 14.07 -45.97
C GLU A 29 -7.36 15.37 -45.57
N GLY A 30 -8.63 15.30 -45.16
CA GLY A 30 -9.43 16.50 -45.03
C GLY A 30 -10.42 16.51 -43.89
N SER A 31 -11.68 16.81 -44.21
CA SER A 31 -12.70 17.05 -43.20
C SER A 31 -13.43 15.76 -42.82
N VAL A 32 -13.58 15.53 -41.52
CA VAL A 32 -14.14 14.29 -40.96
C VAL A 32 -15.34 14.65 -40.12
N PHE A 33 -16.42 13.89 -40.24
CA PHE A 33 -17.45 13.94 -39.22
C PHE A 33 -18.04 12.56 -38.95
N PRO A 34 -18.21 12.20 -37.68
CA PRO A 34 -18.63 10.84 -37.32
C PRO A 34 -20.14 10.68 -37.26
N VAL A 35 -20.60 9.48 -37.63
CA VAL A 35 -22.02 9.19 -37.79
C VAL A 35 -22.32 7.83 -37.18
N PHE A 36 -23.34 7.77 -36.32
CA PHE A 36 -23.97 6.53 -35.91
C PHE A 36 -25.40 6.53 -36.43
N ILE A 37 -25.84 5.40 -36.98
CA ILE A 37 -27.20 5.27 -37.47
C ILE A 37 -27.86 4.10 -36.77
N TRP A 38 -28.91 4.38 -36.01
CA TRP A 38 -29.67 3.36 -35.31
C TRP A 38 -30.76 2.86 -36.26
N CYS A 39 -30.63 1.63 -36.70
CA CYS A 39 -31.56 1.04 -37.65
C CYS A 39 -31.79 -0.41 -37.25
N PRO A 40 -32.59 -0.65 -36.21
CA PRO A 40 -32.70 -2.01 -35.68
C PRO A 40 -33.68 -2.90 -36.44
N GLU A 41 -34.43 -2.36 -37.40
CA GLU A 41 -35.39 -3.20 -38.10
C GLU A 41 -34.80 -4.02 -39.24
N GLU A 42 -33.57 -3.74 -39.66
CA GLU A 42 -32.93 -4.61 -40.64
C GLU A 42 -32.39 -5.89 -40.02
N GLU A 43 -32.18 -5.93 -38.71
CA GLU A 43 -31.71 -7.14 -38.07
C GLU A 43 -32.78 -8.21 -37.97
N GLY A 44 -34.06 -7.85 -38.11
CA GLY A 44 -35.13 -8.81 -38.07
C GLY A 44 -35.36 -9.39 -36.70
N GLN A 45 -35.13 -10.70 -36.56
CA GLN A 45 -35.23 -11.36 -35.26
C GLN A 45 -34.02 -11.12 -34.38
N PHE A 46 -32.94 -10.59 -34.93
CA PHE A 46 -31.75 -10.25 -34.15
C PHE A 46 -31.71 -8.78 -33.77
N TYR A 47 -32.89 -8.17 -33.60
CA TYR A 47 -33.06 -6.89 -32.94
C TYR A 47 -32.32 -6.92 -31.60
N PRO A 48 -31.54 -5.90 -31.26
CA PRO A 48 -30.77 -5.92 -30.01
C PRO A 48 -31.66 -5.93 -28.78
N GLY A 49 -31.27 -6.74 -27.80
CA GLY A 49 -32.07 -6.96 -26.63
C GLY A 49 -32.04 -5.81 -25.67
N ARG A 50 -32.72 -6.00 -24.54
CA ARG A 50 -32.97 -4.90 -23.61
C ARG A 50 -31.69 -4.44 -22.91
N ALA A 51 -30.85 -5.37 -22.47
CA ALA A 51 -29.62 -4.99 -21.78
C ALA A 51 -28.55 -4.49 -22.74
N SER A 52 -28.58 -4.93 -23.99
CA SER A 52 -27.61 -4.45 -24.98
C SER A 52 -27.92 -3.01 -25.38
N ARG A 53 -29.20 -2.65 -25.48
CA ARG A 53 -29.57 -1.29 -25.81
C ARG A 53 -29.26 -0.31 -24.70
N TRP A 54 -29.16 -0.78 -23.46
CA TRP A 54 -28.70 0.08 -22.38
C TRP A 54 -27.21 0.39 -22.52
N TRP A 55 -26.42 -0.60 -22.91
CA TRP A 55 -24.97 -0.41 -23.01
C TRP A 55 -24.60 0.48 -24.20
N MET A 56 -25.30 0.35 -25.33
CA MET A 56 -25.05 1.22 -26.48
C MET A 56 -25.33 2.67 -26.15
N LYS A 57 -26.39 2.92 -25.37
CA LYS A 57 -26.78 4.26 -24.99
C LYS A 57 -25.72 4.92 -24.12
N GLN A 58 -25.12 4.14 -23.21
CA GLN A 58 -24.13 4.69 -22.30
C GLN A 58 -22.80 4.95 -22.98
N SER A 59 -22.42 4.11 -23.96
CA SER A 59 -21.10 4.24 -24.57
C SER A 59 -21.09 5.07 -25.83
N LEU A 60 -22.26 5.36 -26.42
CA LEU A 60 -22.30 6.36 -27.48
C LEU A 60 -22.10 7.75 -26.89
N ALA A 61 -22.66 8.00 -25.70
CA ALA A 61 -22.44 9.26 -25.02
C ALA A 61 -21.00 9.40 -24.55
N HIS A 62 -20.35 8.27 -24.22
CA HIS A 62 -18.94 8.28 -23.86
C HIS A 62 -18.06 8.56 -25.09
N LEU A 63 -18.44 8.02 -26.24
CA LEU A 63 -17.69 8.26 -27.46
C LEU A 63 -17.90 9.65 -28.02
N SER A 64 -19.08 10.23 -27.79
CA SER A 64 -19.39 11.55 -28.36
C SER A 64 -18.57 12.65 -27.70
N GLN A 65 -18.35 12.56 -26.39
CA GLN A 65 -17.56 13.57 -25.71
C GLN A 65 -16.07 13.41 -25.97
N SER A 66 -15.61 12.21 -26.27
CA SER A 66 -14.21 12.01 -26.58
C SER A 66 -13.87 12.44 -27.99
N LEU A 67 -14.84 12.38 -28.91
CA LEU A 67 -14.63 12.96 -30.23
C LEU A 67 -14.71 14.48 -30.19
N LYS A 68 -15.42 15.04 -29.22
CA LYS A 68 -15.46 16.49 -29.06
C LYS A 68 -14.13 17.01 -28.54
N ALA A 69 -13.47 16.25 -27.67
CA ALA A 69 -12.15 16.64 -27.17
C ALA A 69 -11.07 16.52 -28.24
N LEU A 70 -11.31 15.76 -29.30
CA LEU A 70 -10.49 15.80 -30.50
C LEU A 70 -11.00 16.82 -31.51
N GLY A 71 -12.11 17.49 -31.22
CA GLY A 71 -12.65 18.51 -32.10
C GLY A 71 -13.58 18.04 -33.20
N SER A 72 -14.72 17.43 -32.88
CA SER A 72 -15.78 17.11 -33.85
C SER A 72 -17.12 17.03 -33.10
N ASP A 73 -18.11 16.36 -33.71
CA ASP A 73 -19.40 16.07 -33.08
C ASP A 73 -20.05 14.87 -33.77
N LEU A 74 -20.66 13.98 -32.98
CA LEU A 74 -21.21 12.72 -33.48
C LEU A 74 -22.66 12.90 -33.92
N THR A 75 -22.96 12.59 -35.18
CA THR A 75 -24.27 12.78 -35.79
C THR A 75 -25.08 11.50 -35.73
N LEU A 76 -26.32 11.59 -35.25
CA LEU A 76 -27.19 10.42 -35.08
C LEU A 76 -28.40 10.50 -36.00
N ILE A 77 -28.78 9.37 -36.56
CA ILE A 77 -29.87 9.26 -37.52
C ILE A 77 -30.63 7.97 -37.22
N LYS A 78 -31.96 8.03 -37.23
CA LYS A 78 -32.80 6.87 -37.02
C LYS A 78 -33.62 6.61 -38.28
N THR A 79 -33.51 5.40 -38.82
CA THR A 79 -34.23 5.04 -40.04
C THR A 79 -34.59 3.55 -39.93
N HIS A 80 -35.52 3.11 -40.77
CA HIS A 80 -35.81 1.69 -40.95
C HIS A 80 -35.02 1.09 -42.09
N ASN A 81 -34.11 1.88 -42.69
CA ASN A 81 -33.29 1.42 -43.80
C ASN A 81 -32.03 2.27 -43.80
N THR A 82 -30.92 1.70 -43.35
CA THR A 82 -29.71 2.50 -43.16
C THR A 82 -29.03 2.88 -44.46
N ILE A 83 -29.33 2.19 -45.56
CA ILE A 83 -28.67 2.51 -46.82
C ILE A 83 -29.26 3.76 -47.43
N SER A 84 -30.50 4.08 -47.11
CA SER A 84 -31.14 5.33 -47.50
C SER A 84 -30.80 6.46 -46.55
N ALA A 85 -30.19 6.14 -45.41
CA ALA A 85 -29.92 7.11 -44.37
C ALA A 85 -28.55 7.75 -44.49
N ILE A 86 -27.50 6.96 -44.80
CA ILE A 86 -26.20 7.57 -45.03
C ILE A 86 -26.19 8.32 -46.35
N LEU A 87 -26.99 7.88 -47.32
CA LEU A 87 -27.06 8.59 -48.60
C LEU A 87 -27.74 9.95 -48.43
N ASP A 88 -28.71 10.03 -47.53
CA ASP A 88 -29.30 11.31 -47.18
C ASP A 88 -28.37 12.15 -46.31
N CYS A 89 -27.43 11.53 -45.60
CA CYS A 89 -26.44 12.29 -44.85
C CYS A 89 -25.34 12.83 -45.75
N ILE A 90 -25.07 12.17 -46.87
CA ILE A 90 -24.10 12.65 -47.83
C ILE A 90 -24.62 13.88 -48.56
N ARG A 91 -25.89 13.85 -48.98
CA ARG A 91 -26.49 14.98 -49.68
C ARG A 91 -26.61 16.22 -48.81
N VAL A 92 -26.68 16.07 -47.50
CA VAL A 92 -26.73 17.24 -46.61
C VAL A 92 -25.36 17.87 -46.48
N THR A 93 -24.37 17.07 -46.10
CA THR A 93 -23.05 17.59 -45.77
C THR A 93 -22.14 17.75 -46.99
N GLY A 94 -22.52 17.22 -48.14
CA GLY A 94 -21.71 17.31 -49.33
C GLY A 94 -20.43 16.50 -49.24
N ALA A 95 -20.55 15.27 -48.75
CA ALA A 95 -19.41 14.40 -48.53
C ALA A 95 -19.12 13.58 -49.77
N THR A 96 -17.87 13.16 -49.90
CA THR A 96 -17.43 12.41 -51.07
C THR A 96 -17.07 10.97 -50.77
N LYS A 97 -16.66 10.65 -49.54
CA LYS A 97 -16.26 9.31 -49.15
C LYS A 97 -17.05 8.83 -47.95
N VAL A 98 -17.17 7.51 -47.83
CA VAL A 98 -17.69 6.85 -46.63
C VAL A 98 -16.72 5.75 -46.26
N VAL A 99 -16.18 5.80 -45.05
CA VAL A 99 -15.30 4.76 -44.54
C VAL A 99 -15.97 4.10 -43.33
N PHE A 100 -15.82 2.79 -43.22
CA PHE A 100 -16.35 2.04 -42.08
C PHE A 100 -15.50 0.79 -41.90
N ASN A 101 -15.84 0.00 -40.88
CA ASN A 101 -15.13 -1.23 -40.55
C ASN A 101 -16.01 -2.44 -40.80
N HIS A 102 -15.38 -3.57 -41.11
CA HIS A 102 -16.10 -4.79 -41.48
C HIS A 102 -16.88 -5.36 -40.29
N LEU A 103 -17.91 -6.14 -40.63
CA LEU A 103 -18.58 -7.03 -39.70
C LEU A 103 -18.82 -8.35 -40.41
N TYR A 104 -19.04 -9.41 -39.63
CA TYR A 104 -18.98 -10.76 -40.18
C TYR A 104 -20.19 -11.62 -39.88
N ASP A 105 -21.16 -11.13 -39.11
CA ASP A 105 -22.42 -11.83 -38.92
C ASP A 105 -23.19 -11.86 -40.25
N PRO A 106 -24.02 -12.90 -40.48
CA PRO A 106 -24.58 -13.08 -41.84
C PRO A 106 -25.63 -12.07 -42.23
N VAL A 107 -26.19 -11.31 -41.30
CA VAL A 107 -27.11 -10.25 -41.67
C VAL A 107 -26.36 -9.05 -42.20
N SER A 108 -25.26 -8.67 -41.55
CA SER A 108 -24.52 -7.49 -41.95
C SER A 108 -23.65 -7.73 -43.17
N LEU A 109 -23.40 -9.00 -43.54
CA LEU A 109 -22.60 -9.25 -44.73
C LEU A 109 -23.39 -8.96 -46.00
N VAL A 110 -24.66 -9.37 -46.05
CA VAL A 110 -25.48 -9.07 -47.21
C VAL A 110 -26.00 -7.64 -47.18
N ARG A 111 -25.99 -6.99 -46.02
CA ARG A 111 -26.38 -5.59 -45.94
C ARG A 111 -25.24 -4.69 -46.42
N ASP A 112 -24.00 -5.03 -46.08
CA ASP A 112 -22.86 -4.25 -46.54
C ASP A 112 -22.56 -4.49 -48.01
N HIS A 113 -22.94 -5.66 -48.53
CA HIS A 113 -22.77 -5.92 -49.95
C HIS A 113 -23.70 -5.05 -50.78
N THR A 114 -24.88 -4.73 -50.27
CA THR A 114 -25.84 -3.90 -51.00
C THR A 114 -25.58 -2.41 -50.90
N VAL A 115 -25.00 -1.94 -49.79
CA VAL A 115 -24.74 -0.51 -49.65
C VAL A 115 -23.57 -0.06 -50.52
N LYS A 116 -22.71 -0.99 -50.93
CA LYS A 116 -21.65 -0.63 -51.86
C LYS A 116 -22.22 -0.36 -53.24
N GLU A 117 -23.11 -1.24 -53.72
CA GLU A 117 -23.76 -0.97 -55.00
C GLU A 117 -24.77 0.15 -54.93
N LYS A 118 -25.26 0.50 -53.73
CA LYS A 118 -26.19 1.60 -53.62
C LYS A 118 -25.51 2.96 -53.79
N LEU A 119 -24.21 3.03 -53.54
CA LEU A 119 -23.52 4.30 -53.48
C LEU A 119 -22.55 4.58 -54.62
N VAL A 120 -22.28 3.61 -55.51
CA VAL A 120 -21.67 3.98 -56.79
C VAL A 120 -22.71 4.44 -57.80
N GLU A 121 -23.99 4.30 -57.49
CA GLU A 121 -25.01 5.00 -58.27
C GLU A 121 -24.90 6.51 -58.10
N ARG A 122 -24.44 6.98 -56.95
CA ARG A 122 -24.21 8.39 -56.72
C ARG A 122 -22.74 8.78 -56.83
N GLY A 123 -21.87 7.85 -57.20
CA GLY A 123 -20.47 8.16 -57.40
C GLY A 123 -19.70 8.47 -56.13
N ILE A 124 -19.96 7.73 -55.06
CA ILE A 124 -19.30 7.93 -53.77
C ILE A 124 -18.33 6.78 -53.56
N SER A 125 -17.07 7.11 -53.26
CA SER A 125 -16.07 6.09 -52.99
C SER A 125 -16.26 5.52 -51.58
N VAL A 126 -16.37 4.20 -51.50
CA VAL A 126 -16.64 3.49 -50.25
C VAL A 126 -15.44 2.60 -49.93
N GLN A 127 -14.86 2.79 -48.75
CA GLN A 127 -13.74 1.98 -48.28
C GLN A 127 -14.11 1.30 -46.97
N SER A 128 -13.80 0.01 -46.86
CA SER A 128 -14.04 -0.74 -45.63
C SER A 128 -12.74 -1.30 -45.11
N TYR A 129 -12.65 -1.47 -43.79
CA TYR A 129 -11.41 -1.79 -43.10
C TYR A 129 -11.65 -2.95 -42.15
N ASN A 130 -10.54 -3.52 -41.66
CA ASN A 130 -10.57 -4.59 -40.67
C ASN A 130 -10.24 -4.00 -39.31
N GLY A 131 -11.20 -4.05 -38.39
CA GLY A 131 -10.99 -3.54 -37.06
C GLY A 131 -11.26 -4.52 -35.95
N ASP A 132 -11.72 -5.73 -36.29
CA ASP A 132 -12.22 -6.68 -35.30
C ASP A 132 -11.40 -7.95 -35.15
N LEU A 133 -10.61 -8.34 -36.14
CA LEU A 133 -9.98 -9.64 -36.16
C LEU A 133 -8.47 -9.53 -36.20
N LEU A 134 -7.80 -10.64 -35.88
CA LEU A 134 -6.35 -10.70 -36.06
C LEU A 134 -5.99 -10.89 -37.53
N TYR A 135 -6.57 -11.91 -38.16
CA TYR A 135 -6.49 -12.11 -39.59
C TYR A 135 -7.89 -12.21 -40.16
N GLU A 136 -8.01 -11.95 -41.45
CA GLU A 136 -9.28 -12.11 -42.11
C GLU A 136 -9.54 -13.59 -42.38
N PRO A 137 -10.80 -14.02 -42.39
CA PRO A 137 -11.09 -15.46 -42.53
C PRO A 137 -10.78 -16.04 -43.90
N TRP A 138 -10.49 -15.22 -44.91
CA TRP A 138 -10.04 -15.73 -46.20
C TRP A 138 -8.52 -15.79 -46.30
N GLU A 139 -7.83 -15.83 -45.17
CA GLU A 139 -6.38 -15.94 -45.12
C GLU A 139 -5.90 -17.19 -44.42
N ILE A 140 -6.75 -17.85 -43.65
CA ILE A 140 -6.36 -19.04 -42.89
C ILE A 140 -6.96 -20.23 -43.63
N TYR A 141 -6.11 -21.01 -44.29
CA TYR A 141 -6.54 -22.17 -45.03
C TYR A 141 -5.73 -23.39 -44.60
N CYS A 142 -6.11 -24.52 -45.18
CA CYS A 142 -5.40 -25.78 -44.99
C CYS A 142 -4.32 -25.91 -46.06
N GLU A 143 -3.74 -27.09 -46.20
CA GLU A 143 -2.67 -27.29 -47.18
C GLU A 143 -3.18 -27.25 -48.61
N LYS A 144 -4.42 -27.71 -48.83
CA LYS A 144 -5.05 -27.65 -50.14
C LYS A 144 -5.76 -26.34 -50.41
N GLY A 145 -5.73 -25.40 -49.47
CA GLY A 145 -6.39 -24.12 -49.66
C GLY A 145 -7.86 -24.12 -49.32
N LYS A 146 -8.30 -24.99 -48.42
CA LYS A 146 -9.70 -25.10 -48.03
C LYS A 146 -9.85 -24.72 -46.55
N PRO A 147 -11.02 -24.23 -46.14
CA PRO A 147 -11.20 -23.83 -44.74
C PRO A 147 -11.23 -25.03 -43.79
N PHE A 148 -10.88 -24.73 -42.54
CA PHE A 148 -10.86 -25.73 -41.47
C PHE A 148 -12.27 -26.05 -41.01
N THR A 149 -12.38 -27.09 -40.18
CA THR A 149 -13.64 -27.50 -39.58
C THR A 149 -13.55 -27.74 -38.08
N SER A 150 -12.37 -27.72 -37.49
CA SER A 150 -12.18 -27.87 -36.05
C SER A 150 -11.45 -26.65 -35.52
N PHE A 151 -11.49 -26.46 -34.20
CA PHE A 151 -10.88 -25.26 -33.64
C PHE A 151 -9.37 -25.37 -33.53
N ASN A 152 -8.86 -26.47 -32.96
CA ASN A 152 -7.43 -26.56 -32.74
C ASN A 152 -6.66 -26.83 -34.02
N SER A 153 -7.31 -27.36 -35.05
CA SER A 153 -6.71 -27.32 -36.38
C SER A 153 -6.62 -25.89 -36.90
N TYR A 154 -7.57 -25.05 -36.55
CA TYR A 154 -7.61 -23.68 -37.02
C TYR A 154 -6.65 -22.79 -36.24
N TRP A 155 -6.52 -23.02 -34.94
CA TRP A 155 -5.72 -22.14 -34.11
C TRP A 155 -4.23 -22.44 -34.18
N LYS A 156 -3.85 -23.66 -34.56
CA LYS A 156 -2.43 -23.93 -34.79
C LYS A 156 -1.93 -23.34 -36.10
N LYS A 157 -2.82 -22.92 -37.00
CA LYS A 157 -2.42 -22.23 -38.21
C LYS A 157 -2.28 -20.73 -37.96
N CYS A 158 -3.16 -20.15 -37.13
CA CYS A 158 -3.10 -18.72 -36.85
C CYS A 158 -1.88 -18.31 -36.06
N LEU A 159 -1.29 -19.24 -35.30
CA LEU A 159 -0.07 -18.96 -34.56
C LEU A 159 1.17 -19.18 -35.40
N ASP A 160 1.03 -19.48 -36.69
CA ASP A 160 2.15 -19.72 -37.59
C ASP A 160 1.86 -19.12 -38.96
N MET A 161 1.43 -17.86 -39.00
CA MET A 161 0.79 -17.29 -40.17
C MET A 161 1.69 -16.43 -41.04
N SER A 162 2.97 -16.30 -40.71
CA SER A 162 4.02 -15.55 -41.41
C SER A 162 3.81 -14.03 -41.41
N ILE A 163 2.79 -13.50 -40.75
CA ILE A 163 2.52 -12.08 -40.61
C ILE A 163 1.78 -11.85 -39.30
N GLU A 164 1.58 -10.56 -38.96
CA GLU A 164 0.70 -10.12 -37.88
C GLU A 164 0.42 -8.63 -38.08
N SER A 165 -0.76 -8.17 -37.67
CA SER A 165 -1.16 -6.79 -37.89
C SER A 165 -0.81 -5.90 -36.69
N VAL A 166 -0.88 -4.59 -36.90
CA VAL A 166 -0.26 -3.61 -36.02
C VAL A 166 -1.33 -2.77 -35.33
N MET A 167 -0.89 -1.91 -34.40
CA MET A 167 -1.75 -1.04 -33.60
C MET A 167 -1.56 0.40 -34.05
N LEU A 168 -2.60 0.99 -34.61
CA LEU A 168 -2.51 2.37 -35.06
C LEU A 168 -2.69 3.33 -33.88
N PRO A 169 -1.88 4.39 -33.80
CA PRO A 169 -2.15 5.43 -32.82
C PRO A 169 -3.37 6.25 -33.22
N PRO A 170 -4.06 6.85 -32.27
CA PRO A 170 -5.22 7.69 -32.58
C PRO A 170 -4.79 8.96 -33.30
N PRO A 171 -5.70 9.60 -34.03
CA PRO A 171 -5.35 10.86 -34.69
C PRO A 171 -5.12 11.97 -33.68
N TRP A 172 -4.37 12.99 -34.12
CA TRP A 172 -4.01 14.09 -33.24
C TRP A 172 -5.09 15.17 -33.21
N ARG A 173 -5.84 15.31 -34.30
CA ARG A 173 -6.86 16.34 -34.40
C ARG A 173 -7.83 15.94 -35.51
N LEU A 174 -9.09 16.29 -35.35
CA LEU A 174 -10.11 16.12 -36.37
C LEU A 174 -10.64 17.48 -36.80
N MET A 175 -11.25 17.52 -37.98
CA MET A 175 -11.73 18.78 -38.57
C MET A 175 -13.12 18.59 -39.16
N PRO A 176 -14.15 19.17 -38.56
CA PRO A 176 -15.36 19.50 -39.33
C PRO A 176 -15.43 20.98 -39.64
N ILE A 177 -16.45 21.40 -40.40
CA ILE A 177 -16.73 22.82 -40.57
C ILE A 177 -18.20 23.11 -40.29
N THR A 178 -18.78 22.38 -39.34
CA THR A 178 -20.19 22.54 -39.00
C THR A 178 -20.43 23.82 -38.21
N SER A 188 -29.25 16.19 -36.67
CA SER A 188 -29.07 15.03 -35.76
C SER A 188 -30.37 14.71 -35.03
N ILE A 189 -30.62 13.43 -34.75
CA ILE A 189 -31.86 12.98 -34.05
C ILE A 189 -31.45 12.50 -32.65
N GLU A 190 -32.41 12.41 -31.71
CA GLU A 190 -32.10 11.90 -30.35
C GLU A 190 -31.72 10.41 -30.44
N GLU A 191 -32.51 9.60 -31.14
CA GLU A 191 -32.15 8.17 -31.33
C GLU A 191 -32.10 7.57 -29.94
N LEU A 192 -32.30 8.39 -28.92
CA LEU A 192 -32.26 7.94 -27.52
C LEU A 192 -33.35 6.89 -27.32
N GLY A 193 -34.12 6.62 -28.36
CA GLY A 193 -35.07 5.52 -28.21
C GLY A 193 -34.07 4.39 -28.12
N LEU A 194 -33.78 3.92 -26.91
CA LEU A 194 -32.86 2.78 -26.73
C LEU A 194 -33.41 2.13 -25.46
N GLU A 195 -34.47 2.67 -24.89
CA GLU A 195 -35.06 2.15 -23.63
C GLU A 195 -36.51 2.61 -23.48
N ASN A 196 -37.34 1.81 -22.81
CA ASN A 196 -38.75 2.18 -22.51
C ASN A 196 -38.76 2.92 -21.18
N GLU A 197 -39.84 3.64 -20.85
CA GLU A 197 -39.82 4.49 -19.65
C GLU A 197 -40.16 3.69 -18.40
N ALA A 198 -40.80 2.52 -18.56
CA ALA A 198 -41.04 1.66 -17.41
C ALA A 198 -39.79 0.86 -17.04
N GLU A 199 -39.04 0.41 -18.03
CA GLU A 199 -37.83 -0.37 -17.83
C GLU A 199 -36.60 0.50 -17.53
N LYS A 200 -36.77 1.82 -17.49
CA LYS A 200 -35.62 2.71 -17.36
C LYS A 200 -34.96 2.69 -15.97
N PRO A 201 -35.68 2.72 -14.83
CA PRO A 201 -34.95 2.69 -13.55
C PRO A 201 -34.42 1.33 -13.15
N SER A 202 -34.97 0.25 -13.70
CA SER A 202 -34.40 -1.07 -13.43
C SER A 202 -33.19 -1.35 -14.30
N ASN A 203 -33.10 -0.71 -15.48
CA ASN A 203 -31.92 -0.82 -16.32
C ASN A 203 -30.74 -0.09 -15.72
N ALA A 204 -30.99 1.01 -15.02
CA ALA A 204 -29.91 1.83 -14.46
C ALA A 204 -29.19 1.14 -13.31
N LEU A 205 -29.78 0.10 -12.72
CA LEU A 205 -29.14 -0.65 -11.65
C LEU A 205 -28.06 -1.61 -12.16
N LEU A 206 -27.89 -1.73 -13.48
CA LEU A 206 -26.78 -2.48 -14.05
C LEU A 206 -25.44 -1.77 -13.88
N THR A 207 -25.44 -0.50 -13.49
CA THR A 207 -24.25 0.29 -13.28
C THR A 207 -23.56 -0.02 -11.96
N ARG A 208 -24.20 -0.82 -11.10
CA ARG A 208 -23.54 -1.31 -9.90
C ARG A 208 -22.41 -2.27 -10.22
N ALA A 209 -22.45 -2.93 -11.38
CA ALA A 209 -21.43 -3.87 -11.78
C ALA A 209 -20.63 -3.46 -13.00
N TRP A 210 -21.16 -2.58 -13.85
CA TRP A 210 -20.55 -2.31 -15.15
C TRP A 210 -20.47 -0.82 -15.42
N SER A 211 -19.52 -0.44 -16.28
CA SER A 211 -19.33 0.95 -16.69
C SER A 211 -18.87 0.94 -18.15
N PRO A 212 -19.76 1.26 -19.08
CA PRO A 212 -19.37 1.25 -20.51
C PRO A 212 -18.48 2.42 -20.89
N GLY A 213 -17.87 2.28 -22.07
CA GLY A 213 -16.96 3.28 -22.59
C GLY A 213 -15.58 2.75 -22.87
N TRP A 214 -14.88 3.30 -23.85
CA TRP A 214 -13.55 2.78 -24.21
C TRP A 214 -12.50 3.13 -23.17
N SER A 215 -12.70 4.19 -22.38
CA SER A 215 -11.73 4.53 -21.35
C SER A 215 -11.79 3.55 -20.20
N ASN A 216 -12.93 2.91 -19.97
CA ASN A 216 -13.05 1.90 -18.94
C ASN A 216 -12.62 0.52 -19.43
N ALA A 217 -12.69 0.26 -20.74
CA ALA A 217 -12.14 -0.96 -21.29
C ALA A 217 -10.62 -1.00 -21.17
N ASP A 218 -9.97 0.15 -21.23
CA ASP A 218 -8.53 0.23 -21.07
C ASP A 218 -8.11 0.01 -19.62
N LYS A 219 -8.93 0.44 -18.67
CA LYS A 219 -8.59 0.23 -17.26
C LYS A 219 -8.84 -1.19 -16.81
N LEU A 220 -9.76 -1.91 -17.46
CA LEU A 220 -9.98 -3.30 -17.12
C LEU A 220 -8.99 -4.24 -17.79
N LEU A 221 -8.33 -3.82 -18.88
CA LEU A 221 -7.26 -4.62 -19.43
C LEU A 221 -6.00 -4.52 -18.59
N ASN A 222 -5.70 -3.32 -18.07
CA ASN A 222 -4.57 -3.15 -17.16
C ASN A 222 -4.79 -3.87 -15.85
N GLU A 223 -6.02 -3.87 -15.36
CA GLU A 223 -6.34 -4.48 -14.08
C GLU A 223 -6.24 -5.99 -14.17
N PHE A 224 -6.48 -6.58 -15.33
CA PHE A 224 -6.40 -8.03 -15.48
C PHE A 224 -4.97 -8.50 -15.73
N ILE A 225 -4.22 -7.75 -16.52
CA ILE A 225 -2.83 -8.07 -16.84
C ILE A 225 -1.97 -8.03 -15.59
N GLU A 226 -2.27 -7.10 -14.70
CA GLU A 226 -1.47 -6.92 -13.50
C GLU A 226 -1.95 -7.69 -12.29
N LYS A 227 -3.16 -8.23 -12.28
CA LYS A 227 -3.61 -8.94 -11.09
C LYS A 227 -3.82 -10.44 -11.31
N GLN A 228 -4.70 -10.87 -12.20
CA GLN A 228 -5.09 -12.27 -12.19
C GLN A 228 -4.87 -12.99 -13.52
N LEU A 229 -4.16 -12.37 -14.46
CA LEU A 229 -3.67 -13.11 -15.62
C LEU A 229 -2.64 -14.16 -15.21
N ILE A 230 -1.94 -13.93 -14.09
CA ILE A 230 -0.91 -14.84 -13.60
C ILE A 230 -1.51 -16.18 -13.21
N ASP A 231 -2.67 -16.16 -12.56
CA ASP A 231 -3.30 -17.33 -11.99
C ASP A 231 -4.35 -17.95 -12.91
N TYR A 232 -4.40 -17.54 -14.18
CA TYR A 232 -5.50 -17.91 -15.06
C TYR A 232 -5.50 -19.40 -15.39
N ALA A 233 -4.34 -20.04 -15.47
CA ALA A 233 -4.30 -21.44 -15.89
C ALA A 233 -4.78 -22.40 -14.80
N LYS A 234 -4.86 -21.94 -13.56
CA LYS A 234 -5.39 -22.74 -12.48
C LYS A 234 -6.73 -22.25 -11.96
N ASN A 235 -7.19 -21.07 -12.37
CA ASN A 235 -8.40 -20.48 -11.81
C ASN A 235 -9.51 -20.21 -12.82
N SER A 236 -9.28 -20.45 -14.12
CA SER A 236 -10.27 -20.04 -15.12
C SER A 236 -11.53 -20.89 -15.13
N LYS A 237 -11.61 -21.95 -14.33
CA LYS A 237 -12.82 -22.73 -14.21
C LYS A 237 -13.55 -22.51 -12.89
N LYS A 238 -12.97 -21.73 -11.99
CA LYS A 238 -13.60 -21.42 -10.72
C LYS A 238 -14.52 -20.22 -10.87
N VAL A 239 -15.76 -20.35 -10.40
CA VAL A 239 -16.72 -19.26 -10.44
C VAL A 239 -16.70 -18.44 -9.15
N VAL A 240 -16.19 -19.00 -8.07
CA VAL A 240 -15.85 -18.19 -6.90
C VAL A 240 -14.68 -17.28 -7.25
N GLY A 241 -14.80 -16.01 -6.90
CA GLY A 241 -13.76 -15.05 -7.22
C GLY A 241 -13.79 -14.54 -8.64
N ASN A 242 -13.20 -13.38 -8.87
CA ASN A 242 -13.10 -12.80 -10.21
C ASN A 242 -11.81 -13.31 -10.83
N SER A 243 -11.90 -14.47 -11.48
CA SER A 243 -10.73 -15.13 -12.02
C SER A 243 -10.55 -14.93 -13.52
N THR A 244 -11.55 -14.38 -14.21
CA THR A 244 -11.48 -14.11 -15.63
C THR A 244 -11.40 -12.60 -15.84
N SER A 245 -11.34 -12.18 -17.10
CA SER A 245 -10.99 -10.79 -17.37
C SER A 245 -12.16 -9.82 -17.33
N LEU A 246 -13.39 -10.32 -17.52
CA LEU A 246 -14.62 -9.52 -17.60
C LEU A 246 -14.53 -8.46 -18.69
N LEU A 247 -14.07 -8.89 -19.86
CA LEU A 247 -13.85 -7.99 -20.97
C LEU A 247 -14.84 -8.17 -22.10
N SER A 248 -15.73 -9.16 -22.01
CA SER A 248 -16.55 -9.54 -23.16
C SER A 248 -17.59 -8.51 -23.63
N PRO A 249 -18.24 -7.69 -22.79
CA PRO A 249 -19.05 -6.62 -23.39
C PRO A 249 -18.23 -5.48 -23.96
N TYR A 250 -16.98 -5.31 -23.55
CA TYR A 250 -16.12 -4.33 -24.19
C TYR A 250 -15.62 -4.83 -25.53
N LEU A 251 -15.35 -6.13 -25.64
CA LEU A 251 -14.91 -6.71 -26.90
C LEU A 251 -16.03 -6.90 -27.89
N HIS A 252 -17.29 -6.96 -27.43
CA HIS A 252 -18.39 -7.11 -28.36
C HIS A 252 -18.69 -5.80 -29.08
N PHE A 253 -18.69 -4.69 -28.35
CA PHE A 253 -18.99 -3.40 -28.93
C PHE A 253 -17.76 -2.71 -29.50
N GLY A 254 -16.60 -3.35 -29.45
CA GLY A 254 -15.41 -2.81 -30.06
C GLY A 254 -14.84 -1.62 -29.34
N GLU A 255 -14.92 -1.61 -28.01
CA GLU A 255 -14.34 -0.53 -27.23
C GLU A 255 -12.90 -0.81 -26.85
N ILE A 256 -12.46 -2.05 -26.97
CA ILE A 256 -11.07 -2.42 -26.81
C ILE A 256 -10.67 -3.19 -28.06
N SER A 257 -9.48 -2.92 -28.56
CA SER A 257 -9.00 -3.58 -29.76
C SER A 257 -8.44 -4.95 -29.40
N VAL A 258 -8.70 -5.93 -30.25
CA VAL A 258 -8.26 -7.28 -29.95
C VAL A 258 -6.81 -7.50 -30.35
N ARG A 259 -6.26 -6.65 -31.23
CA ARG A 259 -4.83 -6.69 -31.52
C ARG A 259 -4.03 -6.01 -30.44
N HIS A 260 -4.66 -5.08 -29.74
CA HIS A 260 -4.07 -4.43 -28.57
C HIS A 260 -3.93 -5.42 -27.41
N VAL A 261 -4.89 -6.35 -27.29
CA VAL A 261 -4.82 -7.37 -26.25
C VAL A 261 -3.74 -8.40 -26.58
N PHE A 262 -3.65 -8.81 -27.85
CA PHE A 262 -2.69 -9.80 -28.28
C PHE A 262 -1.25 -9.31 -28.15
N GLN A 263 -1.02 -8.01 -28.40
CA GLN A 263 0.30 -7.43 -28.26
C GLN A 263 0.75 -7.39 -26.80
N CYS A 264 -0.14 -6.94 -25.91
CA CYS A 264 0.22 -6.76 -24.51
C CYS A 264 0.37 -8.08 -23.78
N ALA A 265 -0.38 -9.10 -24.17
CA ALA A 265 -0.25 -10.40 -23.51
C ALA A 265 0.98 -11.15 -23.97
N ARG A 266 1.41 -10.95 -25.21
CA ARG A 266 2.64 -11.58 -25.68
C ARG A 266 3.88 -10.85 -25.21
N MET A 267 3.74 -9.65 -24.65
CA MET A 267 4.86 -8.98 -24.01
C MET A 267 5.02 -9.37 -22.56
N LYS A 268 3.93 -9.65 -21.84
CA LYS A 268 4.04 -10.20 -20.50
C LYS A 268 4.57 -11.63 -20.53
N GLN A 269 4.34 -12.35 -21.63
CA GLN A 269 4.77 -13.73 -21.72
C GLN A 269 6.28 -13.85 -21.88
N ILE A 270 6.94 -12.85 -22.48
CA ILE A 270 8.38 -12.95 -22.62
C ILE A 270 9.09 -12.53 -21.34
N ILE A 271 8.46 -11.67 -20.53
CA ILE A 271 9.06 -11.30 -19.25
C ILE A 271 8.96 -12.45 -18.26
N TRP A 272 7.84 -13.18 -18.27
CA TRP A 272 7.69 -14.32 -17.37
C TRP A 272 8.50 -15.53 -17.82
N ALA A 273 8.76 -15.67 -19.11
CA ALA A 273 9.67 -16.72 -19.55
C ALA A 273 11.11 -16.40 -19.20
N ARG A 274 11.45 -15.13 -19.04
CA ARG A 274 12.79 -14.73 -18.64
C ARG A 274 12.99 -14.72 -17.14
N ASP A 275 11.94 -14.95 -16.37
CA ASP A 275 12.05 -15.19 -14.94
C ASP A 275 11.86 -16.67 -14.60
N LYS A 276 11.65 -17.51 -15.62
CA LYS A 276 11.31 -18.93 -15.50
C LYS A 276 10.07 -19.15 -14.63
N ASN A 277 9.09 -18.24 -14.78
CA ASN A 277 7.77 -18.37 -14.17
C ASN A 277 6.93 -19.20 -15.13
N SER A 278 7.03 -20.53 -15.00
CA SER A 278 6.43 -21.41 -15.98
C SER A 278 4.92 -21.51 -15.85
N GLU A 279 4.36 -21.13 -14.70
CA GLU A 279 2.91 -21.16 -14.55
C GLU A 279 2.27 -19.88 -15.04
N GLY A 280 2.89 -18.72 -14.79
CA GLY A 280 2.42 -17.49 -15.36
C GLY A 280 2.56 -17.44 -16.87
N GLU A 281 3.54 -18.15 -17.41
CA GLU A 281 3.70 -18.25 -18.86
C GLU A 281 2.66 -19.17 -19.48
N GLU A 282 2.30 -20.25 -18.77
CA GLU A 282 1.28 -21.16 -19.25
C GLU A 282 -0.10 -20.52 -19.19
N SER A 283 -0.31 -19.60 -18.26
CA SER A 283 -1.57 -18.87 -18.18
C SER A 283 -1.74 -17.91 -19.36
N ALA A 284 -0.66 -17.30 -19.81
CA ALA A 284 -0.73 -16.38 -20.95
C ALA A 284 -0.99 -17.12 -22.25
N ASP A 285 -0.66 -18.40 -22.31
CA ASP A 285 -0.95 -19.21 -23.48
C ASP A 285 -2.41 -19.64 -23.54
N LEU A 286 -3.01 -19.91 -22.37
CA LEU A 286 -4.41 -20.32 -22.31
C LEU A 286 -5.36 -19.15 -22.43
N PHE A 287 -4.93 -17.95 -22.05
CA PHE A 287 -5.80 -16.79 -22.22
C PHE A 287 -5.91 -16.39 -23.68
N LEU A 288 -4.83 -16.55 -24.46
CA LEU A 288 -4.90 -16.25 -25.87
C LEU A 288 -5.68 -17.30 -26.64
N ARG A 289 -5.80 -18.51 -26.10
CA ARG A 289 -6.67 -19.52 -26.70
C ARG A 289 -8.14 -19.14 -26.56
N GLY A 290 -8.49 -18.43 -25.48
CA GLY A 290 -9.85 -17.93 -25.35
C GLY A 290 -10.18 -16.82 -26.31
N ILE A 291 -9.19 -15.98 -26.64
CA ILE A 291 -9.34 -14.96 -27.67
C ILE A 291 -9.46 -15.60 -29.05
N GLY A 292 -8.79 -16.72 -29.27
CA GLY A 292 -8.92 -17.44 -30.52
C GLY A 292 -10.26 -18.10 -30.73
N LEU A 293 -11.01 -18.35 -29.66
CA LEU A 293 -12.38 -18.83 -29.78
C LEU A 293 -13.30 -17.74 -30.29
N ARG A 294 -12.99 -16.48 -29.97
CA ARG A 294 -13.72 -15.36 -30.55
C ARG A 294 -13.39 -15.21 -32.03
N GLU A 295 -12.14 -15.49 -32.42
CA GLU A 295 -11.74 -15.49 -33.82
C GLU A 295 -12.39 -16.63 -34.58
N TYR A 296 -12.57 -17.78 -33.94
CA TYR A 296 -13.10 -18.94 -34.63
C TYR A 296 -14.61 -18.83 -34.84
N SER A 297 -15.30 -18.10 -33.97
CA SER A 297 -16.74 -17.93 -34.14
C SER A 297 -17.06 -17.08 -35.35
N ARG A 298 -16.22 -16.10 -35.68
CA ARG A 298 -16.36 -15.35 -36.91
C ARG A 298 -15.90 -16.14 -38.13
N TYR A 299 -15.06 -17.15 -37.91
CA TYR A 299 -14.54 -17.96 -39.01
C TYR A 299 -15.62 -18.88 -39.57
N ILE A 300 -16.26 -19.68 -38.71
CA ILE A 300 -17.27 -20.60 -39.21
C ILE A 300 -18.58 -19.88 -39.54
N CYS A 301 -18.78 -18.67 -39.03
CA CYS A 301 -19.90 -17.88 -39.48
C CYS A 301 -19.71 -17.37 -40.90
N PHE A 302 -18.46 -17.08 -41.27
CA PHE A 302 -18.17 -16.60 -42.62
C PHE A 302 -18.23 -17.73 -43.63
N ASN A 303 -17.76 -18.92 -43.25
CA ASN A 303 -17.64 -20.05 -44.18
C ASN A 303 -18.88 -20.92 -44.22
N PHE A 304 -19.49 -21.21 -43.07
CA PHE A 304 -20.74 -21.97 -43.00
C PHE A 304 -21.80 -21.09 -42.37
N PRO A 305 -22.41 -20.18 -43.15
CA PRO A 305 -23.42 -19.28 -42.57
C PRO A 305 -24.79 -19.95 -42.40
N SER A 311 -32.88 -24.49 -39.43
CA SER A 311 -32.25 -23.18 -39.43
C SER A 311 -30.82 -23.25 -38.91
N LEU A 312 -30.63 -23.07 -37.60
CA LEU A 312 -29.32 -23.11 -36.99
C LEU A 312 -28.97 -24.49 -36.45
N LEU A 313 -29.77 -25.01 -35.54
CA LEU A 313 -29.57 -26.34 -34.97
C LEU A 313 -30.53 -27.28 -35.67
N SER A 314 -30.12 -27.80 -36.82
CA SER A 314 -30.95 -28.68 -37.62
C SER A 314 -30.79 -30.14 -37.27
N HIS A 315 -29.76 -30.52 -36.52
CA HIS A 315 -29.64 -31.90 -36.07
C HIS A 315 -30.61 -32.23 -34.95
N LEU A 316 -31.28 -31.23 -34.36
CA LEU A 316 -32.41 -31.43 -33.45
C LEU A 316 -33.61 -30.72 -34.06
N ARG A 317 -34.28 -31.39 -35.01
CA ARG A 317 -35.50 -30.85 -35.59
C ARG A 317 -36.67 -31.83 -35.54
N PHE A 318 -36.42 -33.11 -35.32
CA PHE A 318 -37.47 -34.07 -34.99
C PHE A 318 -37.42 -34.45 -33.52
N PHE A 319 -36.77 -33.62 -32.68
CA PHE A 319 -36.76 -33.85 -31.25
C PHE A 319 -38.12 -33.51 -30.65
N PRO A 320 -38.68 -34.39 -29.80
CA PRO A 320 -39.92 -34.07 -29.09
C PRO A 320 -39.67 -33.14 -27.91
N TRP A 321 -40.02 -31.87 -28.07
CA TRP A 321 -39.84 -30.88 -27.03
C TRP A 321 -41.11 -30.75 -26.19
N ASP A 322 -40.94 -30.51 -24.90
CA ASP A 322 -42.06 -30.27 -24.01
C ASP A 322 -42.37 -28.77 -24.00
N ALA A 323 -43.52 -28.40 -24.55
CA ALA A 323 -43.93 -27.01 -24.62
C ALA A 323 -44.69 -26.63 -23.35
N ASP A 324 -43.94 -26.49 -22.28
CA ASP A 324 -44.48 -26.15 -20.97
C ASP A 324 -43.99 -24.75 -20.58
N VAL A 325 -44.91 -23.80 -20.49
CA VAL A 325 -44.51 -22.42 -20.27
C VAL A 325 -44.31 -22.06 -18.81
N ASP A 326 -44.85 -22.84 -17.87
CA ASP A 326 -44.58 -22.57 -16.47
C ASP A 326 -43.28 -23.21 -16.00
N LYS A 327 -42.79 -24.23 -16.71
CA LYS A 327 -41.43 -24.67 -16.49
C LYS A 327 -40.42 -23.65 -17.00
N PHE A 328 -40.79 -22.91 -18.04
CA PHE A 328 -39.95 -21.83 -18.52
C PHE A 328 -39.94 -20.65 -17.55
N LYS A 329 -41.06 -20.44 -16.85
CA LYS A 329 -41.13 -19.36 -15.88
C LYS A 329 -40.34 -19.70 -14.61
N ALA A 330 -40.33 -20.98 -14.22
CA ALA A 330 -39.55 -21.40 -13.08
C ALA A 330 -38.05 -21.44 -13.38
N TRP A 331 -37.68 -21.57 -14.66
CA TRP A 331 -36.26 -21.59 -15.01
C TRP A 331 -35.66 -20.18 -14.97
N ARG A 332 -36.37 -19.19 -15.48
CA ARG A 332 -35.80 -17.85 -15.48
C ARG A 332 -35.99 -17.13 -14.16
N GLN A 333 -36.86 -17.64 -13.28
CA GLN A 333 -36.97 -17.10 -11.94
C GLN A 333 -35.92 -17.66 -11.00
N GLY A 334 -35.28 -18.76 -11.36
CA GLY A 334 -34.33 -19.39 -10.48
C GLY A 334 -35.01 -20.07 -9.32
N ARG A 335 -35.97 -20.94 -9.62
CA ARG A 335 -36.74 -21.64 -8.61
C ARG A 335 -36.93 -23.10 -8.99
N THR A 336 -35.86 -23.73 -9.45
CA THR A 336 -35.93 -25.11 -9.92
C THR A 336 -35.61 -26.14 -8.84
N GLY A 337 -34.98 -25.73 -7.75
CA GLY A 337 -34.54 -26.67 -6.75
C GLY A 337 -33.14 -27.22 -6.97
N TYR A 338 -32.43 -26.72 -7.97
CA TYR A 338 -31.06 -27.14 -8.25
C TYR A 338 -30.18 -25.92 -8.01
N PRO A 339 -29.36 -25.91 -6.95
CA PRO A 339 -28.77 -24.64 -6.50
C PRO A 339 -27.72 -24.02 -7.43
N LEU A 340 -26.99 -24.81 -8.23
CA LEU A 340 -26.11 -24.19 -9.23
C LEU A 340 -26.90 -23.51 -10.34
N VAL A 341 -28.03 -24.09 -10.74
CA VAL A 341 -28.85 -23.47 -11.77
C VAL A 341 -29.54 -22.24 -11.23
N ASP A 342 -30.01 -22.29 -9.98
CA ASP A 342 -30.72 -21.16 -9.39
C ASP A 342 -29.79 -20.01 -9.07
N ALA A 343 -28.56 -20.29 -8.65
CA ALA A 343 -27.61 -19.22 -8.39
C ALA A 343 -27.15 -18.56 -9.68
N GLY A 344 -27.01 -19.34 -10.75
CA GLY A 344 -26.62 -18.77 -12.03
C GLY A 344 -27.72 -17.93 -12.65
N MET A 345 -28.98 -18.32 -12.47
CA MET A 345 -30.07 -17.54 -13.02
C MET A 345 -30.33 -16.27 -12.22
N ARG A 346 -29.99 -16.25 -10.94
CA ARG A 346 -30.13 -15.03 -10.15
C ARG A 346 -28.99 -14.05 -10.39
N GLU A 347 -27.78 -14.55 -10.68
CA GLU A 347 -26.68 -13.67 -11.03
C GLU A 347 -26.88 -13.06 -12.41
N LEU A 348 -27.45 -13.83 -13.34
CA LEU A 348 -27.70 -13.36 -14.70
C LEU A 348 -28.72 -12.22 -14.72
N TRP A 349 -29.79 -12.35 -13.93
CA TRP A 349 -30.78 -11.28 -13.89
C TRP A 349 -30.26 -10.06 -13.14
N ALA A 350 -29.42 -10.24 -12.13
CA ALA A 350 -28.95 -9.11 -11.34
C ALA A 350 -27.86 -8.32 -12.05
N THR A 351 -26.92 -9.00 -12.71
CA THR A 351 -25.75 -8.32 -13.26
C THR A 351 -25.63 -8.36 -14.77
N GLY A 352 -26.30 -9.29 -15.45
CA GLY A 352 -26.20 -9.35 -16.90
C GLY A 352 -25.00 -10.08 -17.44
N TRP A 353 -24.31 -10.85 -16.62
CA TRP A 353 -23.12 -11.58 -17.02
C TRP A 353 -23.06 -12.89 -16.25
N MET A 354 -22.52 -13.91 -16.89
CA MET A 354 -22.25 -15.18 -16.24
C MET A 354 -20.88 -15.69 -16.64
N HIS A 355 -20.24 -16.40 -15.73
CA HIS A 355 -19.04 -17.15 -16.02
C HIS A 355 -19.36 -18.24 -17.05
N ASN A 356 -18.36 -18.57 -17.87
CA ASN A 356 -18.56 -19.44 -19.03
C ASN A 356 -19.00 -20.84 -18.64
N ARG A 357 -18.51 -21.34 -17.49
CA ARG A 357 -18.90 -22.66 -17.02
C ARG A 357 -20.31 -22.69 -16.43
N ILE A 358 -20.83 -21.55 -15.99
CA ILE A 358 -22.22 -21.49 -15.52
C ILE A 358 -23.18 -21.38 -16.69
N ARG A 359 -22.77 -20.73 -17.79
CA ARG A 359 -23.59 -20.71 -19.01
C ARG A 359 -23.75 -22.09 -19.61
N VAL A 360 -22.77 -22.97 -19.42
CA VAL A 360 -22.92 -24.35 -19.84
C VAL A 360 -23.92 -25.07 -18.94
N ILE A 361 -23.93 -24.73 -17.65
CA ILE A 361 -24.76 -25.42 -16.68
C ILE A 361 -26.23 -25.07 -16.86
N VAL A 362 -26.55 -23.78 -16.96
CA VAL A 362 -27.95 -23.38 -17.02
C VAL A 362 -28.58 -23.67 -18.38
N SER A 363 -27.78 -23.86 -19.42
CA SER A 363 -28.32 -24.15 -20.75
C SER A 363 -28.36 -25.63 -21.05
N SER A 364 -27.47 -26.43 -20.46
CA SER A 364 -27.63 -27.87 -20.51
C SER A 364 -28.83 -28.32 -19.69
N PHE A 365 -29.14 -27.59 -18.61
CA PHE A 365 -30.31 -27.91 -17.80
C PHE A 365 -31.60 -27.60 -18.56
N ALA A 366 -31.63 -26.52 -19.33
CA ALA A 366 -32.85 -26.16 -20.05
C ALA A 366 -33.14 -27.13 -21.20
N VAL A 367 -32.10 -27.71 -21.79
CA VAL A 367 -32.24 -28.51 -22.99
C VAL A 367 -32.36 -30.00 -22.65
N LYS A 368 -31.60 -30.48 -21.67
CA LYS A 368 -31.59 -31.90 -21.34
C LYS A 368 -32.52 -32.29 -20.21
N PHE A 369 -32.76 -31.42 -19.23
CA PHE A 369 -33.62 -31.78 -18.11
C PHE A 369 -35.07 -31.35 -18.35
N LEU A 370 -35.29 -30.06 -18.53
CA LEU A 370 -36.64 -29.56 -18.76
C LEU A 370 -37.11 -29.90 -20.17
N LEU A 371 -36.16 -30.05 -21.09
CA LEU A 371 -36.39 -30.41 -22.50
C LEU A 371 -37.32 -29.41 -23.19
N LEU A 372 -37.16 -28.14 -22.85
CA LEU A 372 -37.79 -27.04 -23.54
C LEU A 372 -37.06 -26.79 -24.85
N PRO A 373 -37.73 -26.17 -25.84
CA PRO A 373 -37.05 -25.85 -27.10
C PRO A 373 -35.90 -24.88 -26.91
N ALA A 374 -34.79 -25.15 -27.61
CA ALA A 374 -33.58 -24.36 -27.47
C ALA A 374 -33.74 -22.95 -27.99
N LYS A 375 -34.69 -22.73 -28.91
CA LYS A 375 -35.01 -21.38 -29.37
C LYS A 375 -35.53 -20.52 -28.23
N TRP A 376 -36.25 -21.11 -27.27
CA TRP A 376 -36.79 -20.36 -26.15
C TRP A 376 -35.68 -19.85 -25.22
N GLY A 377 -34.63 -20.64 -25.05
CA GLY A 377 -33.56 -20.24 -24.17
C GLY A 377 -32.58 -19.30 -24.83
N MET A 378 -32.42 -19.41 -26.16
CA MET A 378 -31.55 -18.51 -26.90
C MET A 378 -32.13 -17.11 -26.93
N LYS A 379 -33.46 -16.99 -27.01
CA LYS A 379 -34.09 -15.68 -27.01
C LYS A 379 -34.06 -15.04 -25.63
N TYR A 380 -33.98 -15.83 -24.58
CA TYR A 380 -33.82 -15.25 -23.25
C TYR A 380 -32.39 -14.81 -22.98
N PHE A 381 -31.40 -15.51 -23.53
CA PHE A 381 -30.01 -15.07 -23.41
C PHE A 381 -29.77 -13.80 -24.23
N TRP A 382 -30.46 -13.66 -25.35
CA TRP A 382 -30.33 -12.48 -26.21
C TRP A 382 -30.87 -11.23 -25.53
N ASP A 383 -31.76 -11.38 -24.57
CA ASP A 383 -32.45 -10.26 -23.94
C ASP A 383 -31.82 -9.87 -22.62
N THR A 384 -31.01 -10.74 -22.01
CA THR A 384 -30.52 -10.54 -20.66
C THR A 384 -29.01 -10.49 -20.53
N LEU A 385 -28.25 -10.77 -21.58
CA LEU A 385 -26.79 -10.70 -21.53
C LEU A 385 -26.32 -9.38 -22.13
N LEU A 386 -25.29 -8.80 -21.52
CA LEU A 386 -24.73 -7.55 -22.02
C LEU A 386 -23.81 -7.76 -23.22
N ASP A 387 -23.19 -8.93 -23.30
CA ASP A 387 -22.31 -9.29 -24.42
C ASP A 387 -22.99 -10.23 -25.40
N ALA A 388 -24.28 -10.03 -25.66
CA ALA A 388 -25.03 -10.92 -26.54
C ALA A 388 -24.55 -10.72 -27.96
N ASP A 389 -23.67 -11.61 -28.39
CA ASP A 389 -22.99 -11.56 -29.67
C ASP A 389 -23.61 -12.63 -30.56
N LEU A 390 -23.89 -12.29 -31.82
CA LEU A 390 -24.57 -13.21 -32.71
C LEU A 390 -23.72 -14.43 -33.03
N GLU A 391 -22.43 -14.22 -33.31
CA GLU A 391 -21.56 -15.33 -33.69
C GLU A 391 -21.07 -16.13 -32.49
N CYS A 392 -21.00 -15.54 -31.31
CA CYS A 392 -20.56 -16.25 -30.11
C CYS A 392 -21.70 -16.99 -29.42
N ASP A 393 -22.94 -16.53 -29.58
CA ASP A 393 -24.08 -17.27 -29.06
C ASP A 393 -24.36 -18.50 -29.90
N ILE A 394 -24.07 -18.43 -31.21
CA ILE A 394 -24.18 -19.60 -32.08
C ILE A 394 -23.18 -20.68 -31.70
N LEU A 395 -21.93 -20.32 -31.47
CA LEU A 395 -20.91 -21.30 -31.11
C LEU A 395 -21.15 -21.89 -29.73
N GLY A 396 -21.75 -21.11 -28.84
CA GLY A 396 -22.00 -21.60 -27.49
C GLY A 396 -23.15 -22.58 -27.43
N TRP A 397 -24.24 -22.29 -28.14
CA TRP A 397 -25.40 -23.18 -28.14
C TRP A 397 -25.19 -24.40 -29.03
N GLN A 398 -24.25 -24.35 -29.96
CA GLN A 398 -23.87 -25.54 -30.70
C GLN A 398 -22.90 -26.41 -29.92
N TYR A 399 -22.20 -25.85 -28.94
CA TYR A 399 -21.28 -26.62 -28.13
C TYR A 399 -21.98 -27.47 -27.09
N ILE A 400 -23.15 -27.03 -26.60
CA ILE A 400 -23.85 -27.82 -25.60
C ILE A 400 -24.81 -28.83 -26.20
N SER A 401 -25.23 -28.64 -27.45
CA SER A 401 -26.22 -29.50 -28.07
C SER A 401 -25.60 -30.58 -28.94
N GLY A 402 -24.28 -30.58 -29.12
CA GLY A 402 -23.61 -31.60 -29.88
C GLY A 402 -23.53 -31.35 -31.37
N SER A 403 -23.73 -30.12 -31.83
CA SER A 403 -23.63 -29.84 -33.27
C SER A 403 -22.18 -29.84 -33.72
N ILE A 404 -21.30 -29.22 -32.93
CA ILE A 404 -19.87 -29.13 -33.24
C ILE A 404 -19.26 -30.52 -33.16
N PRO A 405 -18.29 -30.87 -34.02
CA PRO A 405 -17.57 -32.15 -33.85
C PRO A 405 -16.86 -32.28 -32.51
N ASP A 406 -16.05 -31.31 -32.12
CA ASP A 406 -15.37 -31.36 -30.83
C ASP A 406 -16.17 -30.57 -29.78
N GLY A 407 -17.41 -30.98 -29.58
CA GLY A 407 -18.30 -30.38 -28.62
C GLY A 407 -18.70 -31.31 -27.50
N HIS A 408 -19.86 -31.06 -26.89
CA HIS A 408 -20.38 -31.96 -25.85
C HIS A 408 -21.15 -33.12 -26.46
N GLU A 409 -21.23 -34.21 -25.71
CA GLU A 409 -22.08 -35.31 -26.11
C GLU A 409 -23.53 -35.02 -25.72
N LEU A 410 -24.46 -35.57 -26.50
CA LEU A 410 -25.87 -35.34 -26.28
C LEU A 410 -26.52 -36.42 -25.42
N ASP A 411 -25.91 -37.61 -25.37
CA ASP A 411 -26.44 -38.74 -24.61
C ASP A 411 -26.17 -38.64 -23.11
N ARG A 412 -25.43 -37.63 -22.67
CA ARG A 412 -24.94 -37.54 -21.30
C ARG A 412 -25.71 -36.47 -20.53
N LEU A 413 -25.94 -36.73 -19.24
CA LEU A 413 -26.45 -35.72 -18.32
C LEU A 413 -25.47 -35.59 -17.18
N ASP A 414 -25.25 -34.36 -16.73
CA ASP A 414 -24.22 -34.08 -15.74
C ASP A 414 -24.74 -34.31 -14.32
N ASN A 415 -23.88 -34.86 -13.48
CA ASN A 415 -24.17 -35.04 -12.06
C ASN A 415 -24.03 -33.71 -11.35
N PRO A 416 -25.02 -33.29 -10.55
CA PRO A 416 -24.94 -31.97 -9.89
C PRO A 416 -23.85 -31.87 -8.83
N ALA A 417 -23.51 -32.97 -8.17
CA ALA A 417 -22.45 -32.91 -7.17
C ALA A 417 -21.07 -32.81 -7.80
N LEU A 418 -20.87 -33.42 -8.97
CA LEU A 418 -19.56 -33.40 -9.61
C LEU A 418 -19.30 -32.08 -10.31
N GLN A 419 -20.28 -31.54 -11.03
CA GLN A 419 -20.14 -30.22 -11.61
C GLN A 419 -20.15 -29.14 -10.53
N GLY A 420 -20.70 -29.42 -9.36
CA GLY A 420 -20.59 -28.48 -8.26
C GLY A 420 -19.19 -28.40 -7.71
N ALA A 421 -18.51 -29.55 -7.58
CA ALA A 421 -17.17 -29.57 -7.01
C ALA A 421 -16.12 -29.01 -7.95
N LYS A 422 -16.39 -29.00 -9.26
CA LYS A 422 -15.42 -28.49 -10.21
C LYS A 422 -15.37 -26.96 -10.23
N TYR A 423 -16.53 -26.32 -10.24
CA TYR A 423 -16.62 -24.89 -10.45
C TYR A 423 -16.92 -24.12 -9.17
N ASP A 424 -17.35 -24.82 -8.13
CA ASP A 424 -17.68 -24.19 -6.85
C ASP A 424 -17.28 -25.14 -5.73
N PRO A 425 -15.98 -25.30 -5.47
CA PRO A 425 -15.54 -26.38 -4.58
C PRO A 425 -15.85 -26.15 -3.11
N GLU A 426 -15.89 -24.91 -2.64
CA GLU A 426 -16.23 -24.63 -1.25
C GLU A 426 -17.66 -24.13 -1.07
N GLY A 427 -18.46 -24.08 -2.13
CA GLY A 427 -19.84 -23.68 -2.04
C GLY A 427 -20.09 -22.20 -1.84
N GLU A 428 -19.09 -21.36 -2.07
CA GLU A 428 -19.22 -19.93 -1.82
C GLU A 428 -19.92 -19.19 -2.94
N TYR A 429 -20.09 -19.81 -4.11
CA TYR A 429 -20.90 -19.20 -5.14
C TYR A 429 -22.39 -19.38 -4.87
N ILE A 430 -22.78 -20.50 -4.28
CA ILE A 430 -24.18 -20.73 -3.95
C ILE A 430 -24.59 -19.89 -2.77
N ARG A 431 -23.73 -19.78 -1.76
CA ARG A 431 -24.03 -19.02 -0.55
C ARG A 431 -24.11 -17.52 -0.80
N GLN A 432 -23.46 -17.02 -1.84
CA GLN A 432 -23.58 -15.62 -2.19
C GLN A 432 -24.94 -15.32 -2.81
N TRP A 433 -25.40 -16.18 -3.71
CA TRP A 433 -26.61 -15.89 -4.46
C TRP A 433 -27.86 -16.53 -3.88
N LEU A 434 -27.72 -17.56 -3.05
CA LEU A 434 -28.85 -18.15 -2.33
C LEU A 434 -28.51 -18.12 -0.85
N PRO A 435 -28.73 -16.98 -0.18
CA PRO A 435 -28.38 -16.89 1.25
C PRO A 435 -29.26 -17.71 2.19
N GLU A 436 -30.34 -18.33 1.68
CA GLU A 436 -31.12 -19.26 2.49
C GLU A 436 -30.37 -20.56 2.77
N LEU A 437 -29.38 -20.91 1.95
CA LEU A 437 -28.61 -22.13 2.13
C LEU A 437 -27.22 -21.87 2.73
N ALA A 438 -27.08 -20.82 3.52
CA ALA A 438 -25.76 -20.43 4.01
C ALA A 438 -25.24 -21.30 5.13
N ARG A 439 -26.12 -21.98 5.87
CA ARG A 439 -25.69 -22.89 6.93
C ARG A 439 -25.83 -24.35 6.52
N LEU A 440 -25.87 -24.63 5.26
CA LEU A 440 -25.86 -25.99 4.75
C LEU A 440 -24.43 -26.38 4.39
N PRO A 441 -23.93 -27.50 4.91
CA PRO A 441 -22.54 -27.89 4.64
C PRO A 441 -22.30 -28.22 3.17
N THR A 442 -21.02 -28.17 2.80
CA THR A 442 -20.61 -28.18 1.40
C THR A 442 -20.85 -29.53 0.73
N GLU A 443 -20.88 -30.62 1.49
CA GLU A 443 -21.11 -31.91 0.89
C GLU A 443 -22.55 -32.13 0.43
N TRP A 444 -23.48 -31.25 0.79
CA TRP A 444 -24.85 -31.37 0.32
C TRP A 444 -25.40 -30.10 -0.32
N ILE A 445 -24.61 -29.04 -0.46
CA ILE A 445 -25.16 -27.75 -0.88
C ILE A 445 -25.51 -27.74 -2.36
N HIS A 446 -24.96 -28.65 -3.16
CA HIS A 446 -25.29 -28.71 -4.57
C HIS A 446 -26.35 -29.77 -4.88
N HIS A 447 -26.78 -30.55 -3.89
CA HIS A 447 -27.85 -31.53 -4.07
C HIS A 447 -28.60 -31.74 -2.76
N PRO A 448 -29.42 -30.76 -2.34
CA PRO A 448 -30.06 -30.83 -1.01
C PRO A 448 -31.14 -31.88 -0.88
N TRP A 449 -31.65 -32.45 -1.96
CA TRP A 449 -32.66 -33.49 -1.86
C TRP A 449 -32.08 -34.83 -1.42
N ASP A 450 -30.76 -35.00 -1.52
CA ASP A 450 -30.10 -36.20 -1.07
C ASP A 450 -29.68 -36.16 0.39
N ALA A 451 -29.80 -35.00 1.03
CA ALA A 451 -29.35 -34.86 2.41
C ALA A 451 -30.32 -35.58 3.35
N PRO A 452 -29.81 -36.19 4.41
CA PRO A 452 -30.69 -36.78 5.43
C PRO A 452 -31.46 -35.70 6.17
N LEU A 453 -32.53 -36.14 6.82
CA LEU A 453 -33.57 -35.23 7.31
C LEU A 453 -33.08 -34.39 8.48
N THR A 454 -32.23 -34.94 9.34
CA THR A 454 -31.72 -34.17 10.46
C THR A 454 -30.63 -33.19 10.06
N VAL A 455 -29.96 -33.43 8.93
CA VAL A 455 -28.99 -32.45 8.42
C VAL A 455 -29.70 -31.22 7.89
N LEU A 456 -30.84 -31.41 7.22
CA LEU A 456 -31.56 -30.30 6.62
C LEU A 456 -32.20 -29.41 7.67
N LYS A 457 -32.68 -29.98 8.77
CA LYS A 457 -33.26 -29.16 9.82
C LYS A 457 -32.25 -28.72 10.86
N ALA A 458 -31.01 -29.22 10.82
CA ALA A 458 -29.95 -28.56 11.57
C ALA A 458 -29.60 -27.21 10.96
N SER A 459 -29.79 -27.06 9.66
CA SER A 459 -29.88 -25.73 9.08
C SER A 459 -31.35 -25.32 9.00
N GLY A 460 -31.62 -24.15 8.48
CA GLY A 460 -33.00 -23.72 8.49
C GLY A 460 -33.75 -24.06 7.23
N VAL A 461 -33.63 -25.29 6.76
CA VAL A 461 -34.10 -25.66 5.43
C VAL A 461 -35.18 -26.72 5.54
N GLU A 462 -36.37 -26.39 5.10
CA GLU A 462 -37.42 -27.36 4.85
C GLU A 462 -37.77 -27.27 3.37
N LEU A 463 -37.53 -28.36 2.64
CA LEU A 463 -37.72 -28.35 1.20
C LEU A 463 -39.20 -28.30 0.85
N GLY A 464 -39.57 -27.31 0.05
CA GLY A 464 -40.94 -27.05 -0.30
C GLY A 464 -41.51 -25.80 0.33
N THR A 465 -40.90 -25.26 1.38
CA THR A 465 -41.40 -24.06 2.03
C THR A 465 -40.44 -22.88 1.89
N ASN A 466 -39.19 -22.97 2.36
CA ASN A 466 -38.24 -21.89 2.15
C ASN A 466 -37.15 -22.21 1.15
N TYR A 467 -37.05 -23.45 0.70
CA TYR A 467 -36.33 -23.77 -0.52
C TYR A 467 -37.15 -24.79 -1.30
N ALA A 468 -37.05 -24.73 -2.62
CA ALA A 468 -37.92 -25.51 -3.49
C ALA A 468 -37.45 -26.95 -3.61
N LYS A 469 -38.42 -27.84 -3.85
CA LYS A 469 -38.11 -29.20 -4.26
C LYS A 469 -37.62 -29.19 -5.70
N PRO A 470 -36.84 -30.21 -6.12
CA PRO A 470 -36.44 -30.29 -7.53
C PRO A 470 -37.64 -30.49 -8.45
N ILE A 471 -37.73 -29.65 -9.48
CA ILE A 471 -38.95 -29.58 -10.28
C ILE A 471 -39.10 -30.81 -11.16
N VAL A 472 -37.99 -31.42 -11.58
CA VAL A 472 -37.98 -32.76 -12.16
C VAL A 472 -36.87 -33.54 -11.47
N ASP A 473 -37.14 -34.81 -11.19
CA ASP A 473 -36.12 -35.66 -10.61
C ASP A 473 -35.13 -36.07 -11.69
N ILE A 474 -33.90 -36.38 -11.26
CA ILE A 474 -32.82 -36.60 -12.22
C ILE A 474 -32.98 -37.94 -12.93
N ASP A 475 -33.54 -38.96 -12.26
CA ASP A 475 -33.78 -40.22 -12.94
C ASP A 475 -35.02 -40.19 -13.81
N THR A 476 -35.89 -39.20 -13.61
CA THR A 476 -37.05 -39.06 -14.49
C THR A 476 -36.63 -38.54 -15.86
N ALA A 477 -35.85 -37.46 -15.89
CA ALA A 477 -35.42 -36.85 -17.14
C ALA A 477 -34.31 -37.62 -17.84
N ARG A 478 -33.54 -38.44 -17.11
CA ARG A 478 -32.53 -39.26 -17.75
C ARG A 478 -33.17 -40.35 -18.60
N GLU A 479 -34.27 -40.92 -18.13
CA GLU A 479 -35.00 -41.90 -18.92
C GLU A 479 -36.02 -41.26 -19.85
N LEU A 480 -36.36 -39.99 -19.63
CA LEU A 480 -37.22 -39.30 -20.58
C LEU A 480 -36.43 -38.84 -21.79
N LEU A 481 -35.11 -38.65 -21.63
CA LEU A 481 -34.27 -38.22 -22.74
C LEU A 481 -33.92 -39.38 -23.65
N ALA A 482 -33.63 -40.55 -23.08
CA ALA A 482 -33.25 -41.71 -23.89
C ALA A 482 -34.39 -42.21 -24.75
N LYS A 483 -35.63 -42.05 -24.28
CA LYS A 483 -36.78 -42.29 -25.14
C LYS A 483 -36.99 -41.16 -26.13
N ALA A 484 -36.59 -39.93 -25.78
CA ALA A 484 -36.74 -38.81 -26.70
C ALA A 484 -35.60 -38.73 -27.70
N ILE A 485 -34.41 -39.20 -27.32
CA ILE A 485 -33.31 -39.31 -28.28
C ILE A 485 -33.62 -40.38 -29.32
N SER A 486 -34.11 -41.54 -28.87
CA SER A 486 -34.31 -42.67 -29.77
C SER A 486 -35.52 -42.52 -30.68
N ARG A 487 -36.35 -41.49 -30.52
CA ARG A 487 -37.41 -41.28 -31.50
C ARG A 487 -36.96 -40.38 -32.65
N THR A 488 -36.14 -39.35 -32.37
CA THR A 488 -35.64 -38.51 -33.44
C THR A 488 -34.58 -39.20 -34.30
N ARG A 489 -34.05 -40.35 -33.84
CA ARG A 489 -33.21 -41.17 -34.70
C ARG A 489 -34.01 -41.87 -35.79
N GLU A 490 -35.25 -42.29 -35.48
CA GLU A 490 -36.08 -42.95 -36.48
C GLU A 490 -37.02 -42.00 -37.20
N ALA A 491 -37.31 -40.83 -36.64
CA ALA A 491 -38.04 -39.82 -37.39
C ALA A 491 -37.18 -39.12 -38.42
N GLN A 492 -35.85 -39.23 -38.31
CA GLN A 492 -34.96 -38.63 -39.29
C GLN A 492 -34.68 -39.58 -40.44
N ILE A 493 -34.67 -40.89 -40.18
CA ILE A 493 -34.45 -41.88 -41.23
C ILE A 493 -35.69 -42.04 -42.11
N MET A 494 -36.85 -41.59 -41.67
CA MET A 494 -38.03 -41.54 -42.52
C MET A 494 -38.11 -40.19 -43.23
N LYS B 5 18.85 -19.29 -45.20
CA LYS B 5 19.47 -20.57 -44.92
C LYS B 5 20.16 -20.44 -43.55
N LYS B 6 21.30 -19.75 -43.52
CA LYS B 6 21.98 -19.44 -42.28
C LYS B 6 22.29 -17.96 -42.25
N THR B 7 21.93 -17.29 -41.15
CA THR B 7 22.03 -15.85 -41.07
C THR B 7 22.73 -15.44 -39.78
N ILE B 8 23.74 -14.58 -39.92
CA ILE B 8 24.38 -13.95 -38.78
C ILE B 8 23.63 -12.67 -38.44
N VAL B 9 23.18 -12.56 -37.20
CA VAL B 9 22.71 -11.29 -36.66
C VAL B 9 23.87 -10.68 -35.90
N TRP B 10 24.40 -9.58 -36.40
CA TRP B 10 25.57 -8.92 -35.83
C TRP B 10 25.08 -7.83 -34.88
N PHE B 11 25.18 -8.09 -33.58
CA PHE B 11 24.81 -7.12 -32.56
C PHE B 11 25.95 -6.14 -32.35
N ARG B 12 25.66 -4.85 -32.47
CA ARG B 12 26.66 -3.83 -32.11
C ARG B 12 26.19 -2.94 -30.97
N ARG B 13 25.10 -2.21 -31.14
CA ARG B 13 24.61 -1.32 -30.10
C ARG B 13 23.08 -1.37 -30.06
N ASP B 14 22.55 -2.59 -30.12
CA ASP B 14 21.11 -2.86 -30.17
C ASP B 14 20.79 -4.03 -29.25
N LEU B 15 21.27 -3.97 -28.01
CA LEU B 15 21.30 -5.13 -27.13
C LEU B 15 19.93 -5.36 -26.50
N ARG B 16 19.01 -5.86 -27.33
CA ARG B 16 17.65 -6.17 -26.93
C ARG B 16 17.09 -7.18 -27.93
N ILE B 17 15.91 -7.71 -27.63
CA ILE B 17 15.27 -8.64 -28.56
C ILE B 17 13.90 -8.15 -29.01
N GLU B 18 13.25 -7.31 -28.19
CA GLU B 18 12.01 -6.67 -28.60
C GLU B 18 12.30 -5.52 -29.54
N ASP B 19 11.49 -5.40 -30.60
CA ASP B 19 11.63 -4.35 -31.64
C ASP B 19 13.03 -4.34 -32.26
N ASN B 20 13.55 -5.52 -32.55
CA ASN B 20 14.86 -5.64 -33.19
C ASN B 20 14.65 -6.12 -34.61
N PRO B 21 14.66 -5.25 -35.61
CA PRO B 21 14.28 -5.66 -36.97
C PRO B 21 15.28 -6.57 -37.65
N ALA B 22 16.55 -6.57 -37.25
CA ALA B 22 17.50 -7.50 -37.85
C ALA B 22 17.37 -8.90 -37.27
N LEU B 23 17.04 -9.00 -35.99
CA LEU B 23 16.79 -10.31 -35.40
C LEU B 23 15.43 -10.87 -35.81
N ALA B 24 14.44 -10.01 -35.98
CA ALA B 24 13.10 -10.47 -36.35
C ALA B 24 13.06 -10.93 -37.80
N ALA B 25 13.80 -10.26 -38.68
CA ALA B 25 13.81 -10.66 -40.09
C ALA B 25 14.59 -11.95 -40.31
N ALA B 26 15.63 -12.18 -39.50
CA ALA B 26 16.42 -13.40 -39.68
C ALA B 26 15.68 -14.62 -39.15
N ALA B 27 14.77 -14.43 -38.19
CA ALA B 27 14.04 -15.53 -37.58
C ALA B 27 12.84 -15.99 -38.41
N HIS B 28 12.70 -15.54 -39.65
CA HIS B 28 11.62 -16.01 -40.51
C HIS B 28 12.02 -17.18 -41.39
N GLU B 29 13.22 -17.18 -41.96
CA GLU B 29 13.56 -18.20 -42.94
C GLU B 29 14.16 -19.46 -42.31
N GLY B 30 15.34 -19.34 -41.73
CA GLY B 30 16.11 -20.52 -41.35
C GLY B 30 16.92 -20.41 -40.08
N SER B 31 18.21 -20.74 -40.16
CA SER B 31 19.05 -20.88 -38.98
C SER B 31 19.72 -19.55 -38.62
N VAL B 32 19.66 -19.20 -37.33
CA VAL B 32 20.14 -17.92 -36.82
C VAL B 32 21.19 -18.18 -35.76
N PHE B 33 22.28 -17.43 -35.79
CA PHE B 33 23.14 -17.38 -34.61
C PHE B 33 23.69 -15.97 -34.39
N PRO B 34 23.66 -15.50 -33.15
CA PRO B 34 24.03 -14.10 -32.86
C PRO B 34 25.52 -13.93 -32.57
N VAL B 35 26.04 -12.77 -32.98
CA VAL B 35 27.47 -12.48 -32.94
C VAL B 35 27.68 -11.07 -32.42
N PHE B 36 28.55 -10.92 -31.41
CA PHE B 36 29.12 -9.64 -31.03
C PHE B 36 30.62 -9.69 -31.31
N ILE B 37 31.14 -8.61 -31.89
CA ILE B 37 32.56 -8.52 -32.18
C ILE B 37 33.11 -7.28 -31.49
N TRP B 38 34.04 -7.49 -30.56
CA TRP B 38 34.69 -6.39 -29.84
C TRP B 38 35.91 -5.98 -30.63
N CYS B 39 35.86 -4.80 -31.22
CA CYS B 39 36.94 -4.29 -32.05
C CYS B 39 37.11 -2.81 -31.76
N PRO B 40 37.74 -2.47 -30.64
CA PRO B 40 37.78 -1.07 -30.23
C PRO B 40 38.87 -0.25 -30.89
N GLU B 41 39.75 -0.86 -31.68
CA GLU B 41 40.83 -0.09 -32.29
C GLU B 41 40.42 0.61 -33.57
N GLU B 42 39.27 0.28 -34.17
CA GLU B 42 38.80 1.06 -35.31
C GLU B 42 38.19 2.39 -34.91
N GLU B 43 37.77 2.54 -33.66
CA GLU B 43 37.22 3.81 -33.21
C GLU B 43 38.27 4.90 -33.04
N GLY B 44 39.54 4.52 -32.95
CA GLY B 44 40.61 5.50 -32.83
C GLY B 44 40.62 6.20 -31.50
N GLN B 45 40.39 7.52 -31.52
CA GLN B 45 40.30 8.30 -30.29
C GLN B 45 38.95 8.14 -29.59
N PHE B 46 37.96 7.55 -30.25
CA PHE B 46 36.67 7.27 -29.64
C PHE B 46 36.56 5.84 -29.14
N TYR B 47 37.69 5.27 -28.73
CA TYR B 47 37.74 4.05 -27.93
C TYR B 47 36.81 4.20 -26.73
N PRO B 48 35.98 3.21 -26.43
CA PRO B 48 35.02 3.35 -25.32
C PRO B 48 35.70 3.48 -23.97
N GLY B 49 35.16 4.37 -23.15
CA GLY B 49 35.77 4.71 -21.89
C GLY B 49 35.58 3.64 -20.84
N ARG B 50 36.07 3.95 -19.65
CA ARG B 50 36.17 2.94 -18.59
C ARG B 50 34.80 2.54 -18.05
N ALA B 51 33.90 3.51 -17.84
CA ALA B 51 32.59 3.18 -17.32
C ALA B 51 31.67 2.60 -18.38
N SER B 52 31.90 2.91 -19.66
CA SER B 52 31.10 2.33 -20.73
C SER B 52 31.44 0.87 -20.94
N ARG B 53 32.71 0.51 -20.81
CA ARG B 53 33.13 -0.88 -20.95
C ARG B 53 32.64 -1.75 -19.81
N TRP B 54 32.34 -1.17 -18.65
CA TRP B 54 31.73 -1.94 -17.58
C TRP B 54 30.27 -2.26 -17.92
N TRP B 55 29.55 -1.31 -18.54
CA TRP B 55 28.14 -1.52 -18.85
C TRP B 55 27.95 -2.52 -19.98
N MET B 56 28.82 -2.50 -21.00
CA MET B 56 28.76 -3.47 -22.08
C MET B 56 28.96 -4.88 -21.58
N LYS B 57 29.88 -5.05 -20.63
CA LYS B 57 30.19 -6.35 -20.06
C LYS B 57 29.00 -6.92 -19.30
N GLN B 58 28.27 -6.07 -18.59
CA GLN B 58 27.14 -6.54 -17.80
C GLN B 58 25.94 -6.86 -18.66
N SER B 59 25.73 -6.14 -19.74
CA SER B 59 24.53 -6.32 -20.54
C SER B 59 24.71 -7.28 -21.71
N LEU B 60 25.94 -7.59 -22.09
CA LEU B 60 26.15 -8.70 -23.01
C LEU B 60 25.85 -10.03 -22.34
N ALA B 61 26.20 -10.16 -21.07
CA ALA B 61 25.87 -11.36 -20.31
C ALA B 61 24.37 -11.46 -20.05
N HIS B 62 23.70 -10.31 -19.95
CA HIS B 62 22.24 -10.30 -19.82
C HIS B 62 21.57 -10.69 -21.13
N LEU B 63 22.13 -10.27 -22.26
CA LEU B 63 21.58 -10.61 -23.55
C LEU B 63 21.87 -12.05 -23.93
N SER B 64 22.99 -12.60 -23.47
CA SER B 64 23.37 -13.96 -23.86
C SER B 64 22.45 -15.01 -23.24
N GLN B 65 22.02 -14.79 -21.99
CA GLN B 65 21.13 -15.74 -21.35
C GLN B 65 19.69 -15.62 -21.85
N SER B 66 19.30 -14.45 -22.33
CA SER B 66 17.96 -14.29 -22.88
C SER B 66 17.85 -14.86 -24.29
N LEU B 67 18.95 -14.87 -25.04
CA LEU B 67 18.95 -15.57 -26.31
C LEU B 67 19.02 -17.08 -26.13
N LYS B 68 19.55 -17.54 -25.00
CA LYS B 68 19.55 -18.97 -24.70
C LYS B 68 18.15 -19.46 -24.35
N ALA B 69 17.37 -18.62 -23.67
CA ALA B 69 15.99 -18.97 -23.36
C ALA B 69 15.09 -18.97 -24.59
N LEU B 70 15.49 -18.29 -25.66
CA LEU B 70 14.88 -18.46 -26.96
C LEU B 70 15.53 -19.56 -27.78
N GLY B 71 16.58 -20.20 -27.25
CA GLY B 71 17.24 -21.29 -27.95
C GLY B 71 18.34 -20.92 -28.92
N SER B 72 19.41 -20.27 -28.48
CA SER B 72 20.61 -20.03 -29.30
C SER B 72 21.82 -19.88 -28.36
N ASP B 73 22.90 -19.26 -28.87
CA ASP B 73 24.09 -18.91 -28.08
C ASP B 73 24.84 -17.77 -28.76
N LEU B 74 25.33 -16.81 -27.97
CA LEU B 74 25.97 -15.60 -28.49
C LEU B 74 27.47 -15.81 -28.68
N THR B 75 27.95 -15.62 -29.91
CA THR B 75 29.34 -15.86 -30.27
C THR B 75 30.15 -14.56 -30.21
N LEU B 76 31.30 -14.60 -29.53
CA LEU B 76 32.13 -13.42 -29.35
C LEU B 76 33.47 -13.58 -30.05
N ILE B 77 33.96 -12.50 -30.64
CA ILE B 77 35.18 -12.47 -31.42
C ILE B 77 35.88 -11.15 -31.13
N LYS B 78 37.21 -11.22 -30.94
CA LYS B 78 38.02 -10.03 -30.70
C LYS B 78 39.02 -9.88 -31.83
N THR B 79 39.01 -8.73 -32.50
CA THR B 79 39.92 -8.48 -33.61
C THR B 79 40.27 -7.00 -33.58
N HIS B 80 41.31 -6.61 -34.31
CA HIS B 80 41.64 -5.22 -34.57
C HIS B 80 41.05 -4.74 -35.88
N ASN B 81 40.25 -5.58 -36.54
CA ASN B 81 39.61 -5.22 -37.80
C ASN B 81 38.35 -6.09 -37.91
N THR B 82 37.18 -5.49 -37.71
CA THR B 82 35.97 -6.27 -37.62
C THR B 82 35.49 -6.77 -38.98
N ILE B 83 35.97 -6.19 -40.08
CA ILE B 83 35.51 -6.63 -41.39
C ILE B 83 36.18 -7.93 -41.79
N SER B 84 37.36 -8.22 -41.23
CA SER B 84 38.02 -9.49 -41.41
C SER B 84 37.55 -10.52 -40.42
N ALA B 85 36.77 -10.11 -39.43
CA ALA B 85 36.33 -10.99 -38.36
C ALA B 85 34.97 -11.63 -38.63
N ILE B 86 34.00 -10.88 -39.17
CA ILE B 86 32.74 -11.52 -39.55
C ILE B 86 32.94 -12.39 -40.78
N LEU B 87 33.89 -12.04 -41.64
CA LEU B 87 34.15 -12.87 -42.82
C LEU B 87 34.78 -14.19 -42.42
N ASP B 88 35.60 -14.19 -41.37
CA ASP B 88 36.12 -15.43 -40.82
C ASP B 88 35.06 -16.19 -40.04
N CYS B 89 34.01 -15.51 -39.55
CA CYS B 89 32.91 -16.20 -38.90
C CYS B 89 31.96 -16.82 -39.89
N ILE B 90 31.90 -16.28 -41.11
CA ILE B 90 31.07 -16.85 -42.16
C ILE B 90 31.68 -18.15 -42.68
N ARG B 91 33.00 -18.15 -42.90
CA ARG B 91 33.70 -19.33 -43.38
C ARG B 91 33.67 -20.49 -42.39
N VAL B 92 33.54 -20.21 -41.10
CA VAL B 92 33.45 -21.28 -40.12
C VAL B 92 32.06 -21.91 -40.13
N THR B 93 31.02 -21.09 -40.00
CA THR B 93 29.66 -21.58 -39.84
C THR B 93 28.96 -21.86 -41.16
N GLY B 94 29.52 -21.44 -42.28
CA GLY B 94 28.91 -21.65 -43.57
C GLY B 94 27.64 -20.84 -43.76
N ALA B 95 27.68 -19.57 -43.37
CA ALA B 95 26.53 -18.69 -43.42
C ALA B 95 26.45 -18.00 -44.76
N THR B 96 25.23 -17.59 -45.12
CA THR B 96 24.99 -16.96 -46.41
C THR B 96 24.61 -15.49 -46.31
N LYS B 97 24.01 -15.07 -45.19
CA LYS B 97 23.56 -13.70 -45.00
C LYS B 97 24.16 -13.11 -43.74
N VAL B 98 24.28 -11.78 -43.72
CA VAL B 98 24.61 -11.01 -42.53
C VAL B 98 23.60 -9.88 -42.42
N VAL B 99 22.87 -9.83 -41.31
CA VAL B 99 21.93 -8.74 -41.05
C VAL B 99 22.40 -7.98 -39.81
N PHE B 100 22.26 -6.65 -39.84
CA PHE B 100 22.60 -5.80 -38.71
C PHE B 100 21.75 -4.55 -38.79
N ASN B 101 21.93 -3.66 -37.81
CA ASN B 101 21.18 -2.42 -37.71
C ASN B 101 22.12 -1.23 -37.93
N HIS B 102 21.55 -0.13 -38.43
CA HIS B 102 22.32 1.05 -38.79
C HIS B 102 22.91 1.75 -37.56
N LEU B 103 23.98 2.49 -37.80
CA LEU B 103 24.51 3.46 -36.86
C LEU B 103 24.86 4.71 -37.65
N TYR B 104 24.98 5.84 -36.95
CA TYR B 104 25.00 7.14 -37.62
C TYR B 104 26.17 8.02 -37.22
N ASP B 105 27.00 7.62 -36.27
CA ASP B 105 28.21 8.35 -35.95
C ASP B 105 29.19 8.26 -37.13
N PRO B 106 30.06 9.27 -37.33
CA PRO B 106 30.82 9.33 -38.59
C PRO B 106 31.91 8.29 -38.72
N VAL B 107 32.31 7.62 -37.63
CA VAL B 107 33.27 6.54 -37.76
C VAL B 107 32.60 5.29 -38.29
N SER B 108 31.41 4.97 -37.78
CA SER B 108 30.72 3.75 -38.19
C SER B 108 30.06 3.87 -39.56
N LEU B 109 29.89 5.09 -40.07
CA LEU B 109 29.29 5.23 -41.39
C LEU B 109 30.26 4.83 -42.48
N VAL B 110 31.52 5.24 -42.36
CA VAL B 110 32.52 4.84 -43.35
C VAL B 110 33.02 3.42 -43.11
N ARG B 111 32.82 2.89 -41.90
CA ARG B 111 33.17 1.49 -41.64
C ARG B 111 32.12 0.55 -42.20
N ASP B 112 30.84 0.92 -42.09
CA ASP B 112 29.78 0.09 -42.66
C ASP B 112 29.73 0.19 -44.17
N HIS B 113 30.19 1.30 -44.73
CA HIS B 113 30.25 1.43 -46.18
C HIS B 113 31.29 0.48 -46.78
N THR B 114 32.38 0.23 -46.06
CA THR B 114 33.43 -0.66 -46.54
C THR B 114 33.13 -2.13 -46.35
N VAL B 115 32.38 -2.51 -45.31
CA VAL B 115 32.10 -3.92 -45.07
C VAL B 115 31.08 -4.45 -46.07
N LYS B 116 30.30 -3.57 -46.70
CA LYS B 116 29.40 -4.02 -47.75
C LYS B 116 30.18 -4.40 -48.99
N GLU B 117 31.14 -3.58 -49.40
CA GLU B 117 31.97 -3.96 -50.54
C GLU B 117 32.96 -5.06 -50.19
N LYS B 118 33.24 -5.30 -48.91
CA LYS B 118 34.14 -6.38 -48.55
C LYS B 118 33.49 -7.75 -48.70
N LEU B 119 32.16 -7.80 -48.66
CA LEU B 119 31.46 -9.07 -48.57
C LEU B 119 30.68 -9.46 -49.83
N VAL B 120 30.56 -8.58 -50.83
CA VAL B 120 30.15 -9.08 -52.15
C VAL B 120 31.33 -9.62 -52.94
N GLU B 121 32.56 -9.45 -52.45
CA GLU B 121 33.68 -10.20 -52.99
C GLU B 121 33.53 -11.70 -52.71
N ARG B 122 32.90 -12.06 -51.60
CA ARG B 122 32.61 -13.45 -51.28
C ARG B 122 31.18 -13.85 -51.58
N GLY B 123 30.38 -12.96 -52.17
CA GLY B 123 29.03 -13.31 -52.55
C GLY B 123 28.06 -13.50 -51.40
N ILE B 124 28.17 -12.66 -50.37
CA ILE B 124 27.31 -12.74 -49.19
C ILE B 124 26.32 -11.58 -49.23
N SER B 125 25.03 -11.89 -49.11
CA SER B 125 24.01 -10.85 -49.10
C SER B 125 23.97 -10.15 -47.75
N VAL B 126 24.08 -8.83 -47.78
CA VAL B 126 24.16 -8.01 -46.57
C VAL B 126 22.93 -7.10 -46.52
N GLN B 127 22.18 -7.18 -45.43
CA GLN B 127 21.01 -6.34 -45.22
C GLN B 127 21.16 -5.54 -43.93
N SER B 128 20.86 -4.25 -44.00
CA SER B 128 20.90 -3.39 -42.83
C SER B 128 19.54 -2.77 -42.58
N TYR B 129 19.25 -2.50 -41.31
CA TYR B 129 17.92 -2.11 -40.86
C TYR B 129 18.01 -0.87 -39.98
N ASN B 130 16.85 -0.27 -39.73
CA ASN B 130 16.73 0.89 -38.85
C ASN B 130 16.19 0.43 -37.51
N GLY B 131 16.99 0.58 -36.47
CA GLY B 131 16.56 0.18 -35.14
C GLY B 131 16.66 1.28 -34.09
N ASP B 132 17.19 2.44 -34.48
CA ASP B 132 17.53 3.49 -33.52
C ASP B 132 16.71 4.76 -33.61
N LEU B 133 16.09 5.05 -34.74
CA LEU B 133 15.48 6.35 -34.99
C LEU B 133 13.99 6.21 -35.26
N LEU B 134 13.29 7.34 -35.15
CA LEU B 134 11.89 7.38 -35.55
C LEU B 134 11.77 7.44 -37.07
N TYR B 135 12.45 8.39 -37.70
CA TYR B 135 12.60 8.45 -39.13
C TYR B 135 14.08 8.50 -39.48
N GLU B 136 14.38 8.14 -40.71
CA GLU B 136 15.75 8.24 -41.18
C GLU B 136 16.06 9.69 -41.55
N PRO B 137 17.31 10.12 -41.39
CA PRO B 137 17.63 11.55 -41.61
C PRO B 137 17.54 12.00 -43.06
N TRP B 138 17.41 11.09 -44.03
CA TRP B 138 17.17 11.46 -45.42
C TRP B 138 15.68 11.51 -45.75
N GLU B 139 14.82 11.64 -44.75
CA GLU B 139 13.39 11.75 -44.96
C GLU B 139 12.81 13.06 -44.46
N ILE B 140 13.54 13.80 -43.63
CA ILE B 140 13.05 15.05 -43.05
C ILE B 140 13.77 16.17 -43.79
N TYR B 141 13.03 16.88 -44.64
CA TYR B 141 13.58 17.96 -45.42
C TYR B 141 12.73 19.21 -45.23
N CYS B 142 13.20 20.29 -45.85
CA CYS B 142 12.48 21.55 -45.89
C CYS B 142 11.59 21.56 -47.14
N GLU B 143 11.04 22.74 -47.47
CA GLU B 143 10.13 22.85 -48.62
C GLU B 143 10.88 22.67 -49.94
N LYS B 144 12.13 23.11 -50.01
CA LYS B 144 12.97 22.94 -51.19
C LYS B 144 13.69 21.61 -51.21
N GLY B 145 13.51 20.76 -50.21
CA GLY B 145 14.17 19.48 -50.16
C GLY B 145 15.58 19.51 -49.60
N LYS B 146 15.88 20.47 -48.73
CA LYS B 146 17.20 20.63 -48.14
C LYS B 146 17.11 20.38 -46.64
N PRO B 147 18.20 19.94 -46.00
CA PRO B 147 18.16 19.67 -44.56
C PRO B 147 18.04 20.95 -43.73
N PHE B 148 17.50 20.78 -42.53
CA PHE B 148 17.32 21.86 -41.57
C PHE B 148 18.64 22.24 -40.92
N THR B 149 18.63 23.36 -40.19
CA THR B 149 19.79 23.82 -39.43
C THR B 149 19.46 24.21 -38.00
N SER B 150 18.20 24.23 -37.61
CA SER B 150 17.80 24.51 -36.23
C SER B 150 16.97 23.35 -35.71
N PHE B 151 16.81 23.29 -34.40
CA PHE B 151 16.11 22.13 -33.83
C PHE B 151 14.59 22.25 -33.97
N ASN B 152 14.02 23.39 -33.59
CA ASN B 152 12.56 23.48 -33.61
C ASN B 152 12.01 23.63 -35.01
N SER B 153 12.83 24.07 -35.97
CA SER B 153 12.44 23.90 -37.37
C SER B 153 12.41 22.43 -37.77
N TYR B 154 13.30 21.63 -37.19
CA TYR B 154 13.40 20.22 -37.52
C TYR B 154 12.32 19.40 -36.82
N TRP B 155 11.99 19.74 -35.58
CA TRP B 155 11.05 18.94 -34.80
C TRP B 155 9.60 19.24 -35.13
N LYS B 156 9.29 20.40 -35.69
CA LYS B 156 7.94 20.65 -36.17
C LYS B 156 7.64 19.94 -37.47
N LYS B 157 8.65 19.45 -38.18
CA LYS B 157 8.44 18.63 -39.36
C LYS B 157 8.26 17.16 -39.01
N CYS B 158 8.98 16.67 -37.99
CA CYS B 158 8.87 15.26 -37.60
C CYS B 158 7.54 14.94 -36.96
N LEU B 159 6.85 15.92 -36.41
CA LEU B 159 5.52 15.71 -35.84
C LEU B 159 4.42 15.84 -36.89
N ASP B 160 4.78 16.01 -38.16
CA ASP B 160 3.81 16.17 -39.24
C ASP B 160 4.31 15.44 -40.49
N MET B 161 4.73 14.19 -40.33
CA MET B 161 5.54 13.52 -41.34
C MET B 161 4.78 12.56 -42.25
N SER B 162 3.46 12.46 -42.12
CA SER B 162 2.54 11.65 -42.90
C SER B 162 2.72 10.13 -42.73
N ILE B 163 3.63 9.67 -41.87
CA ILE B 163 3.86 8.27 -41.56
C ILE B 163 4.38 8.16 -40.13
N GLU B 164 4.51 6.93 -39.63
CA GLU B 164 5.22 6.60 -38.41
C GLU B 164 5.50 5.09 -38.42
N SER B 165 6.60 4.68 -37.79
CA SER B 165 7.03 3.28 -37.80
C SER B 165 6.47 2.51 -36.60
N VAL B 166 6.57 1.19 -36.67
CA VAL B 166 5.81 0.30 -35.81
C VAL B 166 6.76 -0.48 -34.88
N MET B 167 6.15 -1.25 -33.97
CA MET B 167 6.87 -2.03 -32.96
C MET B 167 6.75 -3.52 -33.31
N LEU B 168 7.85 -4.15 -33.63
CA LEU B 168 7.83 -5.56 -33.96
C LEU B 168 7.81 -6.40 -32.69
N PRO B 169 6.99 -7.46 -32.63
CA PRO B 169 7.09 -8.40 -31.53
C PRO B 169 8.36 -9.24 -31.65
N PRO B 170 8.87 -9.76 -30.55
CA PRO B 170 10.07 -10.61 -30.61
C PRO B 170 9.75 -11.94 -31.26
N PRO B 171 10.75 -12.64 -31.77
CA PRO B 171 10.50 -13.97 -32.35
C PRO B 171 10.12 -14.98 -31.29
N TRP B 172 9.43 -16.03 -31.75
CA TRP B 172 8.93 -17.05 -30.84
C TRP B 172 9.97 -18.11 -30.54
N ARG B 173 10.88 -18.35 -31.47
CA ARG B 173 11.91 -19.38 -31.32
C ARG B 173 13.04 -19.08 -32.31
N LEU B 174 14.26 -19.41 -31.91
CA LEU B 174 15.42 -19.32 -32.77
C LEU B 174 16.01 -20.71 -32.98
N MET B 175 16.79 -20.87 -34.03
CA MET B 175 17.35 -22.17 -34.42
C MET B 175 18.81 -22.03 -34.81
N PRO B 176 19.73 -22.53 -34.00
CA PRO B 176 21.04 -22.93 -34.53
C PRO B 176 21.16 -24.44 -34.70
N ILE B 177 22.27 -24.91 -35.23
CA ILE B 177 22.57 -26.35 -35.23
C ILE B 177 23.97 -26.60 -34.69
N THR B 178 24.40 -25.78 -33.74
CA THR B 178 25.73 -25.90 -33.17
C THR B 178 25.84 -27.10 -32.24
N SER B 188 34.34 -19.38 -30.10
CA SER B 188 34.05 -18.12 -29.36
C SER B 188 35.24 -17.71 -28.49
N ILE B 189 35.50 -16.42 -28.37
CA ILE B 189 36.62 -15.88 -27.53
C ILE B 189 36.03 -15.29 -26.25
N GLU B 190 36.84 -15.05 -25.23
CA GLU B 190 36.34 -14.44 -23.97
C GLU B 190 35.98 -12.98 -24.21
N GLU B 191 36.85 -12.20 -24.87
CA GLU B 191 36.50 -10.80 -25.22
C GLU B 191 36.25 -10.08 -23.89
N LEU B 192 36.29 -10.82 -22.80
CA LEU B 192 36.03 -10.27 -21.46
C LEU B 192 37.07 -9.20 -21.19
N GLY B 193 38.02 -9.01 -22.10
CA GLY B 193 38.94 -7.89 -21.90
C GLY B 193 37.93 -6.77 -22.08
N LEU B 194 37.47 -6.18 -20.98
CA LEU B 194 36.54 -5.04 -21.05
C LEU B 194 36.88 -4.26 -19.79
N GLU B 195 37.84 -4.76 -19.00
CA GLU B 195 38.22 -4.10 -17.72
C GLU B 195 39.63 -4.54 -17.30
N ASN B 196 40.35 -3.69 -16.56
CA ASN B 196 41.67 -4.04 -16.00
C ASN B 196 41.43 -4.65 -14.62
N GLU B 197 42.45 -5.26 -13.98
CA GLU B 197 42.24 -5.99 -12.74
C GLU B 197 42.38 -5.08 -11.54
N ALA B 198 43.04 -3.93 -11.70
CA ALA B 198 43.11 -2.95 -10.61
C ALA B 198 41.82 -2.13 -10.52
N GLU B 199 41.24 -1.79 -11.65
CA GLU B 199 40.02 -1.00 -11.70
C GLU B 199 38.76 -1.84 -11.53
N LYS B 200 38.90 -3.14 -11.35
CA LYS B 200 37.74 -4.03 -11.31
C LYS B 200 36.87 -3.88 -10.06
N PRO B 201 37.39 -3.81 -8.81
CA PRO B 201 36.48 -3.66 -7.68
C PRO B 201 35.90 -2.27 -7.50
N SER B 202 36.54 -1.24 -8.04
CA SER B 202 35.95 0.09 -7.99
C SER B 202 34.89 0.29 -9.07
N ASN B 203 34.99 -0.47 -10.18
CA ASN B 203 33.96 -0.44 -11.20
C ASN B 203 32.68 -1.12 -10.74
N ALA B 204 32.80 -2.15 -9.91
CA ALA B 204 31.65 -2.92 -9.45
C ALA B 204 30.77 -2.13 -8.49
N LEU B 205 31.26 -1.04 -7.92
CA LEU B 205 30.47 -0.20 -7.04
C LEU B 205 29.49 0.70 -7.80
N LEU B 206 29.53 0.70 -9.13
CA LEU B 206 28.54 1.39 -9.94
C LEU B 206 27.18 0.69 -9.92
N THR B 207 27.11 -0.53 -9.40
CA THR B 207 25.89 -1.32 -9.32
C THR B 207 25.00 -0.88 -8.15
N ARG B 208 25.51 -0.01 -7.28
CA ARG B 208 24.68 0.60 -6.25
C ARG B 208 23.61 1.51 -6.84
N ALA B 209 23.84 2.05 -8.04
CA ALA B 209 22.90 2.95 -8.67
C ALA B 209 22.30 2.42 -9.97
N TRP B 210 22.95 1.46 -10.64
CA TRP B 210 22.55 1.07 -11.99
C TRP B 210 22.50 -0.44 -12.12
N SER B 211 21.70 -0.90 -13.07
CA SER B 211 21.56 -2.32 -13.38
C SER B 211 21.33 -2.46 -14.89
N PRO B 212 22.36 -2.85 -15.64
CA PRO B 212 22.21 -2.97 -17.10
C PRO B 212 21.37 -4.17 -17.52
N GLY B 213 20.96 -4.16 -18.77
CA GLY B 213 20.14 -5.21 -19.34
C GLY B 213 18.81 -4.71 -19.88
N TRP B 214 18.27 -5.36 -20.91
CA TRP B 214 17.03 -4.89 -21.52
C TRP B 214 15.82 -5.14 -20.63
N SER B 215 15.89 -6.13 -19.72
CA SER B 215 14.76 -6.37 -18.83
C SER B 215 14.64 -5.29 -17.77
N ASN B 216 15.74 -4.62 -17.44
CA ASN B 216 15.71 -3.51 -16.51
C ASN B 216 15.37 -2.20 -17.16
N ALA B 217 15.64 -2.06 -18.47
CA ALA B 217 15.20 -0.90 -19.22
C ALA B 217 13.68 -0.85 -19.34
N ASP B 218 13.05 -2.01 -19.40
CA ASP B 218 11.59 -2.08 -19.45
C ASP B 218 10.95 -1.74 -18.12
N LYS B 219 11.61 -2.06 -17.01
CA LYS B 219 11.06 -1.73 -15.70
C LYS B 219 11.25 -0.26 -15.35
N LEU B 220 12.25 0.39 -15.92
CA LEU B 220 12.44 1.81 -15.68
C LEU B 220 11.57 2.68 -16.58
N LEU B 221 11.09 2.15 -17.70
CA LEU B 221 10.12 2.89 -18.49
C LEU B 221 8.74 2.85 -17.86
N ASN B 222 8.36 1.72 -17.28
CA ASN B 222 7.10 1.62 -16.56
C ASN B 222 7.10 2.46 -15.30
N GLU B 223 8.26 2.50 -14.62
CA GLU B 223 8.37 3.25 -13.37
C GLU B 223 8.30 4.74 -13.61
N PHE B 224 8.72 5.22 -14.77
CA PHE B 224 8.68 6.65 -15.07
C PHE B 224 7.31 7.09 -15.58
N ILE B 225 6.69 6.25 -16.41
CA ILE B 225 5.37 6.54 -16.97
C ILE B 225 4.32 6.61 -15.87
N GLU B 226 4.46 5.77 -14.86
CA GLU B 226 3.49 5.69 -13.79
C GLU B 226 3.78 6.58 -12.60
N LYS B 227 4.98 7.14 -12.45
CA LYS B 227 5.25 7.96 -11.27
C LYS B 227 5.49 9.43 -11.59
N GLN B 228 6.51 9.77 -12.37
CA GLN B 228 6.92 11.18 -12.44
C GLN B 228 6.90 11.76 -13.84
N LEU B 229 6.34 11.05 -14.82
CA LEU B 229 6.04 11.67 -16.11
C LEU B 229 4.98 12.75 -15.97
N ILE B 230 4.11 12.63 -14.96
CA ILE B 230 3.02 13.56 -14.72
C ILE B 230 3.57 14.94 -14.37
N ASP B 231 4.60 15.00 -13.54
CA ASP B 231 5.14 16.22 -13.00
C ASP B 231 6.33 16.75 -13.78
N TYR B 232 6.57 16.23 -14.99
CA TYR B 232 7.81 16.52 -15.72
C TYR B 232 7.87 17.98 -16.18
N ALA B 233 6.74 18.60 -16.51
CA ALA B 233 6.79 19.95 -17.05
C ALA B 233 7.10 21.00 -16.00
N LYS B 234 6.98 20.67 -14.72
CA LYS B 234 7.33 21.57 -13.65
C LYS B 234 8.58 21.14 -12.88
N ASN B 235 9.08 19.93 -13.10
CA ASN B 235 10.18 19.41 -12.31
C ASN B 235 11.42 19.05 -13.10
N SER B 236 11.42 19.16 -14.43
CA SER B 236 12.55 18.67 -15.23
C SER B 236 13.80 19.51 -15.11
N LYS B 237 13.75 20.64 -14.42
CA LYS B 237 14.94 21.45 -14.17
C LYS B 237 15.44 21.35 -12.74
N LYS B 238 14.74 20.65 -11.87
CA LYS B 238 15.16 20.47 -10.50
C LYS B 238 16.08 19.27 -10.39
N VAL B 239 17.23 19.45 -9.75
CA VAL B 239 18.17 18.37 -9.55
C VAL B 239 17.95 17.67 -8.21
N VAL B 240 17.27 18.33 -7.26
CA VAL B 240 16.75 17.63 -6.10
C VAL B 240 15.64 16.68 -6.54
N GLY B 241 15.70 15.45 -6.06
CA GLY B 241 14.71 14.46 -6.44
C GLY B 241 14.95 13.82 -7.79
N ASN B 242 14.41 12.63 -7.99
CA ASN B 242 14.51 11.93 -9.28
C ASN B 242 13.34 12.38 -10.14
N SER B 243 13.53 13.46 -10.87
CA SER B 243 12.47 14.07 -11.65
C SER B 243 12.53 13.73 -13.14
N THR B 244 13.62 13.13 -13.60
CA THR B 244 13.77 12.71 -14.98
C THR B 244 13.71 11.20 -15.06
N SER B 245 13.85 10.65 -16.27
CA SER B 245 13.53 9.25 -16.47
C SER B 245 14.68 8.31 -16.15
N LEU B 246 15.93 8.79 -16.18
CA LEU B 246 17.15 7.99 -15.99
C LEU B 246 17.21 6.83 -16.98
N LEU B 247 16.95 7.14 -18.25
CA LEU B 247 16.89 6.14 -19.29
C LEU B 247 18.06 6.22 -20.26
N SER B 248 18.93 7.22 -20.13
CA SER B 248 19.92 7.49 -21.17
C SER B 248 21.01 6.44 -21.37
N PRO B 249 21.52 5.70 -20.36
CA PRO B 249 22.41 4.58 -20.71
C PRO B 249 21.67 3.39 -21.30
N TYR B 250 20.37 3.26 -21.08
CA TYR B 250 19.62 2.22 -21.76
C TYR B 250 19.35 2.58 -23.20
N LEU B 251 19.10 3.86 -23.47
CA LEU B 251 18.86 4.32 -24.83
C LEU B 251 20.13 4.42 -25.65
N HIS B 252 21.29 4.54 -25.01
CA HIS B 252 22.54 4.61 -25.76
C HIS B 252 22.94 3.23 -26.29
N PHE B 253 22.82 2.20 -25.47
CA PHE B 253 23.19 0.86 -25.87
C PHE B 253 22.06 0.11 -26.56
N GLY B 254 20.91 0.75 -26.76
CA GLY B 254 19.82 0.15 -27.49
C GLY B 254 19.14 -0.97 -26.76
N GLU B 255 19.01 -0.87 -25.45
CA GLU B 255 18.30 -1.86 -24.68
C GLU B 255 16.82 -1.56 -24.54
N ILE B 256 16.42 -0.34 -24.85
CA ILE B 256 15.02 0.03 -24.94
C ILE B 256 14.84 0.68 -26.31
N SER B 257 13.73 0.35 -26.97
CA SER B 257 13.45 0.90 -28.28
C SER B 257 12.85 2.29 -28.15
N VAL B 258 13.26 3.19 -29.04
CA VAL B 258 12.79 4.56 -28.93
C VAL B 258 11.41 4.73 -29.57
N ARG B 259 11.01 3.81 -30.44
CA ARG B 259 9.65 3.82 -30.96
C ARG B 259 8.67 3.22 -29.96
N HIS B 260 9.18 2.36 -29.08
CA HIS B 260 8.41 1.83 -27.97
C HIS B 260 8.11 2.92 -26.94
N VAL B 261 9.03 3.86 -26.77
CA VAL B 261 8.80 4.97 -25.84
C VAL B 261 7.81 5.96 -26.42
N PHE B 262 7.92 6.24 -27.72
CA PHE B 262 7.04 7.19 -28.41
C PHE B 262 5.60 6.70 -28.46
N GLN B 263 5.40 5.39 -28.61
CA GLN B 263 4.06 4.81 -28.63
C GLN B 263 3.40 4.91 -27.26
N CYS B 264 4.13 4.55 -26.20
CA CYS B 264 3.54 4.50 -24.87
C CYS B 264 3.30 5.88 -24.30
N ALA B 265 4.12 6.87 -24.65
CA ALA B 265 3.89 8.22 -24.15
C ALA B 265 2.75 8.91 -24.86
N ARG B 266 2.53 8.60 -26.14
CA ARG B 266 1.39 9.18 -26.84
C ARG B 266 0.08 8.49 -26.51
N MET B 267 0.11 7.35 -25.83
CA MET B 267 -1.09 6.73 -25.31
C MET B 267 -1.48 7.25 -23.94
N LYS B 268 -0.51 7.60 -23.10
CA LYS B 268 -0.82 8.28 -21.85
C LYS B 268 -1.32 9.69 -22.10
N GLN B 269 -0.92 10.30 -23.21
CA GLN B 269 -1.32 11.67 -23.49
C GLN B 269 -2.79 11.76 -23.89
N ILE B 270 -3.35 10.72 -24.50
CA ILE B 270 -4.76 10.79 -24.87
C ILE B 270 -5.65 10.48 -23.68
N ILE B 271 -5.18 9.71 -22.70
CA ILE B 271 -5.96 9.46 -21.51
C ILE B 271 -6.01 10.70 -20.63
N TRP B 272 -4.90 11.43 -20.53
CA TRP B 272 -4.88 12.64 -19.73
C TRP B 272 -5.60 13.80 -20.41
N ALA B 273 -5.65 13.82 -21.74
CA ALA B 273 -6.47 14.82 -22.41
C ALA B 273 -7.96 14.53 -22.27
N ARG B 274 -8.33 13.28 -22.04
CA ARG B 274 -9.72 12.90 -21.82
C ARG B 274 -10.15 13.03 -20.38
N ASP B 275 -9.24 13.34 -19.47
CA ASP B 275 -9.57 13.72 -18.11
C ASP B 275 -9.42 15.21 -17.88
N LYS B 276 -9.05 15.95 -18.92
CA LYS B 276 -8.72 17.38 -18.88
C LYS B 276 -7.62 17.69 -17.87
N ASN B 277 -6.64 16.78 -17.76
CA ASN B 277 -5.43 16.97 -16.97
C ASN B 277 -4.45 17.72 -17.86
N SER B 278 -4.55 19.05 -17.88
CA SER B 278 -3.80 19.85 -18.83
C SER B 278 -2.32 19.96 -18.47
N GLU B 279 -1.95 19.69 -17.22
CA GLU B 279 -0.55 19.76 -16.85
C GLU B 279 0.16 18.43 -17.12
N GLY B 280 -0.51 17.31 -16.84
CA GLY B 280 0.03 16.01 -17.22
C GLY B 280 0.13 15.83 -18.72
N GLU B 281 -0.74 16.48 -19.48
CA GLU B 281 -0.68 16.44 -20.93
C GLU B 281 0.45 17.31 -21.47
N GLU B 282 0.71 18.45 -20.81
CA GLU B 282 1.81 19.33 -21.21
C GLU B 282 3.16 18.70 -20.87
N SER B 283 3.21 17.87 -19.84
CA SER B 283 4.43 17.15 -19.49
C SER B 283 4.78 16.10 -20.53
N ALA B 284 3.77 15.44 -21.10
CA ALA B 284 4.02 14.42 -22.12
C ALA B 284 4.49 15.03 -23.42
N ASP B 285 4.18 16.30 -23.66
CA ASP B 285 4.64 17.00 -24.84
C ASP B 285 6.10 17.43 -24.70
N LEU B 286 6.52 17.82 -23.49
CA LEU B 286 7.89 18.24 -23.25
C LEU B 286 8.84 17.07 -23.10
N PHE B 287 8.35 15.90 -22.67
CA PHE B 287 9.22 14.74 -22.61
C PHE B 287 9.55 14.20 -23.99
N LEU B 288 8.61 14.27 -24.93
CA LEU B 288 8.90 13.85 -26.29
C LEU B 288 9.80 14.83 -27.01
N ARG B 289 9.85 16.09 -26.57
CA ARG B 289 10.81 17.03 -27.13
C ARG B 289 12.23 16.69 -26.72
N GLY B 290 12.41 16.07 -25.54
CA GLY B 290 13.73 15.61 -25.15
C GLY B 290 14.19 14.41 -25.94
N ILE B 291 13.26 13.55 -26.35
CA ILE B 291 13.56 12.42 -27.24
C ILE B 291 13.91 12.93 -28.63
N GLY B 292 13.28 14.03 -29.07
CA GLY B 292 13.61 14.63 -30.35
C GLY B 292 14.98 15.28 -30.39
N LEU B 293 15.55 15.63 -29.24
CA LEU B 293 16.93 16.10 -29.20
C LEU B 293 17.90 14.97 -29.45
N ARG B 294 17.54 13.75 -29.07
CA ARG B 294 18.34 12.59 -29.43
C ARG B 294 18.25 12.30 -30.92
N GLU B 295 17.08 12.53 -31.51
CA GLU B 295 16.90 12.39 -32.95
C GLU B 295 17.68 13.46 -33.70
N TYR B 296 17.75 14.67 -33.15
CA TYR B 296 18.40 15.77 -33.86
C TYR B 296 19.92 15.65 -33.81
N SER B 297 20.47 15.00 -32.79
CA SER B 297 21.90 14.83 -32.71
C SER B 297 22.42 13.86 -33.77
N ARG B 298 21.62 12.86 -34.13
CA ARG B 298 21.95 11.99 -35.26
C ARG B 298 21.69 12.67 -36.59
N TYR B 299 20.84 13.69 -36.61
CA TYR B 299 20.50 14.38 -37.85
C TYR B 299 21.65 15.26 -38.31
N ILE B 300 22.17 16.13 -37.45
CA ILE B 300 23.26 17.01 -37.86
C ILE B 300 24.59 16.28 -37.91
N CYS B 301 24.69 15.12 -37.27
CA CYS B 301 25.87 14.29 -37.45
C CYS B 301 25.89 13.65 -38.84
N PHE B 302 24.73 13.33 -39.37
CA PHE B 302 24.64 12.73 -40.70
C PHE B 302 24.87 13.76 -41.79
N ASN B 303 24.36 14.97 -41.59
CA ASN B 303 24.39 15.99 -42.63
C ASN B 303 25.64 16.87 -42.56
N PHE B 304 26.05 17.27 -41.36
CA PHE B 304 27.28 18.05 -41.16
C PHE B 304 28.24 17.24 -40.30
N PRO B 305 28.95 16.26 -40.88
CA PRO B 305 29.84 15.42 -40.08
C PRO B 305 31.17 16.12 -39.75
N SER B 311 38.74 20.97 -35.99
CA SER B 311 38.10 19.65 -35.96
C SER B 311 36.61 19.77 -35.69
N LEU B 312 36.22 19.71 -34.41
CA LEU B 312 34.82 19.79 -34.02
C LEU B 312 34.40 21.22 -33.67
N LEU B 313 35.06 21.83 -32.70
CA LEU B 313 34.77 23.20 -32.29
C LEU B 313 35.85 24.08 -32.91
N SER B 314 35.62 24.48 -34.16
CA SER B 314 36.58 25.29 -34.90
C SER B 314 36.38 26.78 -34.72
N HIS B 315 35.25 27.22 -34.18
CA HIS B 315 35.08 28.63 -33.88
C HIS B 315 35.86 29.08 -32.65
N LEU B 316 36.42 28.14 -31.88
CA LEU B 316 37.38 28.43 -30.83
C LEU B 316 38.66 27.67 -31.18
N ARG B 317 39.47 28.26 -32.05
CA ARG B 317 40.77 27.68 -32.40
C ARG B 317 41.92 28.65 -32.25
N PHE B 318 41.66 29.96 -32.20
CA PHE B 318 42.65 30.94 -31.78
C PHE B 318 42.37 31.46 -30.38
N PHE B 319 41.60 30.71 -29.59
CA PHE B 319 41.36 31.07 -28.20
C PHE B 319 42.61 30.80 -27.37
N PRO B 320 43.03 31.75 -26.53
CA PRO B 320 44.15 31.51 -25.60
C PRO B 320 43.69 30.70 -24.39
N TRP B 321 44.07 29.42 -24.39
CA TRP B 321 43.71 28.53 -23.29
C TRP B 321 44.83 28.49 -22.26
N ASP B 322 44.45 28.37 -20.99
CA ASP B 322 45.43 28.21 -19.91
C ASP B 322 45.72 26.74 -19.72
N ALA B 323 46.94 26.32 -20.05
CA ALA B 323 47.35 24.92 -19.93
C ALA B 323 47.89 24.67 -18.52
N ASP B 324 46.97 24.62 -17.57
CA ASP B 324 47.30 24.42 -16.17
C ASP B 324 46.74 23.06 -15.73
N VAL B 325 47.62 22.13 -15.40
CA VAL B 325 47.18 20.76 -15.12
C VAL B 325 46.77 20.54 -13.68
N ASP B 326 47.15 21.42 -12.76
CA ASP B 326 46.66 21.28 -11.39
C ASP B 326 45.31 21.95 -11.19
N LYS B 327 44.95 22.89 -12.06
CA LYS B 327 43.56 23.35 -12.11
C LYS B 327 42.65 22.28 -12.66
N PHE B 328 43.17 21.45 -13.56
CA PHE B 328 42.40 20.32 -14.06
C PHE B 328 42.24 19.24 -13.01
N LYS B 329 43.22 19.09 -12.13
CA LYS B 329 43.13 18.11 -11.05
C LYS B 329 42.17 18.57 -9.96
N ALA B 330 42.11 19.87 -9.71
CA ALA B 330 41.15 20.39 -8.74
C ALA B 330 39.72 20.39 -9.28
N TRP B 331 39.55 20.40 -10.60
CA TRP B 331 38.21 20.37 -11.16
C TRP B 331 37.59 18.99 -11.09
N ARG B 332 38.37 17.95 -11.40
CA ARG B 332 37.79 16.61 -11.35
C ARG B 332 37.76 16.03 -9.95
N GLN B 333 38.49 16.61 -9.01
CA GLN B 333 38.39 16.20 -7.62
C GLN B 333 37.21 16.83 -6.91
N GLY B 334 36.65 17.90 -7.46
CA GLY B 334 35.57 18.60 -6.82
C GLY B 334 36.07 19.41 -5.64
N ARG B 335 37.07 20.25 -5.86
CA ARG B 335 37.68 21.03 -4.81
C ARG B 335 37.93 22.45 -5.29
N THR B 336 36.96 23.03 -5.97
CA THR B 336 37.11 24.35 -6.55
C THR B 336 36.64 25.48 -5.64
N GLY B 337 35.84 25.17 -4.62
CA GLY B 337 35.25 26.20 -3.80
C GLY B 337 33.91 26.71 -4.28
N TYR B 338 33.36 26.13 -5.34
CA TYR B 338 32.06 26.50 -5.86
C TYR B 338 31.14 25.31 -5.65
N PRO B 339 30.17 25.39 -4.74
CA PRO B 339 29.49 24.17 -4.27
C PRO B 339 28.60 23.46 -5.30
N LEU B 340 28.01 24.16 -6.27
CA LEU B 340 27.30 23.44 -7.32
C LEU B 340 28.24 22.68 -8.23
N VAL B 341 29.43 23.22 -8.50
CA VAL B 341 30.39 22.52 -9.33
C VAL B 341 30.98 21.34 -8.57
N ASP B 342 31.26 21.52 -7.28
CA ASP B 342 31.85 20.45 -6.48
C ASP B 342 30.87 19.32 -6.21
N ALA B 343 29.59 19.64 -6.02
CA ALA B 343 28.60 18.59 -5.80
C ALA B 343 28.34 17.81 -7.08
N GLY B 344 28.38 18.48 -8.24
CA GLY B 344 28.20 17.79 -9.49
C GLY B 344 29.37 16.91 -9.85
N MET B 345 30.59 17.33 -9.52
CA MET B 345 31.75 16.49 -9.81
C MET B 345 31.87 15.31 -8.87
N ARG B 346 31.32 15.41 -7.66
CA ARG B 346 31.33 14.27 -6.75
C ARG B 346 30.24 13.27 -7.07
N GLU B 347 29.09 13.72 -7.59
CA GLU B 347 28.05 12.81 -8.03
C GLU B 347 28.47 12.07 -9.30
N LEU B 348 29.19 12.77 -10.20
CA LEU B 348 29.64 12.17 -11.44
C LEU B 348 30.63 11.04 -11.19
N TRP B 349 31.57 11.24 -10.27
CA TRP B 349 32.53 10.18 -9.96
C TRP B 349 31.89 9.03 -9.21
N ALA B 350 30.90 9.31 -8.36
CA ALA B 350 30.30 8.26 -7.55
C ALA B 350 29.34 7.39 -8.35
N THR B 351 28.51 8.00 -9.21
CA THR B 351 27.44 7.27 -9.87
C THR B 351 27.58 7.16 -11.38
N GLY B 352 28.34 8.03 -12.03
CA GLY B 352 28.47 7.96 -13.47
C GLY B 352 27.37 8.62 -14.25
N TRP B 353 26.57 9.47 -13.62
CA TRP B 353 25.47 10.14 -14.29
C TRP B 353 25.31 11.51 -13.66
N MET B 354 24.88 12.47 -14.47
CA MET B 354 24.51 13.80 -13.99
C MET B 354 23.23 14.26 -14.65
N HIS B 355 22.46 15.04 -13.91
CA HIS B 355 21.32 15.76 -14.47
C HIS B 355 21.80 16.75 -15.52
N ASN B 356 20.96 16.99 -16.52
CA ASN B 356 21.34 17.75 -17.71
C ASN B 356 21.72 19.19 -17.38
N ARG B 357 21.07 19.79 -16.39
CA ARG B 357 21.39 21.15 -15.98
C ARG B 357 22.69 21.24 -15.19
N ILE B 358 23.14 20.15 -14.57
CA ILE B 358 24.42 20.14 -13.88
C ILE B 358 25.56 19.93 -14.86
N ARG B 359 25.32 19.19 -15.95
CA ARG B 359 26.31 19.05 -17.01
C ARG B 359 26.58 20.37 -17.71
N VAL B 360 25.59 21.26 -17.77
CA VAL B 360 25.82 22.59 -18.28
C VAL B 360 26.67 23.40 -17.30
N ILE B 361 26.48 23.19 -16.00
CA ILE B 361 27.15 23.97 -14.98
C ILE B 361 28.63 23.62 -14.89
N VAL B 362 28.94 22.32 -14.83
CA VAL B 362 30.33 21.92 -14.62
C VAL B 362 31.17 22.09 -15.88
N SER B 363 30.55 22.18 -17.06
CA SER B 363 31.29 22.35 -18.30
C SER B 363 31.40 23.80 -18.73
N SER B 364 30.43 24.64 -18.37
CA SER B 364 30.60 26.07 -18.53
C SER B 364 31.66 26.60 -17.57
N PHE B 365 31.79 25.98 -16.39
CA PHE B 365 32.83 26.37 -15.45
C PHE B 365 34.21 26.01 -15.96
N ALA B 366 34.35 24.86 -16.62
CA ALA B 366 35.67 24.45 -17.09
C ALA B 366 36.14 25.30 -18.27
N VAL B 367 35.22 25.81 -19.06
CA VAL B 367 35.55 26.51 -20.30
C VAL B 367 35.63 28.02 -20.09
N LYS B 368 34.73 28.58 -19.28
CA LYS B 368 34.68 30.04 -19.10
C LYS B 368 35.43 30.53 -17.87
N PHE B 369 35.50 29.76 -16.80
CA PHE B 369 36.18 30.22 -15.58
C PHE B 369 37.64 29.78 -15.56
N LEU B 370 37.88 28.47 -15.58
CA LEU B 370 39.25 27.98 -15.55
C LEU B 370 39.93 28.19 -16.88
N LEU B 371 39.15 28.24 -17.96
CA LEU B 371 39.59 28.47 -19.33
C LEU B 371 40.61 27.41 -19.78
N LEU B 372 40.37 26.18 -19.35
CA LEU B 372 41.11 25.02 -19.82
C LEU B 372 40.59 24.64 -21.21
N PRO B 373 41.40 23.95 -22.02
CA PRO B 373 40.92 23.50 -23.34
C PRO B 373 39.75 22.55 -23.23
N ALA B 374 38.78 22.74 -24.13
CA ALA B 374 37.54 21.95 -24.10
C ALA B 374 37.77 20.50 -24.47
N LYS B 375 38.85 20.21 -25.19
CA LYS B 375 39.23 18.83 -25.47
C LYS B 375 39.57 18.07 -24.19
N TRP B 376 40.11 18.76 -23.18
CA TRP B 376 40.47 18.12 -21.93
C TRP B 376 39.23 17.70 -21.14
N GLY B 377 38.17 18.49 -21.20
CA GLY B 377 36.96 18.16 -20.47
C GLY B 377 36.10 17.16 -21.20
N MET B 378 36.15 17.16 -22.53
CA MET B 378 35.41 16.18 -23.31
C MET B 378 35.96 14.78 -23.13
N LYS B 379 37.28 14.67 -22.99
CA LYS B 379 37.90 13.37 -22.76
C LYS B 379 37.66 12.85 -21.35
N TYR B 380 37.41 13.73 -20.40
CA TYR B 380 37.04 13.28 -19.06
C TYR B 380 35.58 12.86 -18.98
N PHE B 381 34.70 13.50 -19.75
CA PHE B 381 33.31 13.06 -19.81
C PHE B 381 33.18 11.72 -20.53
N TRP B 382 34.04 11.49 -21.52
CA TRP B 382 34.04 10.24 -22.26
C TRP B 382 34.45 9.05 -21.40
N ASP B 383 35.19 9.29 -20.33
CA ASP B 383 35.74 8.25 -19.50
C ASP B 383 34.92 7.98 -18.25
N THR B 384 34.04 8.89 -17.87
CA THR B 384 33.33 8.82 -16.60
C THR B 384 31.82 8.77 -16.70
N LEU B 385 31.24 8.96 -17.88
CA LEU B 385 29.80 8.87 -18.05
C LEU B 385 29.41 7.50 -18.59
N LEU B 386 28.28 6.97 -18.11
CA LEU B 386 27.81 5.67 -18.57
C LEU B 386 27.09 5.77 -19.91
N ASP B 387 26.49 6.93 -20.21
CA ASP B 387 25.80 7.17 -21.47
C ASP B 387 26.63 8.01 -22.41
N ALA B 388 27.95 7.81 -22.44
CA ALA B 388 28.84 8.61 -23.28
C ALA B 388 28.59 8.28 -24.74
N ASP B 389 27.80 9.12 -25.38
CA ASP B 389 27.33 8.95 -26.74
C ASP B 389 28.08 9.93 -27.61
N LEU B 390 28.55 9.47 -28.77
CA LEU B 390 29.38 10.32 -29.63
C LEU B 390 28.59 11.49 -30.20
N GLU B 391 27.37 11.25 -30.65
CA GLU B 391 26.57 12.31 -31.26
C GLU B 391 25.91 13.22 -30.24
N CYS B 392 25.64 12.73 -29.03
CA CYS B 392 25.03 13.55 -27.99
C CYS B 392 26.06 14.37 -27.21
N ASP B 393 27.30 13.90 -27.12
CA ASP B 393 28.35 14.69 -26.50
C ASP B 393 28.78 15.83 -27.40
N ILE B 394 28.69 15.64 -28.72
CA ILE B 394 28.95 16.72 -29.67
C ILE B 394 27.91 17.83 -29.55
N LEU B 395 26.63 17.48 -29.49
CA LEU B 395 25.58 18.50 -29.39
C LEU B 395 25.60 19.20 -28.05
N GLY B 396 26.05 18.51 -27.00
CA GLY B 396 26.09 19.14 -25.69
C GLY B 396 27.23 20.12 -25.54
N TRP B 397 28.41 19.78 -26.03
CA TRP B 397 29.56 20.68 -25.94
C TRP B 397 29.50 21.80 -26.96
N GLN B 398 28.72 21.66 -28.03
CA GLN B 398 28.47 22.77 -28.92
C GLN B 398 27.40 23.71 -28.38
N TYR B 399 26.55 23.23 -27.48
CA TYR B 399 25.51 24.07 -26.91
C TYR B 399 26.07 25.02 -25.85
N ILE B 400 27.13 24.63 -25.14
CA ILE B 400 27.67 25.51 -24.12
C ILE B 400 28.73 26.47 -24.65
N SER B 401 29.34 26.17 -25.80
CA SER B 401 30.42 26.98 -26.33
C SER B 401 29.95 27.96 -27.39
N GLY B 402 28.67 27.93 -27.76
CA GLY B 402 28.15 28.88 -28.72
C GLY B 402 28.29 28.49 -30.17
N SER B 403 28.55 27.22 -30.47
CA SER B 403 28.67 26.80 -31.87
C SER B 403 27.31 26.76 -32.56
N ILE B 404 26.32 26.22 -31.86
CA ILE B 404 24.95 26.08 -32.38
C ILE B 404 24.35 27.48 -32.53
N PRO B 405 23.53 27.73 -33.56
CA PRO B 405 22.81 29.02 -33.62
C PRO B 405 21.89 29.27 -32.43
N ASP B 406 21.02 28.33 -32.09
CA ASP B 406 20.16 28.50 -30.92
C ASP B 406 20.76 27.82 -29.69
N GLY B 407 21.97 28.26 -29.34
CA GLY B 407 22.69 27.74 -28.19
C GLY B 407 22.91 28.78 -27.11
N HIS B 408 23.96 28.60 -26.31
CA HIS B 408 24.31 29.59 -25.30
C HIS B 408 25.19 30.69 -25.88
N GLU B 409 25.15 31.85 -25.25
CA GLU B 409 26.07 32.92 -25.60
C GLU B 409 27.43 32.67 -24.96
N LEU B 410 28.47 33.14 -25.63
CA LEU B 410 29.84 32.95 -25.17
C LEU B 410 30.34 34.11 -24.32
N ASP B 411 29.76 35.30 -24.48
CA ASP B 411 30.16 36.50 -23.76
C ASP B 411 29.67 36.53 -22.31
N ARG B 412 28.85 35.57 -21.90
CA ARG B 412 28.16 35.60 -20.63
C ARG B 412 28.78 34.62 -19.64
N LEU B 413 28.81 34.99 -18.37
CA LEU B 413 29.17 34.07 -17.29
C LEU B 413 28.01 34.05 -16.30
N ASP B 414 27.72 32.87 -15.79
CA ASP B 414 26.54 32.68 -14.95
C ASP B 414 26.83 33.04 -13.50
N ASN B 415 25.84 33.66 -12.86
CA ASN B 415 25.91 33.98 -11.44
C ASN B 415 25.65 32.70 -10.63
N PRO B 416 26.50 32.37 -9.64
CA PRO B 416 26.31 31.13 -8.90
C PRO B 416 25.07 31.11 -8.02
N ALA B 417 24.63 32.27 -7.51
CA ALA B 417 23.43 32.30 -6.69
C ALA B 417 22.17 32.13 -7.53
N LEU B 418 22.16 32.62 -8.76
CA LEU B 418 20.97 32.54 -9.59
C LEU B 418 20.81 31.15 -10.21
N GLN B 419 21.89 30.57 -10.71
CA GLN B 419 21.82 29.19 -11.16
C GLN B 419 21.66 28.21 -10.00
N GLY B 420 22.02 28.61 -8.79
CA GLY B 420 21.73 27.78 -7.65
C GLY B 420 20.26 27.75 -7.32
N ALA B 421 19.58 28.88 -7.40
CA ALA B 421 18.16 28.96 -7.05
C ALA B 421 17.27 28.29 -8.10
N LYS B 422 17.74 28.17 -9.34
CA LYS B 422 16.92 27.57 -10.38
C LYS B 422 16.87 26.05 -10.25
N TYR B 423 18.02 25.42 -10.03
CA TYR B 423 18.13 23.96 -10.09
C TYR B 423 18.22 23.33 -8.72
N ASP B 424 18.48 24.12 -7.68
CA ASP B 424 18.60 23.62 -6.32
C ASP B 424 18.05 24.66 -5.37
N PRO B 425 16.72 24.83 -5.34
CA PRO B 425 16.15 26.00 -4.63
C PRO B 425 16.22 25.91 -3.12
N GLU B 426 16.17 24.72 -2.52
CA GLU B 426 16.29 24.57 -1.08
C GLU B 426 17.67 24.10 -0.63
N GLY B 427 18.62 23.95 -1.55
CA GLY B 427 19.97 23.58 -1.20
C GLY B 427 20.17 22.12 -0.83
N GLU B 428 19.21 21.26 -1.14
CA GLU B 428 19.29 19.87 -0.73
C GLU B 428 20.15 19.02 -1.65
N TYR B 429 20.52 19.53 -2.83
CA TYR B 429 21.47 18.83 -3.67
C TYR B 429 22.89 19.04 -3.18
N ILE B 430 23.20 20.22 -2.65
CA ILE B 430 24.53 20.49 -2.12
C ILE B 430 24.75 19.75 -0.80
N ARG B 431 23.72 19.73 0.05
CA ARG B 431 23.84 19.10 1.36
C ARG B 431 23.94 17.59 1.27
N GLN B 432 23.46 16.99 0.19
CA GLN B 432 23.63 15.56 0.00
C GLN B 432 25.05 15.21 -0.38
N TRP B 433 25.66 15.98 -1.27
CA TRP B 433 26.98 15.63 -1.79
C TRP B 433 28.12 16.35 -1.09
N LEU B 434 27.86 17.44 -0.38
CA LEU B 434 28.87 18.10 0.44
C LEU B 434 28.30 18.20 1.86
N PRO B 435 28.39 17.13 2.66
CA PRO B 435 27.83 17.17 4.02
C PRO B 435 28.57 18.08 4.99
N GLU B 436 29.71 18.66 4.61
CA GLU B 436 30.36 19.66 5.43
C GLU B 436 29.59 20.98 5.48
N LEU B 437 28.74 21.25 4.48
CA LEU B 437 27.96 22.48 4.42
C LEU B 437 26.50 22.26 4.82
N ALA B 438 26.23 21.28 5.68
CA ALA B 438 24.84 20.94 5.98
C ALA B 438 24.16 21.91 6.92
N ARG B 439 24.91 22.66 7.72
CA ARG B 439 24.34 23.66 8.61
C ARG B 439 24.54 25.08 8.10
N LEU B 440 24.79 25.23 6.83
CA LEU B 440 24.87 26.55 6.20
C LEU B 440 23.51 26.89 5.60
N PRO B 441 22.94 28.06 5.91
CA PRO B 441 21.62 28.41 5.40
C PRO B 441 21.62 28.60 3.88
N THR B 442 20.41 28.51 3.32
CA THR B 442 20.24 28.38 1.88
C THR B 442 20.58 29.66 1.13
N GLU B 443 20.50 30.81 1.78
CA GLU B 443 20.84 32.05 1.11
C GLU B 443 22.33 32.24 0.86
N TRP B 444 23.19 31.39 1.44
CA TRP B 444 24.61 31.48 1.19
C TRP B 444 25.25 30.16 0.77
N ILE B 445 24.48 29.09 0.60
CA ILE B 445 25.08 27.77 0.40
C ILE B 445 25.65 27.63 -1.01
N HIS B 446 25.24 28.45 -1.96
CA HIS B 446 25.80 28.38 -3.30
C HIS B 446 26.90 29.42 -3.54
N HIS B 447 27.18 30.28 -2.57
CA HIS B 447 28.28 31.25 -2.67
C HIS B 447 28.80 31.59 -1.28
N PRO B 448 29.53 30.65 -0.65
CA PRO B 448 29.96 30.85 0.75
C PRO B 448 31.02 31.92 0.96
N TRP B 449 31.70 32.38 -0.09
CA TRP B 449 32.70 33.44 0.08
C TRP B 449 32.06 34.81 0.29
N ASP B 450 30.77 34.95 -0.03
CA ASP B 450 30.06 36.20 0.20
C ASP B 450 29.42 36.28 1.57
N ALA B 451 29.42 35.19 2.33
CA ALA B 451 28.77 35.18 3.62
C ALA B 451 29.57 35.98 4.63
N PRO B 452 28.90 36.70 5.54
CA PRO B 452 29.63 37.38 6.62
C PRO B 452 30.25 36.39 7.58
N LEU B 453 31.22 36.89 8.34
CA LEU B 453 32.15 36.03 9.06
C LEU B 453 31.49 35.30 10.23
N THR B 454 30.51 35.92 10.88
CA THR B 454 29.82 35.26 11.98
C THR B 454 28.80 34.24 11.50
N VAL B 455 28.31 34.36 10.27
CA VAL B 455 27.44 33.35 9.70
C VAL B 455 28.21 32.07 9.41
N LEU B 456 29.44 32.21 8.91
CA LEU B 456 30.24 31.05 8.53
C LEU B 456 30.69 30.27 9.75
N LYS B 457 31.00 30.94 10.86
CA LYS B 457 31.40 30.23 12.05
C LYS B 457 30.24 29.86 12.96
N ALA B 458 29.03 30.36 12.68
CA ALA B 458 27.85 29.76 13.32
C ALA B 458 27.59 28.37 12.78
N SER B 459 27.99 28.09 11.55
CA SER B 459 28.16 26.72 11.12
C SER B 459 29.61 26.31 11.32
N GLY B 460 29.95 25.09 10.95
CA GLY B 460 31.31 24.68 11.22
C GLY B 460 32.25 24.90 10.07
N VAL B 461 32.22 26.09 9.47
CA VAL B 461 32.89 26.33 8.19
C VAL B 461 33.94 27.41 8.38
N GLU B 462 35.20 27.04 8.17
CA GLU B 462 36.28 27.99 7.99
C GLU B 462 36.86 27.77 6.60
N LEU B 463 36.75 28.78 5.74
CA LEU B 463 37.15 28.64 4.36
C LEU B 463 38.67 28.57 4.26
N GLY B 464 39.16 27.51 3.62
CA GLY B 464 40.56 27.22 3.52
C GLY B 464 41.02 26.04 4.34
N THR B 465 40.25 25.61 5.33
CA THR B 465 40.62 24.47 6.16
C THR B 465 39.68 23.27 5.98
N ASN B 466 38.39 23.41 6.23
CA ASN B 466 37.47 22.30 5.99
C ASN B 466 36.55 22.52 4.79
N TYR B 467 36.53 23.72 4.22
CA TYR B 467 36.02 23.92 2.87
C TYR B 467 36.96 24.85 2.15
N ALA B 468 37.06 24.67 0.84
CA ALA B 468 38.06 25.37 0.05
C ALA B 468 37.64 26.80 -0.28
N LYS B 469 38.63 27.67 -0.44
CA LYS B 469 38.40 28.97 -1.02
C LYS B 469 38.15 28.83 -2.52
N PRO B 470 37.46 29.80 -3.14
CA PRO B 470 37.28 29.74 -4.60
C PRO B 470 38.61 29.87 -5.34
N ILE B 471 38.86 28.94 -6.26
CA ILE B 471 40.19 28.80 -6.84
C ILE B 471 40.49 29.94 -7.81
N VAL B 472 39.46 30.50 -8.44
CA VAL B 472 39.55 31.78 -9.14
C VAL B 472 38.36 32.62 -8.71
N ASP B 473 38.59 33.90 -8.51
CA ASP B 473 37.50 34.80 -8.19
C ASP B 473 36.69 35.11 -9.44
N ILE B 474 35.42 35.44 -9.24
CA ILE B 474 34.50 35.56 -10.37
C ILE B 474 34.78 36.84 -11.16
N ASP B 475 35.23 37.91 -10.52
CA ASP B 475 35.58 39.11 -11.27
C ASP B 475 36.95 39.00 -11.92
N THR B 476 37.78 38.05 -11.50
CA THR B 476 39.05 37.82 -12.17
C THR B 476 38.85 37.19 -13.54
N ALA B 477 38.07 36.10 -13.59
CA ALA B 477 37.85 35.37 -14.83
C ALA B 477 36.86 36.07 -15.76
N ARG B 478 36.00 36.95 -15.23
CA ARG B 478 35.11 37.70 -16.11
C ARG B 478 35.88 38.71 -16.95
N GLU B 479 36.90 39.33 -16.36
CA GLU B 479 37.75 40.23 -17.12
C GLU B 479 38.90 39.51 -17.81
N LEU B 480 39.19 38.26 -17.42
CA LEU B 480 40.18 37.50 -18.15
C LEU B 480 39.58 36.92 -19.42
N LEU B 481 38.26 36.75 -19.46
CA LEU B 481 37.60 36.20 -20.64
C LEU B 481 37.40 37.27 -21.70
N ALA B 482 37.03 38.49 -21.29
CA ALA B 482 36.80 39.57 -22.25
C ALA B 482 38.07 39.99 -22.96
N LYS B 483 39.22 39.88 -22.29
CA LYS B 483 40.49 40.05 -22.97
C LYS B 483 40.84 38.83 -23.81
N ALA B 484 40.39 37.64 -23.42
CA ALA B 484 40.67 36.44 -24.20
C ALA B 484 39.69 36.26 -25.35
N ILE B 485 38.46 36.76 -25.21
CA ILE B 485 37.53 36.77 -26.34
C ILE B 485 38.02 37.73 -27.41
N SER B 486 38.44 38.93 -27.00
CA SER B 486 38.78 39.98 -27.96
C SER B 486 40.12 39.75 -28.65
N ARG B 487 40.91 38.74 -28.27
CA ARG B 487 42.11 38.45 -29.05
C ARG B 487 41.83 37.45 -30.16
N THR B 488 40.97 36.45 -29.92
CA THR B 488 40.64 35.49 -30.97
C THR B 488 39.72 36.11 -32.04
N ARG B 489 39.14 37.29 -31.79
CA ARG B 489 38.46 38.02 -32.84
C ARG B 489 39.43 38.62 -33.85
N GLU B 490 40.60 39.07 -33.39
CA GLU B 490 41.59 39.64 -34.30
C GLU B 490 42.62 38.63 -34.78
N ALA B 491 42.81 37.53 -34.07
CA ALA B 491 43.65 36.46 -34.60
C ALA B 491 42.95 35.65 -35.68
N GLN B 492 41.62 35.77 -35.79
CA GLN B 492 40.88 35.07 -36.84
C GLN B 492 40.80 35.91 -38.11
N ILE B 493 40.76 37.23 -37.96
CA ILE B 493 40.72 38.13 -39.12
C ILE B 493 42.07 38.21 -39.82
N MET B 494 43.15 37.80 -39.16
CA MET B 494 44.45 37.69 -39.81
C MET B 494 44.63 36.28 -40.36
N LYS C 5 -0.02 -20.26 48.35
CA LYS C 5 0.57 -21.60 48.29
C LYS C 5 0.11 -22.22 46.98
N LYS C 6 -1.14 -22.66 46.94
CA LYS C 6 -1.76 -23.16 45.71
C LYS C 6 -3.10 -22.46 45.51
N THR C 7 -3.30 -21.92 44.31
CA THR C 7 -4.46 -21.09 44.04
C THR C 7 -5.16 -21.56 42.78
N ILE C 8 -6.46 -21.76 42.87
CA ILE C 8 -7.30 -22.01 41.70
C ILE C 8 -7.78 -20.69 41.14
N VAL C 9 -7.50 -20.45 39.87
CA VAL C 9 -8.13 -19.37 39.12
C VAL C 9 -9.30 -19.98 38.38
N TRP C 10 -10.51 -19.60 38.77
CA TRP C 10 -11.74 -20.17 38.20
C TRP C 10 -12.21 -19.24 37.08
N PHE C 11 -12.00 -19.66 35.84
CA PHE C 11 -12.44 -18.92 34.67
C PHE C 11 -13.91 -19.20 34.42
N ARG C 12 -14.72 -18.15 34.34
CA ARG C 12 -16.11 -18.31 33.92
C ARG C 12 -16.43 -17.56 32.64
N ARG C 13 -16.30 -16.24 32.62
CA ARG C 13 -16.60 -15.43 31.45
C ARG C 13 -15.58 -14.33 31.30
N ASP C 14 -14.31 -14.67 31.49
CA ASP C 14 -13.18 -13.75 31.46
C ASP C 14 -12.03 -14.38 30.69
N LEU C 15 -12.32 -14.88 29.50
CA LEU C 15 -11.40 -15.76 28.78
C LEU C 15 -10.31 -14.95 28.08
N ARG C 16 -9.38 -14.44 28.90
CA ARG C 16 -8.24 -13.67 28.45
C ARG C 16 -7.17 -13.73 29.53
N ILE C 17 -5.99 -13.21 29.23
CA ILE C 17 -4.92 -13.18 30.22
C ILE C 17 -4.44 -11.76 30.49
N GLU C 18 -4.61 -10.86 29.53
CA GLU C 18 -4.32 -9.44 29.76
C GLU C 18 -5.44 -8.81 30.55
N ASP C 19 -5.09 -7.96 31.52
CA ASP C 19 -6.02 -7.26 32.41
C ASP C 19 -6.96 -8.23 33.14
N ASN C 20 -6.42 -9.33 33.62
CA ASN C 20 -7.20 -10.31 34.36
C ASN C 20 -6.77 -10.25 35.82
N PRO C 21 -7.52 -9.57 36.69
CA PRO C 21 -7.03 -9.34 38.05
C PRO C 21 -7.02 -10.58 38.92
N ALA C 22 -7.80 -11.60 38.62
CA ALA C 22 -7.74 -12.83 39.40
C ALA C 22 -6.56 -13.70 39.01
N LEU C 23 -6.19 -13.70 37.74
CA LEU C 23 -5.00 -14.42 37.31
C LEU C 23 -3.73 -13.68 37.70
N ALA C 24 -3.75 -12.34 37.67
CA ALA C 24 -2.56 -11.57 38.01
C ALA C 24 -2.26 -11.62 39.50
N ALA C 25 -3.30 -11.64 40.33
CA ALA C 25 -3.08 -11.71 41.77
C ALA C 25 -2.61 -13.08 42.22
N ALA C 26 -3.06 -14.14 41.54
CA ALA C 26 -2.64 -15.47 41.93
C ALA C 26 -1.21 -15.76 41.51
N ALA C 27 -0.72 -15.08 40.48
CA ALA C 27 0.62 -15.32 39.97
C ALA C 27 1.70 -14.57 40.76
N HIS C 28 1.38 -14.00 41.92
CA HIS C 28 2.38 -13.35 42.75
C HIS C 28 2.98 -14.26 43.81
N GLU C 29 2.18 -15.11 44.45
CA GLU C 29 2.69 -15.87 45.59
C GLU C 29 3.28 -17.22 45.18
N GLY C 30 2.46 -18.12 44.67
CA GLY C 30 2.90 -19.50 44.52
C GLY C 30 2.36 -20.23 43.30
N SER C 31 1.78 -21.41 43.52
CA SER C 31 1.41 -22.30 42.44
C SER C 31 -0.01 -22.04 41.95
N VAL C 32 -0.18 -21.95 40.63
CA VAL C 32 -1.43 -21.57 39.99
C VAL C 32 -1.85 -22.70 39.05
N PHE C 33 -3.13 -23.04 39.07
CA PHE C 33 -3.65 -23.83 37.96
C PHE C 33 -5.07 -23.39 37.59
N PRO C 34 -5.35 -23.25 36.29
CA PRO C 34 -6.63 -22.70 35.85
C PRO C 34 -7.70 -23.75 35.65
N VAL C 35 -8.94 -23.36 35.93
CA VAL C 35 -10.08 -24.28 35.96
C VAL C 35 -11.27 -23.62 35.27
N PHE C 36 -11.87 -24.33 34.33
CA PHE C 36 -13.20 -24.01 33.81
C PHE C 36 -14.15 -25.14 34.20
N ILE C 37 -15.34 -24.78 34.68
CA ILE C 37 -16.34 -25.76 35.05
C ILE C 37 -17.61 -25.50 34.25
N TRP C 38 -17.99 -26.46 33.41
CA TRP C 38 -19.20 -26.37 32.62
C TRP C 38 -20.34 -26.93 33.44
N CYS C 39 -21.25 -26.06 33.84
CA CYS C 39 -22.38 -26.44 34.68
C CYS C 39 -23.60 -25.67 34.20
N PRO C 40 -24.21 -26.11 33.09
CA PRO C 40 -25.28 -25.31 32.50
C PRO C 40 -26.64 -25.52 33.13
N GLU C 41 -26.79 -26.48 34.06
CA GLU C 41 -28.11 -26.72 34.63
C GLU C 41 -28.46 -25.79 35.78
N GLU C 42 -27.49 -25.03 36.32
CA GLU C 42 -27.85 -24.02 37.32
C GLU C 42 -28.45 -22.76 36.70
N GLU C 43 -28.22 -22.53 35.40
CA GLU C 43 -28.81 -21.38 34.75
C GLU C 43 -30.30 -21.52 34.52
N GLY C 44 -30.83 -22.74 34.58
CA GLY C 44 -32.25 -22.95 34.41
C GLY C 44 -32.73 -22.70 32.99
N GLN C 45 -33.58 -21.69 32.81
CA GLN C 45 -34.05 -21.29 31.49
C GLN C 45 -33.03 -20.48 30.72
N PHE C 46 -31.97 -20.00 31.38
CA PHE C 46 -30.90 -19.28 30.73
C PHE C 46 -29.71 -20.16 30.42
N TYR C 47 -29.97 -21.44 30.17
CA TYR C 47 -29.04 -22.37 29.55
C TYR C 47 -28.48 -21.73 28.27
N PRO C 48 -27.17 -21.77 28.05
CA PRO C 48 -26.60 -21.10 26.87
C PRO C 48 -27.06 -21.74 25.56
N GLY C 49 -27.35 -20.88 24.59
CA GLY C 49 -27.93 -21.32 23.34
C GLY C 49 -26.93 -21.99 22.44
N ARG C 50 -27.41 -22.34 21.25
CA ARG C 50 -26.66 -23.20 20.35
C ARG C 50 -25.43 -22.49 19.77
N ALA C 51 -25.58 -21.23 19.37
CA ALA C 51 -24.46 -20.50 18.80
C ALA C 51 -23.48 -20.02 19.87
N SER C 52 -23.94 -19.82 21.10
CA SER C 52 -23.04 -19.42 22.18
C SER C 52 -22.15 -20.57 22.61
N ARG C 53 -22.70 -21.79 22.61
CA ARG C 53 -21.91 -22.96 22.97
C ARG C 53 -20.86 -23.30 21.92
N TRP C 54 -21.06 -22.88 20.68
CA TRP C 54 -20.01 -23.04 19.68
C TRP C 54 -18.85 -22.09 19.96
N TRP C 55 -19.14 -20.86 20.38
CA TRP C 55 -18.09 -19.87 20.61
C TRP C 55 -17.28 -20.20 21.86
N MET C 56 -17.91 -20.71 22.91
CA MET C 56 -17.18 -21.11 24.11
C MET C 56 -16.22 -22.23 23.82
N LYS C 57 -16.63 -23.16 22.98
CA LYS C 57 -15.80 -24.31 22.62
C LYS C 57 -14.56 -23.87 21.85
N GLN C 58 -14.70 -22.89 20.97
CA GLN C 58 -13.56 -22.43 20.18
C GLN C 58 -12.58 -21.60 20.98
N SER C 59 -13.07 -20.82 21.95
CA SER C 59 -12.19 -19.90 22.66
C SER C 59 -11.66 -20.48 23.96
N LEU C 60 -12.22 -21.57 24.47
CA LEU C 60 -11.57 -22.29 25.55
C LEU C 60 -10.32 -23.01 25.05
N ALA C 61 -10.38 -23.53 23.82
CA ALA C 61 -9.20 -24.14 23.21
C ALA C 61 -8.16 -23.11 22.86
N HIS C 62 -8.58 -21.88 22.55
CA HIS C 62 -7.66 -20.78 22.31
C HIS C 62 -6.99 -20.33 23.60
N LEU C 63 -7.74 -20.34 24.71
CA LEU C 63 -7.20 -19.94 26.00
C LEU C 63 -6.30 -21.02 26.59
N SER C 64 -6.57 -22.29 26.29
CA SER C 64 -5.80 -23.38 26.88
C SER C 64 -4.38 -23.43 26.34
N GLN C 65 -4.21 -23.15 25.05
CA GLN C 65 -2.86 -23.16 24.47
C GLN C 65 -2.06 -21.92 24.86
N SER C 66 -2.73 -20.81 25.15
CA SER C 66 -2.02 -19.60 25.56
C SER C 66 -1.60 -19.68 27.02
N LEU C 67 -2.33 -20.42 27.84
CA LEU C 67 -1.87 -20.68 29.19
C LEU C 67 -0.75 -21.71 29.22
N LYS C 68 -0.68 -22.57 28.21
CA LYS C 68 0.43 -23.52 28.11
C LYS C 68 1.72 -22.80 27.72
N ALA C 69 1.62 -21.78 26.88
CA ALA C 69 2.80 -20.99 26.51
C ALA C 69 3.30 -20.13 27.67
N LEU C 70 2.47 -19.86 28.67
CA LEU C 70 2.92 -19.32 29.93
C LEU C 70 3.29 -20.39 30.93
N GLY C 71 3.14 -21.66 30.58
CA GLY C 71 3.50 -22.76 31.45
C GLY C 71 2.46 -23.23 32.46
N SER C 72 1.30 -23.70 32.01
CA SER C 72 0.30 -24.35 32.87
C SER C 72 -0.54 -25.30 32.02
N ASP C 73 -1.74 -25.66 32.52
CA ASP C 73 -2.72 -26.46 31.78
C ASP C 73 -4.12 -26.21 32.35
N LEU C 74 -5.12 -26.09 31.47
CA LEU C 74 -6.48 -25.74 31.87
C LEU C 74 -7.31 -26.98 32.19
N THR C 75 -7.83 -27.06 33.42
CA THR C 75 -8.56 -28.22 33.92
C THR C 75 -10.06 -28.02 33.73
N LEU C 76 -10.73 -29.02 33.16
CA LEU C 76 -12.16 -28.93 32.87
C LEU C 76 -12.94 -29.96 33.69
N ILE C 77 -14.11 -29.55 34.17
CA ILE C 77 -14.97 -30.36 35.03
C ILE C 77 -16.41 -30.11 34.61
N LYS C 78 -17.20 -31.18 34.53
CA LYS C 78 -18.61 -31.08 34.19
C LYS C 78 -19.44 -31.60 35.36
N THR C 79 -20.35 -30.76 35.87
CA THR C 79 -21.19 -31.14 37.00
C THR C 79 -22.54 -30.47 36.80
N HIS C 80 -23.54 -30.92 37.54
CA HIS C 80 -24.84 -30.25 37.64
C HIS C 80 -24.89 -29.31 38.82
N ASN C 81 -23.77 -29.14 39.52
CA ASN C 81 -23.70 -28.25 40.68
C ASN C 81 -22.25 -27.82 40.82
N THR C 82 -21.94 -26.58 40.45
CA THR C 82 -20.54 -26.16 40.38
C THR C 82 -19.94 -25.91 41.75
N ILE C 83 -20.75 -25.76 42.80
CA ILE C 83 -20.20 -25.50 44.12
C ILE C 83 -19.65 -26.78 44.73
N SER C 84 -20.17 -27.94 44.32
CA SER C 84 -19.64 -29.22 44.71
C SER C 84 -18.48 -29.65 43.83
N ALA C 85 -18.23 -28.93 42.74
CA ALA C 85 -17.23 -29.31 41.77
C ALA C 85 -15.87 -28.65 42.01
N ILE C 86 -15.85 -27.35 42.39
CA ILE C 86 -14.58 -26.74 42.76
C ILE C 86 -14.10 -27.27 44.10
N LEU C 87 -15.03 -27.65 44.98
CA LEU C 87 -14.64 -28.20 46.26
C LEU C 87 -14.01 -29.58 46.09
N ASP C 88 -14.48 -30.34 45.12
CA ASP C 88 -13.84 -31.60 44.77
C ASP C 88 -12.53 -31.39 44.03
N CYS C 89 -12.36 -30.23 43.38
CA CYS C 89 -11.08 -29.92 42.74
C CYS C 89 -10.04 -29.46 43.75
N ILE C 90 -10.48 -28.88 44.87
CA ILE C 90 -9.58 -28.46 45.93
C ILE C 90 -9.01 -29.68 46.65
N ARG C 91 -9.87 -30.65 46.96
CA ARG C 91 -9.46 -31.86 47.65
C ARG C 91 -8.49 -32.72 46.83
N VAL C 92 -8.54 -32.63 45.51
CA VAL C 92 -7.61 -33.37 44.67
C VAL C 92 -6.24 -32.71 44.68
N THR C 93 -6.20 -31.42 44.35
CA THR C 93 -4.94 -30.71 44.16
C THR C 93 -4.34 -30.17 45.45
N GLY C 94 -5.09 -30.18 46.54
CA GLY C 94 -4.60 -29.65 47.80
C GLY C 94 -4.42 -28.15 47.78
N ALA C 95 -5.39 -27.44 47.24
CA ALA C 95 -5.33 -26.00 47.08
C ALA C 95 -5.88 -25.30 48.31
N THR C 96 -5.43 -24.07 48.53
CA THR C 96 -5.82 -23.30 49.69
C THR C 96 -6.68 -22.09 49.37
N LYS C 97 -6.57 -21.54 48.16
CA LYS C 97 -7.31 -20.35 47.76
C LYS C 97 -8.07 -20.61 46.48
N VAL C 98 -9.16 -19.86 46.29
CA VAL C 98 -9.89 -19.80 45.03
C VAL C 98 -10.10 -18.33 44.70
N VAL C 99 -9.61 -17.90 43.54
CA VAL C 99 -9.83 -16.54 43.06
C VAL C 99 -10.64 -16.58 41.78
N PHE C 100 -11.55 -15.64 41.62
CA PHE C 100 -12.37 -15.52 40.41
C PHE C 100 -12.78 -14.07 40.25
N ASN C 101 -13.52 -13.79 39.18
CA ASN C 101 -13.99 -12.45 38.86
C ASN C 101 -15.50 -12.38 38.99
N HIS C 102 -16.01 -11.18 39.30
CA HIS C 102 -17.43 -10.96 39.55
C HIS C 102 -18.27 -11.16 38.29
N LEU C 103 -19.54 -11.47 38.51
CA LEU C 103 -20.57 -11.39 37.48
C LEU C 103 -21.79 -10.75 38.11
N TYR C 104 -22.69 -10.23 37.28
CA TYR C 104 -23.73 -9.33 37.77
C TYR C 104 -25.14 -9.71 37.34
N ASP C 105 -25.31 -10.75 36.52
CA ASP C 105 -26.63 -11.26 36.20
C ASP C 105 -27.26 -11.89 37.44
N PRO C 106 -28.59 -11.88 37.57
CA PRO C 106 -29.20 -12.24 38.87
C PRO C 106 -29.12 -13.72 39.21
N VAL C 107 -28.81 -14.59 38.26
CA VAL C 107 -28.61 -15.99 38.59
C VAL C 107 -27.24 -16.20 39.24
N SER C 108 -26.21 -15.56 38.70
CA SER C 108 -24.86 -15.75 39.21
C SER C 108 -24.61 -14.98 40.49
N LEU C 109 -25.44 -14.00 40.82
CA LEU C 109 -25.25 -13.26 42.07
C LEU C 109 -25.63 -14.10 43.27
N VAL C 110 -26.75 -14.82 43.20
CA VAL C 110 -27.14 -15.70 44.29
C VAL C 110 -26.35 -17.00 44.28
N ARG C 111 -25.75 -17.36 43.15
CA ARG C 111 -24.91 -18.55 43.10
C ARG C 111 -23.53 -18.27 43.71
N ASP C 112 -22.99 -17.07 43.46
CA ASP C 112 -21.71 -16.72 44.05
C ASP C 112 -21.83 -16.40 45.53
N HIS C 113 -23.01 -15.96 45.97
CA HIS C 113 -23.23 -15.73 47.39
C HIS C 113 -23.21 -17.02 48.17
N THR C 114 -23.67 -18.12 47.58
CA THR C 114 -23.70 -19.41 48.25
C THR C 114 -22.37 -20.14 48.24
N VAL C 115 -21.55 -19.96 47.21
CA VAL C 115 -20.27 -20.66 47.14
C VAL C 115 -19.27 -20.08 48.12
N LYS C 116 -19.47 -18.84 48.56
CA LYS C 116 -18.60 -18.29 49.60
C LYS C 116 -18.89 -18.95 50.94
N GLU C 117 -20.15 -19.10 51.30
CA GLU C 117 -20.47 -19.82 52.54
C GLU C 117 -20.23 -21.32 52.41
N LYS C 118 -20.17 -21.86 51.21
CA LYS C 118 -19.90 -23.29 51.06
C LYS C 118 -18.44 -23.62 51.34
N LEU C 119 -17.54 -22.65 51.21
CA LEU C 119 -16.12 -22.93 51.25
C LEU C 119 -15.39 -22.41 52.48
N VAL C 120 -16.04 -21.62 53.35
CA VAL C 120 -15.47 -21.43 54.68
C VAL C 120 -15.87 -22.57 55.63
N GLU C 121 -16.77 -23.45 55.21
CA GLU C 121 -16.93 -24.71 55.93
C GLU C 121 -15.69 -25.58 55.83
N ARG C 122 -14.94 -25.48 54.74
CA ARG C 122 -13.68 -26.19 54.60
C ARG C 122 -12.47 -25.31 54.84
N GLY C 123 -12.67 -24.06 55.24
CA GLY C 123 -11.55 -23.19 55.57
C GLY C 123 -10.72 -22.75 54.38
N ILE C 124 -11.36 -22.43 53.27
CA ILE C 124 -10.69 -22.01 52.04
C ILE C 124 -10.94 -20.51 51.86
N SER C 125 -9.87 -19.74 51.68
CA SER C 125 -10.00 -18.31 51.46
C SER C 125 -10.44 -18.04 50.03
N VAL C 126 -11.53 -17.27 49.88
CA VAL C 126 -12.13 -16.99 48.59
C VAL C 126 -12.03 -15.49 48.33
N GLN C 127 -11.42 -15.12 47.20
CA GLN C 127 -11.29 -13.72 46.80
C GLN C 127 -11.94 -13.51 45.44
N SER C 128 -12.73 -12.47 45.30
CA SER C 128 -13.36 -12.12 44.03
C SER C 128 -12.93 -10.73 43.60
N TYR C 129 -12.89 -10.51 42.29
CA TYR C 129 -12.30 -9.32 41.68
C TYR C 129 -13.26 -8.72 40.67
N ASN C 130 -12.95 -7.50 40.25
CA ASN C 130 -13.70 -6.80 39.22
C ASN C 130 -12.94 -6.87 37.92
N GLY C 131 -13.51 -7.54 36.92
CA GLY C 131 -12.85 -7.65 35.63
C GLY C 131 -13.69 -7.19 34.46
N ASP C 132 -14.95 -6.79 34.72
CA ASP C 132 -15.91 -6.53 33.65
C ASP C 132 -16.36 -5.09 33.52
N LEU C 133 -16.25 -4.27 34.55
CA LEU C 133 -16.86 -2.96 34.58
C LEU C 133 -15.82 -1.87 34.76
N LEU C 134 -16.21 -0.63 34.45
CA LEU C 134 -15.36 0.51 34.74
C LEU C 134 -15.41 0.86 36.22
N TYR C 135 -16.62 1.03 36.76
CA TYR C 135 -16.84 1.17 38.18
C TYR C 135 -17.84 0.12 38.63
N GLU C 136 -17.83 -0.16 39.90
CA GLU C 136 -18.82 -1.08 40.46
C GLU C 136 -20.14 -0.35 40.66
N PRO C 137 -21.28 -1.05 40.52
CA PRO C 137 -22.57 -0.36 40.58
C PRO C 137 -22.95 0.19 41.95
N TRP C 138 -22.22 -0.14 43.02
CA TRP C 138 -22.43 0.48 44.32
C TRP C 138 -21.52 1.68 44.54
N GLU C 139 -21.02 2.28 43.47
CA GLU C 139 -20.19 3.47 43.55
C GLU C 139 -20.78 4.67 42.84
N ILE C 140 -21.77 4.47 41.97
CA ILE C 140 -22.38 5.54 41.20
C ILE C 140 -23.73 5.82 41.82
N TYR C 141 -23.85 6.94 42.53
CA TYR C 141 -25.08 7.32 43.19
C TYR C 141 -25.48 8.73 42.78
N CYS C 142 -26.63 9.14 43.28
CA CYS C 142 -27.14 10.49 43.09
C CYS C 142 -26.64 11.36 44.25
N GLU C 143 -27.21 12.56 44.39
CA GLU C 143 -26.77 13.48 45.44
C GLU C 143 -27.19 13.00 46.82
N LYS C 144 -28.33 12.32 46.92
CA LYS C 144 -28.80 11.75 48.17
C LYS C 144 -28.26 10.35 48.44
N GLY C 145 -27.44 9.82 47.54
CA GLY C 145 -26.89 8.50 47.72
C GLY C 145 -27.78 7.37 47.26
N LYS C 146 -28.66 7.62 46.29
CA LYS C 146 -29.59 6.64 45.78
C LYS C 146 -29.27 6.33 44.32
N PRO C 147 -29.60 5.14 43.84
CA PRO C 147 -29.28 4.79 42.44
C PRO C 147 -30.13 5.56 41.45
N PHE C 148 -29.59 5.70 40.24
CA PHE C 148 -30.24 6.39 39.14
C PHE C 148 -31.35 5.52 38.54
N THR C 149 -32.15 6.14 37.67
CA THR C 149 -33.21 5.44 36.95
C THR C 149 -33.23 5.73 35.45
N SER C 150 -32.39 6.65 34.96
CA SER C 150 -32.28 6.93 33.54
C SER C 150 -30.83 6.76 33.12
N PHE C 151 -30.61 6.66 31.81
CA PHE C 151 -29.25 6.38 31.36
C PHE C 151 -28.37 7.63 31.37
N ASN C 152 -28.85 8.73 30.80
CA ASN C 152 -27.98 9.90 30.69
C ASN C 152 -27.82 10.62 32.02
N SER C 153 -28.73 10.40 32.98
CA SER C 153 -28.44 10.80 34.35
C SER C 153 -27.31 9.94 34.93
N TYR C 154 -27.24 8.68 34.54
CA TYR C 154 -26.24 7.77 35.07
C TYR C 154 -24.88 7.97 34.40
N TRP C 155 -24.86 8.27 33.10
CA TRP C 155 -23.61 8.35 32.37
C TRP C 155 -22.92 9.70 32.56
N LYS C 156 -23.64 10.75 32.93
CA LYS C 156 -22.99 12.00 33.26
C LYS C 156 -22.32 11.96 34.63
N LYS C 157 -22.64 10.97 35.47
CA LYS C 157 -21.95 10.79 36.73
C LYS C 157 -20.69 9.95 36.57
N CYS C 158 -20.72 8.94 35.69
CA CYS C 158 -19.56 8.08 35.47
C CYS C 158 -18.41 8.81 34.80
N LEU C 159 -18.69 9.87 34.05
CA LEU C 159 -17.64 10.67 33.43
C LEU C 159 -17.10 11.74 34.37
N ASP C 160 -17.52 11.77 35.62
CA ASP C 160 -17.08 12.74 36.60
C ASP C 160 -16.92 12.09 37.98
N MET C 161 -16.22 10.96 38.03
CA MET C 161 -16.29 10.06 39.17
C MET C 161 -15.12 10.16 40.14
N SER C 162 -14.18 11.09 39.91
CA SER C 162 -13.00 11.39 40.73
C SER C 162 -11.96 10.26 40.78
N ILE C 163 -12.15 9.16 40.06
CA ILE C 163 -11.21 8.04 39.96
C ILE C 163 -11.38 7.39 38.59
N GLU C 164 -10.50 6.43 38.29
CA GLU C 164 -10.63 5.51 37.16
C GLU C 164 -9.66 4.35 37.41
N SER C 165 -10.02 3.16 36.91
CA SER C 165 -9.23 1.95 37.15
C SER C 165 -8.22 1.72 36.01
N VAL C 166 -7.27 0.82 36.28
CA VAL C 166 -6.06 0.71 35.48
C VAL C 166 -6.02 -0.63 34.75
N MET C 167 -5.00 -0.80 33.90
CA MET C 167 -4.80 -1.98 33.07
C MET C 167 -3.62 -2.77 33.59
N LEU C 168 -3.87 -3.96 34.08
CA LEU C 168 -2.78 -4.78 34.59
C LEU C 168 -2.05 -5.49 33.45
N PRO C 169 -0.72 -5.54 33.48
CA PRO C 169 0.00 -6.37 32.52
C PRO C 169 -0.19 -7.85 32.85
N PRO C 170 -0.06 -8.73 31.86
CA PRO C 170 -0.18 -10.17 32.12
C PRO C 170 0.99 -10.67 32.93
N PRO C 171 0.86 -11.81 33.60
CA PRO C 171 2.00 -12.38 34.34
C PRO C 171 3.09 -12.87 33.39
N TRP C 172 4.30 -12.94 33.93
CA TRP C 172 5.46 -13.33 33.13
C TRP C 172 5.61 -14.84 33.06
N ARG C 173 5.15 -15.57 34.08
CA ARG C 173 5.28 -17.01 34.14
C ARG C 173 4.28 -17.53 35.15
N LEU C 174 3.77 -18.74 34.90
CA LEU C 174 2.91 -19.45 35.83
C LEU C 174 3.58 -20.74 36.25
N MET C 175 3.14 -21.28 37.39
CA MET C 175 3.74 -22.48 37.98
C MET C 175 2.68 -23.44 38.46
N PRO C 176 2.51 -24.58 37.79
CA PRO C 176 1.94 -25.76 38.47
C PRO C 176 3.01 -26.78 38.84
N ILE C 177 2.63 -27.85 39.52
CA ILE C 177 3.53 -28.97 39.72
C ILE C 177 2.85 -30.28 39.33
N THR C 178 2.00 -30.23 38.31
CA THR C 178 1.27 -31.40 37.85
C THR C 178 2.17 -32.37 37.10
N SER C 188 -9.33 -34.41 34.55
CA SER C 188 -10.02 -33.50 33.60
C SER C 188 -11.02 -34.27 32.74
N ILE C 189 -12.14 -33.62 32.39
CA ILE C 189 -13.20 -34.26 31.56
C ILE C 189 -13.19 -33.60 30.19
N GLU C 190 -13.77 -34.24 29.18
CA GLU C 190 -13.86 -33.62 27.83
C GLU C 190 -14.76 -32.39 27.87
N GLU C 191 -15.95 -32.51 28.47
CA GLU C 191 -16.83 -31.32 28.63
C GLU C 191 -17.15 -30.84 27.23
N LEU C 192 -16.55 -31.47 26.23
CA LEU C 192 -16.75 -31.08 24.82
C LEU C 192 -18.22 -31.24 24.48
N GLY C 193 -19.01 -31.71 25.43
CA GLY C 193 -20.45 -31.73 25.15
C GLY C 193 -20.66 -30.24 25.11
N LEU C 194 -20.75 -29.66 23.91
CA LEU C 194 -21.02 -28.21 23.78
C LEU C 194 -21.75 -28.16 22.44
N GLU C 195 -21.94 -29.29 21.80
CA GLU C 195 -22.60 -29.36 20.46
C GLU C 195 -23.17 -30.75 20.20
N ASN C 196 -24.26 -30.83 19.45
CA ASN C 196 -24.86 -32.13 19.02
C ASN C 196 -24.16 -32.53 17.72
N GLU C 197 -24.18 -33.82 17.36
CA GLU C 197 -23.41 -34.30 16.21
C GLU C 197 -24.14 -34.01 14.91
N ALA C 198 -25.45 -33.76 14.97
CA ALA C 198 -26.17 -33.35 13.77
C ALA C 198 -25.97 -31.88 13.47
N GLU C 199 -25.92 -31.04 14.50
CA GLU C 199 -25.74 -29.60 14.36
C GLU C 199 -24.28 -29.20 14.20
N LYS C 200 -23.36 -30.17 14.22
CA LYS C 200 -21.93 -29.84 14.20
C LYS C 200 -21.42 -29.26 12.88
N PRO C 201 -21.75 -29.79 11.68
CA PRO C 201 -21.20 -29.16 10.47
C PRO C 201 -21.89 -27.87 10.07
N SER C 202 -23.11 -27.62 10.52
CA SER C 202 -23.75 -26.35 10.25
C SER C 202 -23.27 -25.27 11.21
N ASN C 203 -22.83 -25.66 12.41
CA ASN C 203 -22.23 -24.70 13.34
C ASN C 203 -20.87 -24.23 12.87
N ALA C 204 -20.11 -25.10 12.20
CA ALA C 204 -18.77 -24.76 11.76
C ALA C 204 -18.74 -23.73 10.65
N LEU C 205 -19.86 -23.50 9.97
CA LEU C 205 -19.95 -22.49 8.94
C LEU C 205 -20.05 -21.07 9.50
N LEU C 206 -20.14 -20.91 10.82
CA LEU C 206 -20.07 -19.61 11.44
C LEU C 206 -18.67 -19.01 11.41
N THR C 207 -17.65 -19.81 11.08
CA THR C 207 -16.26 -19.39 11.00
C THR C 207 -15.97 -18.60 9.73
N ARG C 208 -16.91 -18.55 8.79
CA ARG C 208 -16.77 -17.68 7.63
C ARG C 208 -16.83 -16.22 8.00
N ALA C 209 -17.45 -15.88 9.13
CA ALA C 209 -17.57 -14.50 9.57
C ALA C 209 -16.86 -14.19 10.88
N TRP C 210 -16.58 -15.19 11.72
CA TRP C 210 -16.10 -14.96 13.07
C TRP C 210 -14.92 -15.85 13.40
N SER C 211 -14.10 -15.39 14.35
CA SER C 211 -12.95 -16.14 14.84
C SER C 211 -12.78 -15.84 16.33
N PRO C 212 -13.17 -16.76 17.20
CA PRO C 212 -13.07 -16.51 18.64
C PRO C 212 -11.64 -16.58 19.15
N GLY C 213 -11.45 -16.07 20.36
CA GLY C 213 -10.15 -16.03 21.01
C GLY C 213 -9.71 -14.63 21.38
N TRP C 214 -8.92 -14.48 22.44
CA TRP C 214 -8.52 -13.15 22.88
C TRP C 214 -7.51 -12.52 21.95
N SER C 215 -6.75 -13.31 21.20
CA SER C 215 -5.78 -12.74 20.25
C SER C 215 -6.47 -12.12 19.06
N ASN C 216 -7.66 -12.58 18.73
CA ASN C 216 -8.44 -11.99 17.65
C ASN C 216 -9.27 -10.81 18.10
N ALA C 217 -9.62 -10.74 19.39
CA ALA C 217 -10.26 -9.56 19.94
C ALA C 217 -9.33 -8.37 19.95
N ASP C 218 -8.03 -8.60 20.11
CA ASP C 218 -7.05 -7.53 20.07
C ASP C 218 -6.83 -7.01 18.65
N LYS C 219 -6.95 -7.87 17.65
CA LYS C 219 -6.77 -7.44 16.28
C LYS C 219 -7.98 -6.70 15.75
N LEU C 220 -9.16 -6.98 16.28
CA LEU C 220 -10.35 -6.24 15.88
C LEU C 220 -10.51 -4.91 16.59
N LEU C 221 -9.86 -4.72 17.74
CA LEU C 221 -9.86 -3.40 18.35
C LEU C 221 -8.89 -2.47 17.62
N ASN C 222 -7.74 -2.98 17.17
CA ASN C 222 -6.82 -2.18 16.38
C ASN C 222 -7.40 -1.83 15.03
N GLU C 223 -8.14 -2.78 14.43
CA GLU C 223 -8.71 -2.57 13.11
C GLU C 223 -9.81 -1.54 13.13
N PHE C 224 -10.52 -1.40 14.26
CA PHE C 224 -11.59 -0.42 14.35
C PHE C 224 -11.07 0.97 14.70
N ILE C 225 -10.08 1.04 15.58
CA ILE C 225 -9.49 2.31 16.00
C ILE C 225 -8.81 2.99 14.83
N GLU C 226 -8.20 2.20 13.95
CA GLU C 226 -7.45 2.76 12.83
C GLU C 226 -8.26 2.92 11.56
N LYS C 227 -9.44 2.33 11.43
CA LYS C 227 -10.18 2.49 10.18
C LYS C 227 -11.47 3.27 10.31
N GLN C 228 -12.44 2.83 11.10
CA GLN C 228 -13.77 3.41 11.01
C GLN C 228 -14.28 4.00 12.32
N LEU C 229 -13.44 4.11 13.35
CA LEU C 229 -13.79 4.92 14.51
C LEU C 229 -13.93 6.39 14.15
N ILE C 230 -13.21 6.82 13.11
CA ILE C 230 -13.21 8.21 12.66
C ILE C 230 -14.59 8.62 12.18
N ASP C 231 -15.26 7.74 11.42
CA ASP C 231 -16.52 8.03 10.76
C ASP C 231 -17.73 7.56 11.55
N TYR C 232 -17.55 7.22 12.84
CA TYR C 232 -18.60 6.58 13.61
C TYR C 232 -19.79 7.51 13.88
N ALA C 233 -19.54 8.81 14.03
CA ALA C 233 -20.64 9.71 14.39
C ALA C 233 -21.59 9.98 13.22
N LYS C 234 -21.18 9.70 12.00
CA LYS C 234 -22.04 9.83 10.85
C LYS C 234 -22.47 8.51 10.24
N ASN C 235 -21.89 7.39 10.65
CA ASN C 235 -22.15 6.11 10.03
C ASN C 235 -22.72 5.04 10.94
N SER C 236 -22.88 5.31 12.25
CA SER C 236 -23.27 4.25 13.18
C SER C 236 -24.72 3.82 13.05
N LYS C 237 -25.51 4.46 12.20
CA LYS C 237 -26.88 4.04 11.95
C LYS C 237 -27.05 3.39 10.59
N LYS C 238 -26.00 3.36 9.77
CA LYS C 238 -26.06 2.72 8.46
C LYS C 238 -25.73 1.25 8.58
N VAL C 239 -26.57 0.40 8.00
CA VAL C 239 -26.34 -1.03 8.02
C VAL C 239 -25.59 -1.49 6.77
N VAL C 240 -25.61 -0.70 5.70
CA VAL C 240 -24.67 -0.91 4.60
C VAL C 240 -23.26 -0.60 5.08
N GLY C 241 -22.33 -1.49 4.78
CA GLY C 241 -20.96 -1.30 5.22
C GLY C 241 -20.70 -1.71 6.65
N ASN C 242 -19.45 -2.00 6.98
CA ASN C 242 -19.06 -2.34 8.34
C ASN C 242 -18.69 -1.05 9.06
N SER C 243 -19.69 -0.40 9.65
CA SER C 243 -19.51 0.89 10.26
C SER C 243 -19.36 0.84 11.78
N THR C 244 -19.64 -0.30 12.39
CA THR C 244 -19.50 -0.47 13.83
C THR C 244 -18.31 -1.38 14.10
N SER C 245 -18.05 -1.66 15.38
CA SER C 245 -16.78 -2.28 15.74
C SER C 245 -16.78 -3.79 15.63
N LEU C 246 -17.95 -4.43 15.70
CA LEU C 246 -18.12 -5.89 15.71
C LEU C 246 -17.34 -6.54 16.84
N LEU C 247 -17.47 -5.96 18.03
CA LEU C 247 -16.73 -6.39 19.19
C LEU C 247 -17.60 -7.09 20.23
N SER C 248 -18.91 -7.14 20.03
CA SER C 248 -19.81 -7.58 21.09
C SER C 248 -19.73 -9.05 21.50
N PRO C 249 -19.42 -10.04 20.65
CA PRO C 249 -19.17 -11.37 21.22
C PRO C 249 -17.82 -11.50 21.90
N TYR C 250 -16.86 -10.62 21.61
CA TYR C 250 -15.62 -10.59 22.36
C TYR C 250 -15.81 -9.95 23.72
N LEU C 251 -16.64 -8.92 23.79
CA LEU C 251 -16.92 -8.26 25.06
C LEU C 251 -17.86 -9.06 25.94
N HIS C 252 -18.66 -9.95 25.38
CA HIS C 252 -19.55 -10.75 26.21
C HIS C 252 -18.80 -11.85 26.95
N PHE C 253 -17.88 -12.52 26.27
CA PHE C 253 -17.11 -13.59 26.87
C PHE C 253 -15.86 -13.10 27.57
N GLY C 254 -15.63 -11.80 27.60
CA GLY C 254 -14.50 -11.24 28.32
C GLY C 254 -13.16 -11.53 27.69
N GLU C 255 -13.09 -11.55 26.38
CA GLU C 255 -11.82 -11.76 25.69
C GLU C 255 -11.10 -10.46 25.41
N ILE C 256 -11.79 -9.34 25.53
CA ILE C 256 -11.18 -8.02 25.47
C ILE C 256 -11.63 -7.28 26.71
N SER C 257 -10.70 -6.55 27.32
CA SER C 257 -11.01 -5.80 28.53
C SER C 257 -11.69 -4.49 28.16
N VAL C 258 -12.68 -4.10 28.95
CA VAL C 258 -13.42 -2.89 28.63
C VAL C 258 -12.70 -1.65 29.14
N ARG C 259 -11.78 -1.80 30.09
CA ARG C 259 -10.94 -0.68 30.51
C ARG C 259 -9.81 -0.46 29.53
N HIS C 260 -9.43 -1.51 28.81
CA HIS C 260 -8.46 -1.42 27.73
C HIS C 260 -9.03 -0.65 26.54
N VAL C 261 -10.35 -0.77 26.31
CA VAL C 261 -11.00 -0.04 25.23
C VAL C 261 -11.14 1.43 25.60
N PHE C 262 -11.50 1.71 26.86
CA PHE C 262 -11.70 3.07 27.33
C PHE C 262 -10.40 3.87 27.35
N GLN C 263 -9.28 3.22 27.66
CA GLN C 263 -7.98 3.87 27.66
C GLN C 263 -7.55 4.24 26.24
N CYS C 264 -7.69 3.31 25.30
CA CYS C 264 -7.19 3.52 23.94
C CYS C 264 -8.06 4.52 23.18
N ALA C 265 -9.36 4.56 23.46
CA ALA C 265 -10.22 5.51 22.76
C ALA C 265 -10.06 6.93 23.29
N ARG C 266 -9.74 7.08 24.58
CA ARG C 266 -9.49 8.40 25.12
C ARG C 266 -8.10 8.92 24.78
N MET C 267 -7.22 8.08 24.26
CA MET C 267 -5.94 8.53 23.75
C MET C 267 -6.01 8.96 22.30
N LYS C 268 -6.86 8.32 21.49
CA LYS C 268 -7.11 8.82 20.13
C LYS C 268 -7.87 10.12 20.15
N GLN C 269 -8.66 10.36 21.20
CA GLN C 269 -9.47 11.57 21.27
C GLN C 269 -8.62 12.81 21.55
N ILE C 270 -7.48 12.66 22.24
CA ILE C 270 -6.66 13.84 22.50
C ILE C 270 -5.77 14.15 21.30
N ILE C 271 -5.45 13.16 20.47
CA ILE C 271 -4.68 13.43 19.26
C ILE C 271 -5.54 14.13 18.23
N TRP C 272 -6.81 13.73 18.11
CA TRP C 272 -7.70 14.37 17.16
C TRP C 272 -8.15 15.74 17.62
N ALA C 273 -8.22 15.98 18.93
CA ALA C 273 -8.49 17.33 19.40
C ALA C 273 -7.31 18.26 19.19
N ARG C 274 -6.10 17.72 19.10
CA ARG C 274 -4.91 18.51 18.84
C ARG C 274 -4.65 18.71 17.35
N ASP C 275 -5.42 18.09 16.49
CA ASP C 275 -5.42 18.39 15.07
C ASP C 275 -6.64 19.19 14.65
N LYS C 276 -7.51 19.51 15.61
CA LYS C 276 -8.81 20.16 15.41
C LYS C 276 -9.69 19.37 14.43
N ASN C 277 -9.62 18.04 14.53
CA ASN C 277 -10.50 17.13 13.81
C ASN C 277 -11.76 16.98 14.66
N SER C 278 -12.70 17.89 14.48
CA SER C 278 -13.85 17.96 15.39
C SER C 278 -14.86 16.86 15.12
N GLU C 279 -14.84 16.23 13.94
CA GLU C 279 -15.76 15.15 13.67
C GLU C 279 -15.22 13.81 14.17
N GLY C 280 -13.92 13.57 14.01
CA GLY C 280 -13.29 12.39 14.59
C GLY C 280 -13.31 12.42 16.10
N GLU C 281 -13.29 13.61 16.70
CA GLU C 281 -13.37 13.73 18.15
C GLU C 281 -14.79 13.51 18.64
N GLU C 282 -15.79 13.93 17.86
CA GLU C 282 -17.19 13.71 18.21
C GLU C 282 -17.57 12.23 18.07
N SER C 283 -16.91 11.52 17.16
CA SER C 283 -17.13 10.09 17.00
C SER C 283 -16.61 9.31 18.19
N ALA C 284 -15.48 9.73 18.77
CA ALA C 284 -14.91 9.05 19.93
C ALA C 284 -15.77 9.27 21.17
N ASP C 285 -16.55 10.33 21.21
CA ASP C 285 -17.45 10.58 22.33
C ASP C 285 -18.70 9.73 22.23
N LEU C 286 -19.19 9.48 21.02
CA LEU C 286 -20.39 8.67 20.82
C LEU C 286 -20.10 7.18 20.91
N PHE C 287 -18.87 6.76 20.61
CA PHE C 287 -18.54 5.35 20.76
C PHE C 287 -18.42 4.96 22.22
N LEU C 288 -17.93 5.86 23.07
CA LEU C 288 -17.86 5.56 24.50
C LEU C 288 -19.23 5.60 25.14
N ARG C 289 -20.20 6.29 24.54
CA ARG C 289 -21.56 6.25 25.02
C ARG C 289 -22.20 4.88 24.78
N GLY C 290 -21.78 4.19 23.71
CA GLY C 290 -22.25 2.83 23.48
C GLY C 290 -21.67 1.84 24.47
N ILE C 291 -20.43 2.05 24.90
CA ILE C 291 -19.83 1.24 25.96
C ILE C 291 -20.51 1.50 27.29
N GLY C 292 -20.97 2.73 27.53
CA GLY C 292 -21.72 3.04 28.73
C GLY C 292 -23.09 2.42 28.80
N LEU C 293 -23.67 2.04 27.66
CA LEU C 293 -24.90 1.29 27.65
C LEU C 293 -24.69 -0.14 28.12
N ARG C 294 -23.50 -0.69 27.88
CA ARG C 294 -23.15 -1.98 28.45
C ARG C 294 -22.95 -1.89 29.95
N GLU C 295 -22.40 -0.76 30.42
CA GLU C 295 -22.28 -0.51 31.86
C GLU C 295 -23.62 -0.31 32.52
N TYR C 296 -24.56 0.31 31.81
CA TYR C 296 -25.85 0.61 32.40
C TYR C 296 -26.74 -0.62 32.49
N SER C 297 -26.54 -1.60 31.61
CA SER C 297 -27.33 -2.82 31.66
C SER C 297 -26.99 -3.66 32.88
N ARG C 298 -25.73 -3.64 33.30
CA ARG C 298 -25.34 -4.27 34.56
C ARG C 298 -25.77 -3.47 35.77
N TYR C 299 -25.99 -2.17 35.59
CA TYR C 299 -26.38 -1.29 36.69
C TYR C 299 -27.82 -1.55 37.12
N ILE C 300 -28.77 -1.51 36.18
CA ILE C 300 -30.16 -1.73 36.55
C ILE C 300 -30.46 -3.20 36.81
N CYS C 301 -29.61 -4.11 36.33
CA CYS C 301 -29.74 -5.50 36.71
C CYS C 301 -29.35 -5.73 38.16
N PHE C 302 -28.37 -4.96 38.65
CA PHE C 302 -27.94 -5.09 40.04
C PHE C 302 -28.93 -4.46 41.00
N ASN C 303 -29.52 -3.33 40.61
CA ASN C 303 -30.37 -2.56 41.49
C ASN C 303 -31.85 -2.96 41.40
N PHE C 304 -32.36 -3.20 40.18
CA PHE C 304 -33.73 -3.67 39.98
C PHE C 304 -33.67 -5.03 39.30
N PRO C 305 -33.41 -6.11 40.06
CA PRO C 305 -33.31 -7.43 39.44
C PRO C 305 -34.67 -8.05 39.13
N SER C 311 -43.03 -11.28 35.31
CA SER C 311 -41.62 -11.64 35.41
C SER C 311 -40.73 -10.47 35.02
N LEU C 312 -40.37 -10.39 33.74
CA LEU C 312 -39.51 -9.33 33.23
C LEU C 312 -40.31 -8.16 32.68
N LEU C 313 -41.15 -8.41 31.67
CA LEU C 313 -41.99 -7.39 31.07
C LEU C 313 -43.39 -7.56 31.65
N SER C 314 -43.62 -6.96 32.81
CA SER C 314 -44.89 -7.08 33.50
C SER C 314 -45.90 -6.01 33.11
N HIS C 315 -45.46 -4.94 32.42
CA HIS C 315 -46.41 -3.95 31.93
C HIS C 315 -47.19 -4.45 30.71
N LEU C 316 -46.79 -5.57 30.12
CA LEU C 316 -47.57 -6.28 29.11
C LEU C 316 -47.84 -7.68 29.66
N ARG C 317 -48.85 -7.81 30.50
CA ARG C 317 -49.27 -9.11 31.01
C ARG C 317 -50.75 -9.40 30.82
N PHE C 318 -51.57 -8.37 30.57
CA PHE C 318 -52.93 -8.56 30.11
C PHE C 318 -53.08 -8.23 28.63
N PHE C 319 -51.97 -8.23 27.89
CA PHE C 319 -52.00 -8.02 26.46
C PHE C 319 -52.55 -9.26 25.76
N PRO C 320 -53.51 -9.09 24.84
CA PRO C 320 -53.99 -10.23 24.03
C PRO C 320 -53.00 -10.57 22.92
N TRP C 321 -52.26 -11.67 23.11
CA TRP C 321 -51.31 -12.11 22.11
C TRP C 321 -51.94 -13.14 21.19
N ASP C 322 -51.53 -13.11 19.91
CA ASP C 322 -51.98 -14.10 18.94
C ASP C 322 -51.02 -15.28 18.97
N ALA C 323 -51.51 -16.43 19.44
CA ALA C 323 -50.70 -17.63 19.55
C ALA C 323 -50.78 -18.41 18.23
N ASP C 324 -50.10 -17.88 17.22
CA ASP C 324 -50.07 -18.46 15.89
C ASP C 324 -48.66 -18.94 15.60
N VAL C 325 -48.49 -20.26 15.47
CA VAL C 325 -47.16 -20.83 15.34
C VAL C 325 -46.64 -20.85 13.91
N ASP C 326 -47.50 -20.74 12.91
CA ASP C 326 -46.99 -20.64 11.54
C ASP C 326 -46.63 -19.21 11.17
N LYS C 327 -47.17 -18.21 11.86
CA LYS C 327 -46.63 -16.86 11.74
C LYS C 327 -45.25 -16.77 12.37
N PHE C 328 -44.99 -17.56 13.41
CA PHE C 328 -43.67 -17.61 14.01
C PHE C 328 -42.69 -18.33 13.09
N LYS C 329 -43.16 -19.29 12.31
CA LYS C 329 -42.29 -20.00 11.37
C LYS C 329 -41.95 -19.13 10.17
N ALA C 330 -42.90 -18.30 9.73
CA ALA C 330 -42.63 -17.37 8.64
C ALA C 330 -41.75 -16.21 9.07
N TRP C 331 -41.71 -15.89 10.35
CA TRP C 331 -40.86 -14.80 10.82
C TRP C 331 -39.40 -15.22 10.89
N ARG C 332 -39.12 -16.42 11.39
CA ARG C 332 -37.73 -16.83 11.49
C ARG C 332 -37.18 -17.39 10.18
N GLN C 333 -38.05 -17.69 9.22
CA GLN C 333 -37.58 -18.08 7.89
C GLN C 333 -37.27 -16.88 7.03
N GLY C 334 -37.76 -15.69 7.39
CA GLY C 334 -37.57 -14.53 6.56
C GLY C 334 -38.43 -14.57 5.33
N ARG C 335 -39.73 -14.76 5.51
CA ARG C 335 -40.67 -14.88 4.41
C ARG C 335 -41.94 -14.11 4.71
N THR C 336 -41.79 -12.90 5.23
CA THR C 336 -42.93 -12.10 5.65
C THR C 336 -43.43 -11.17 4.55
N GLY C 337 -42.63 -10.89 3.54
CA GLY C 337 -42.99 -9.91 2.54
C GLY C 337 -42.55 -8.50 2.85
N TYR C 338 -41.81 -8.29 3.93
CA TYR C 338 -41.28 -7.00 4.30
C TYR C 338 -39.77 -7.08 4.19
N PRO C 339 -39.16 -6.42 3.21
CA PRO C 339 -37.76 -6.74 2.87
C PRO C 339 -36.71 -6.37 3.90
N LEU C 340 -36.92 -5.34 4.72
CA LEU C 340 -35.96 -5.09 5.82
C LEU C 340 -36.04 -6.17 6.89
N VAL C 341 -37.23 -6.69 7.15
CA VAL C 341 -37.36 -7.75 8.14
C VAL C 341 -36.80 -9.05 7.60
N ASP C 342 -37.03 -9.33 6.31
CA ASP C 342 -36.56 -10.57 5.71
C ASP C 342 -35.05 -10.58 5.52
N ALA C 343 -34.46 -9.43 5.20
CA ALA C 343 -33.02 -9.38 5.06
C ALA C 343 -32.32 -9.48 6.41
N GLY C 344 -32.93 -8.93 7.45
CA GLY C 344 -32.35 -9.05 8.78
C GLY C 344 -32.45 -10.44 9.35
N MET C 345 -33.53 -11.16 9.04
CA MET C 345 -33.66 -12.52 9.53
C MET C 345 -32.78 -13.50 8.77
N ARG C 346 -32.44 -13.19 7.52
CA ARG C 346 -31.53 -14.05 6.77
C ARG C 346 -30.07 -13.80 7.14
N GLU C 347 -29.72 -12.56 7.51
CA GLU C 347 -28.37 -12.29 8.00
C GLU C 347 -28.15 -12.89 9.38
N LEU C 348 -29.18 -12.87 10.22
CA LEU C 348 -29.09 -13.42 11.57
C LEU C 348 -28.86 -14.92 11.55
N TRP C 349 -29.56 -15.63 10.67
CA TRP C 349 -29.36 -17.08 10.58
C TRP C 349 -28.03 -17.43 9.94
N ALA C 350 -27.56 -16.63 8.99
CA ALA C 350 -26.32 -16.94 8.29
C ALA C 350 -25.09 -16.64 9.12
N THR C 351 -25.07 -15.51 9.84
CA THR C 351 -23.86 -15.06 10.51
C THR C 351 -23.94 -15.01 12.03
N GLY C 352 -25.12 -14.96 12.61
CA GLY C 352 -25.24 -14.90 14.05
C GLY C 352 -25.08 -13.53 14.66
N TRP C 353 -25.18 -12.47 13.86
CA TRP C 353 -25.02 -11.11 14.35
C TRP C 353 -25.93 -10.21 13.53
N MET C 354 -26.44 -9.16 14.17
CA MET C 354 -27.19 -8.12 13.49
C MET C 354 -26.74 -6.76 13.98
N HIS C 355 -26.81 -5.78 13.09
CA HIS C 355 -26.66 -4.38 13.46
C HIS C 355 -27.78 -3.97 14.41
N ASN C 356 -27.47 -3.03 15.30
CA ASN C 356 -28.38 -2.67 16.40
C ASN C 356 -29.69 -2.10 15.91
N ARG C 357 -29.68 -1.37 14.79
CA ARG C 357 -30.91 -0.81 14.24
C ARG C 357 -31.76 -1.85 13.54
N ILE C 358 -31.18 -2.97 13.11
CA ILE C 358 -31.96 -4.06 12.52
C ILE C 358 -32.58 -4.92 13.61
N ARG C 359 -31.92 -5.05 14.76
CA ARG C 359 -32.51 -5.74 15.90
C ARG C 359 -33.74 -5.01 16.44
N VAL C 360 -33.78 -3.69 16.30
CA VAL C 360 -34.98 -2.95 16.65
C VAL C 360 -36.08 -3.22 15.63
N ILE C 361 -35.71 -3.40 14.36
CA ILE C 361 -36.70 -3.55 13.29
C ILE C 361 -37.38 -4.92 13.36
N VAL C 362 -36.58 -5.99 13.50
CA VAL C 362 -37.17 -7.33 13.45
C VAL C 362 -37.90 -7.68 14.74
N SER C 363 -37.64 -6.99 15.84
CA SER C 363 -38.31 -7.27 17.09
C SER C 363 -39.51 -6.38 17.34
N SER C 364 -39.50 -5.16 16.80
CA SER C 364 -40.73 -4.36 16.77
C SER C 364 -41.75 -4.97 15.83
N PHE C 365 -41.30 -5.63 14.76
CA PHE C 365 -42.21 -6.30 13.85
C PHE C 365 -42.86 -7.51 14.51
N ALA C 366 -42.11 -8.25 15.32
CA ALA C 366 -42.67 -9.45 15.95
C ALA C 366 -43.69 -9.10 17.03
N VAL C 367 -43.52 -7.95 17.68
CA VAL C 367 -44.34 -7.60 18.83
C VAL C 367 -45.53 -6.73 18.42
N LYS C 368 -45.35 -5.80 17.48
CA LYS C 368 -46.40 -4.88 17.11
C LYS C 368 -47.19 -5.31 15.88
N PHE C 369 -46.59 -6.01 14.93
CA PHE C 369 -47.31 -6.41 13.72
C PHE C 369 -47.91 -7.80 13.85
N LEU C 370 -47.08 -8.80 14.07
CA LEU C 370 -47.57 -10.16 14.21
C LEU C 370 -48.25 -10.37 15.55
N LEU C 371 -47.84 -9.58 16.55
CA LEU C 371 -48.38 -9.58 17.92
C LEU C 371 -48.26 -10.95 18.57
N LEU C 372 -47.14 -11.62 18.28
CA LEU C 372 -46.76 -12.84 18.96
C LEU C 372 -46.20 -12.49 20.34
N PRO C 373 -46.24 -13.43 21.30
CA PRO C 373 -45.67 -13.16 22.64
C PRO C 373 -44.18 -12.88 22.57
N ALA C 374 -43.75 -11.89 23.36
CA ALA C 374 -42.36 -11.45 23.34
C ALA C 374 -41.42 -12.48 23.91
N LYS C 375 -41.92 -13.39 24.75
CA LYS C 375 -41.13 -14.52 25.24
C LYS C 375 -40.71 -15.43 24.11
N TRP C 376 -41.53 -15.56 23.05
CA TRP C 376 -41.20 -16.41 21.92
C TRP C 376 -40.04 -15.85 21.12
N GLY C 377 -39.96 -14.53 20.99
CA GLY C 377 -38.89 -13.93 20.23
C GLY C 377 -37.61 -13.80 21.01
N MET C 378 -37.71 -13.65 22.34
CA MET C 378 -36.52 -13.59 23.19
C MET C 378 -35.81 -14.92 23.22
N LYS C 379 -36.56 -16.02 23.21
CA LYS C 379 -35.96 -17.34 23.20
C LYS C 379 -35.33 -17.69 21.86
N TYR C 380 -35.79 -17.07 20.77
CA TYR C 380 -35.14 -17.26 19.49
C TYR C 380 -33.87 -16.42 19.36
N PHE C 381 -33.83 -15.24 19.97
CA PHE C 381 -32.61 -14.46 19.98
C PHE C 381 -31.54 -15.10 20.87
N TRP C 382 -31.96 -15.77 21.94
CA TRP C 382 -31.06 -16.45 22.84
C TRP C 382 -30.37 -17.63 22.19
N ASP C 383 -30.97 -18.19 21.14
CA ASP C 383 -30.48 -19.40 20.50
C ASP C 383 -29.67 -19.11 19.25
N THR C 384 -29.79 -17.92 18.68
CA THR C 384 -29.21 -17.61 17.39
C THR C 384 -28.20 -16.48 17.38
N LEU C 385 -28.03 -15.74 18.48
CA LEU C 385 -27.04 -14.68 18.55
C LEU C 385 -25.78 -15.17 19.24
N LEU C 386 -24.62 -14.72 18.76
CA LEU C 386 -23.35 -15.11 19.35
C LEU C 386 -23.04 -14.30 20.60
N ASP C 387 -23.56 -13.09 20.69
CA ASP C 387 -23.37 -12.23 21.86
C ASP C 387 -24.60 -12.20 22.75
N ALA C 388 -25.29 -13.32 22.90
CA ALA C 388 -26.53 -13.38 23.68
C ALA C 388 -26.19 -13.19 25.15
N ASP C 389 -26.36 -11.95 25.62
CA ASP C 389 -26.01 -11.51 26.95
C ASP C 389 -27.29 -11.34 27.74
N LEU C 390 -27.30 -11.82 28.97
CA LEU C 390 -28.53 -11.80 29.77
C LEU C 390 -28.95 -10.37 30.11
N GLU C 391 -28.00 -9.53 30.51
CA GLU C 391 -28.34 -8.17 30.91
C GLU C 391 -28.55 -7.24 29.73
N CYS C 392 -27.94 -7.51 28.58
CA CYS C 392 -28.11 -6.67 27.41
C CYS C 392 -29.34 -7.05 26.59
N ASP C 393 -29.78 -8.31 26.66
CA ASP C 393 -31.03 -8.70 26.01
C ASP C 393 -32.23 -8.17 26.78
N ILE C 394 -32.10 -8.03 28.11
CA ILE C 394 -33.14 -7.41 28.92
C ILE C 394 -33.32 -5.94 28.57
N LEU C 395 -32.22 -5.19 28.47
CA LEU C 395 -32.31 -3.77 28.17
C LEU C 395 -32.79 -3.53 26.74
N GLY C 396 -32.50 -4.46 25.82
CA GLY C 396 -32.93 -4.28 24.45
C GLY C 396 -34.41 -4.55 24.26
N TRP C 397 -34.93 -5.59 24.88
CA TRP C 397 -36.34 -5.92 24.74
C TRP C 397 -37.23 -5.02 25.60
N GLN C 398 -36.67 -4.36 26.61
CA GLN C 398 -37.41 -3.33 27.33
C GLN C 398 -37.41 -2.00 26.60
N TYR C 399 -36.45 -1.79 25.71
CA TYR C 399 -36.38 -0.55 24.94
C TYR C 399 -37.41 -0.53 23.82
N ILE C 400 -37.76 -1.68 23.25
CA ILE C 400 -38.72 -1.68 22.16
C ILE C 400 -40.16 -1.80 22.63
N SER C 401 -40.38 -2.30 23.84
CA SER C 401 -41.73 -2.53 24.35
C SER C 401 -42.24 -1.40 25.24
N GLY C 402 -41.42 -0.39 25.50
CA GLY C 402 -41.86 0.74 26.29
C GLY C 402 -41.74 0.59 27.79
N SER C 403 -40.95 -0.36 28.28
CA SER C 403 -40.79 -0.52 29.72
C SER C 403 -39.92 0.58 30.30
N ILE C 404 -38.82 0.90 29.62
CA ILE C 404 -37.87 1.93 30.05
C ILE C 404 -38.55 3.29 29.96
N PRO C 405 -38.28 4.22 30.89
CA PRO C 405 -38.80 5.59 30.72
C PRO C 405 -38.33 6.28 29.44
N ASP C 406 -37.04 6.30 29.17
CA ASP C 406 -36.54 6.91 27.93
C ASP C 406 -36.34 5.83 26.85
N GLY C 407 -37.44 5.15 26.54
CA GLY C 407 -37.44 4.11 25.52
C GLY C 407 -38.33 4.44 24.33
N HIS C 408 -38.81 3.42 23.63
CA HIS C 408 -39.75 3.62 22.54
C HIS C 408 -41.18 3.74 23.02
N GLU C 409 -42.00 4.40 22.24
CA GLU C 409 -43.44 4.43 22.51
C GLU C 409 -44.08 3.15 22.00
N LEU C 410 -45.15 2.75 22.68
CA LEU C 410 -45.85 1.51 22.36
C LEU C 410 -47.02 1.74 21.41
N ASP C 411 -47.55 2.97 21.36
CA ASP C 411 -48.69 3.31 20.52
C ASP C 411 -48.32 3.51 19.04
N ARG C 412 -47.04 3.46 18.71
CA ARG C 412 -46.53 3.83 17.40
C ARG C 412 -46.14 2.59 16.60
N LEU C 413 -46.37 2.62 15.29
CA LEU C 413 -45.84 1.63 14.37
C LEU C 413 -45.02 2.34 13.31
N ASP C 414 -43.89 1.75 12.94
CA ASP C 414 -42.96 2.40 12.05
C ASP C 414 -43.34 2.21 10.59
N ASN C 415 -43.14 3.26 9.80
CA ASN C 415 -43.35 3.19 8.36
C ASN C 415 -42.17 2.48 7.71
N PRO C 416 -42.40 1.48 6.85
CA PRO C 416 -41.28 0.73 6.27
C PRO C 416 -40.43 1.55 5.30
N ALA C 417 -41.00 2.54 4.62
CA ALA C 417 -40.21 3.36 3.72
C ALA C 417 -39.31 4.33 4.46
N LEU C 418 -39.75 4.82 5.62
CA LEU C 418 -38.97 5.80 6.37
C LEU C 418 -37.83 5.13 7.15
N GLN C 419 -38.11 4.01 7.80
CA GLN C 419 -37.04 3.25 8.43
C GLN C 419 -36.12 2.60 7.41
N GLY C 420 -36.60 2.40 6.18
CA GLY C 420 -35.71 1.93 5.14
C GLY C 420 -34.71 2.98 4.72
N ALA C 421 -35.16 4.23 4.60
CA ALA C 421 -34.28 5.30 4.14
C ALA C 421 -33.26 5.71 5.19
N LYS C 422 -33.54 5.45 6.46
CA LYS C 422 -32.61 5.84 7.52
C LYS C 422 -31.41 4.91 7.59
N TYR C 423 -31.64 3.61 7.55
CA TYR C 423 -30.62 2.61 7.80
C TYR C 423 -30.11 1.95 6.53
N ASP C 424 -30.83 2.11 5.43
CA ASP C 424 -30.44 1.50 4.16
C ASP C 424 -30.83 2.45 3.03
N PRO C 425 -30.11 3.57 2.89
CA PRO C 425 -30.59 4.63 1.99
C PRO C 425 -30.48 4.30 0.50
N GLU C 426 -29.51 3.50 0.08
CA GLU C 426 -29.40 3.11 -1.32
C GLU C 426 -29.89 1.71 -1.59
N GLY C 427 -30.45 1.02 -0.60
CA GLY C 427 -31.01 -0.30 -0.80
C GLY C 427 -30.01 -1.42 -0.95
N GLU C 428 -28.75 -1.19 -0.61
CA GLU C 428 -27.71 -2.19 -0.81
C GLU C 428 -27.68 -3.25 0.27
N TYR C 429 -28.36 -3.05 1.40
CA TYR C 429 -28.49 -4.10 2.39
C TYR C 429 -29.54 -5.12 1.99
N ILE C 430 -30.61 -4.68 1.32
CA ILE C 430 -31.65 -5.60 0.86
C ILE C 430 -31.14 -6.41 -0.32
N ARG C 431 -30.43 -5.78 -1.24
CA ARG C 431 -29.95 -6.45 -2.44
C ARG C 431 -28.85 -7.46 -2.14
N GLN C 432 -28.15 -7.32 -1.03
CA GLN C 432 -27.17 -8.32 -0.64
C GLN C 432 -27.85 -9.58 -0.11
N TRP C 433 -28.88 -9.43 0.71
CA TRP C 433 -29.49 -10.57 1.37
C TRP C 433 -30.72 -11.10 0.67
N LEU C 434 -31.36 -10.31 -0.20
CA LEU C 434 -32.47 -10.77 -1.04
C LEU C 434 -32.10 -10.47 -2.48
N PRO C 435 -31.30 -11.34 -3.12
CA PRO C 435 -30.89 -11.07 -4.52
C PRO C 435 -32.01 -11.20 -5.54
N GLU C 436 -33.20 -11.65 -5.16
CA GLU C 436 -34.34 -11.63 -6.06
C GLU C 436 -34.85 -10.22 -6.34
N LEU C 437 -34.56 -9.27 -5.46
CA LEU C 437 -35.00 -7.88 -5.61
C LEU C 437 -33.87 -6.96 -6.08
N ALA C 438 -32.90 -7.49 -6.83
CA ALA C 438 -31.73 -6.70 -7.18
C ALA C 438 -31.98 -5.70 -8.29
N ARG C 439 -32.99 -5.92 -9.13
CA ARG C 439 -33.34 -4.97 -10.18
C ARG C 439 -34.58 -4.16 -9.85
N LEU C 440 -34.93 -4.07 -8.60
CA LEU C 440 -36.02 -3.21 -8.15
C LEU C 440 -35.44 -1.87 -7.69
N PRO C 441 -35.95 -0.75 -8.21
CA PRO C 441 -35.40 0.56 -7.84
C PRO C 441 -35.62 0.90 -6.37
N THR C 442 -34.80 1.84 -5.89
CA THR C 442 -34.68 2.09 -4.46
C THR C 442 -35.91 2.75 -3.87
N GLU C 443 -36.71 3.44 -4.68
CA GLU C 443 -37.91 4.07 -4.15
C GLU C 443 -39.02 3.08 -3.82
N TRP C 444 -38.91 1.81 -4.22
CA TRP C 444 -39.90 0.81 -3.86
C TRP C 444 -39.33 -0.44 -3.24
N ILE C 445 -38.02 -0.51 -2.98
CA ILE C 445 -37.41 -1.76 -2.57
C ILE C 445 -37.75 -2.10 -1.11
N HIS C 446 -38.17 -1.13 -0.31
CA HIS C 446 -38.55 -1.40 1.06
C HIS C 446 -40.06 -1.55 1.25
N HIS C 447 -40.84 -1.36 0.18
CA HIS C 447 -42.30 -1.57 0.24
C HIS C 447 -42.81 -1.96 -1.15
N PRO C 448 -42.54 -3.20 -1.58
CA PRO C 448 -42.89 -3.59 -2.96
C PRO C 448 -44.38 -3.75 -3.24
N TRP C 449 -45.22 -3.83 -2.22
CA TRP C 449 -46.65 -3.94 -2.44
C TRP C 449 -47.28 -2.62 -2.88
N ASP C 450 -46.58 -1.50 -2.69
CA ASP C 450 -47.07 -0.21 -3.13
C ASP C 450 -46.63 0.14 -4.54
N ALA C 451 -45.76 -0.66 -5.15
CA ALA C 451 -45.26 -0.35 -6.47
C ALA C 451 -46.34 -0.60 -7.52
N PRO C 452 -46.40 0.23 -8.56
CA PRO C 452 -47.32 -0.05 -9.66
C PRO C 452 -46.92 -1.29 -10.44
N LEU C 453 -47.88 -1.82 -11.19
CA LEU C 453 -47.78 -3.17 -11.71
C LEU C 453 -46.73 -3.29 -12.81
N THR C 454 -46.55 -2.25 -13.62
CA THR C 454 -45.54 -2.30 -14.66
C THR C 454 -44.13 -2.09 -14.13
N VAL C 455 -43.97 -1.47 -12.96
CA VAL C 455 -42.67 -1.36 -12.33
C VAL C 455 -42.21 -2.72 -11.81
N LEU C 456 -43.13 -3.51 -11.25
CA LEU C 456 -42.78 -4.79 -10.66
C LEU C 456 -42.41 -5.81 -11.73
N LYS C 457 -43.06 -5.77 -12.89
CA LYS C 457 -42.71 -6.69 -13.95
C LYS C 457 -41.63 -6.17 -14.88
N ALA C 458 -41.24 -4.90 -14.76
CA ALA C 458 -40.00 -4.46 -15.39
C ALA C 458 -38.79 -5.06 -14.70
N SER C 459 -38.90 -5.37 -13.41
CA SER C 459 -37.99 -6.30 -12.78
C SER C 459 -38.60 -7.70 -12.83
N GLY C 460 -37.92 -8.67 -12.27
CA GLY C 460 -38.45 -10.01 -12.39
C GLY C 460 -39.29 -10.42 -11.20
N VAL C 461 -40.22 -9.56 -10.78
CA VAL C 461 -40.90 -9.74 -9.50
C VAL C 461 -42.40 -9.89 -9.75
N GLU C 462 -42.93 -11.05 -9.40
CA GLU C 462 -44.37 -11.24 -9.27
C GLU C 462 -44.64 -11.63 -7.83
N LEU C 463 -45.40 -10.79 -7.13
CA LEU C 463 -45.62 -10.99 -5.70
C LEU C 463 -46.55 -12.17 -5.48
N GLY C 464 -46.08 -13.12 -4.68
CA GLY C 464 -46.78 -14.36 -4.43
C GLY C 464 -46.13 -15.57 -5.05
N THR C 465 -45.24 -15.39 -6.03
CA THR C 465 -44.57 -16.52 -6.67
C THR C 465 -43.07 -16.54 -6.41
N ASN C 466 -42.31 -15.49 -6.77
CA ASN C 466 -40.89 -15.47 -6.44
C ASN C 466 -40.54 -14.46 -5.36
N TYR C 467 -41.47 -13.60 -4.95
CA TYR C 467 -41.37 -12.90 -3.69
C TYR C 467 -42.74 -12.92 -3.02
N ALA C 468 -42.73 -12.92 -1.70
CA ALA C 468 -43.96 -13.13 -0.94
C ALA C 468 -44.78 -11.86 -0.84
N LYS C 469 -46.10 -12.04 -0.72
CA LYS C 469 -46.98 -10.96 -0.34
C LYS C 469 -46.79 -10.64 1.14
N PRO C 470 -47.13 -9.42 1.58
CA PRO C 470 -47.05 -9.11 3.02
C PRO C 470 -48.04 -9.94 3.81
N ILE C 471 -47.54 -10.58 4.87
CA ILE C 471 -48.32 -11.60 5.56
C ILE C 471 -49.44 -10.97 6.39
N VAL C 472 -49.25 -9.74 6.86
CA VAL C 472 -50.31 -8.90 7.39
C VAL C 472 -50.16 -7.53 6.76
N ASP C 473 -51.29 -6.92 6.41
CA ASP C 473 -51.25 -5.57 5.89
C ASP C 473 -51.04 -4.58 7.03
N ILE C 474 -50.45 -3.43 6.70
CA ILE C 474 -50.03 -2.49 7.72
C ILE C 474 -51.22 -1.79 8.36
N ASP C 475 -52.29 -1.54 7.61
CA ASP C 475 -53.48 -0.95 8.21
C ASP C 475 -54.31 -1.96 8.99
N THR C 476 -54.09 -3.26 8.75
CA THR C 476 -54.78 -4.28 9.54
C THR C 476 -54.23 -4.33 10.96
N ALA C 477 -52.91 -4.41 11.09
CA ALA C 477 -52.27 -4.53 12.40
C ALA C 477 -52.23 -3.20 13.16
N ARG C 478 -52.31 -2.07 12.46
CA ARG C 478 -52.36 -0.79 13.15
C ARG C 478 -53.68 -0.62 13.90
N GLU C 479 -54.78 -1.08 13.32
CA GLU C 479 -56.05 -1.06 14.00
C GLU C 479 -56.28 -2.29 14.86
N LEU C 480 -55.50 -3.35 14.67
CA LEU C 480 -55.59 -4.49 15.57
C LEU C 480 -54.84 -4.22 16.86
N LEU C 481 -53.86 -3.32 16.82
CA LEU C 481 -53.09 -2.99 18.01
C LEU C 481 -53.83 -2.01 18.90
N ALA C 482 -54.50 -1.02 18.31
CA ALA C 482 -55.22 -0.02 19.10
C ALA C 482 -56.40 -0.62 19.84
N LYS C 483 -57.02 -1.66 19.28
CA LYS C 483 -58.01 -2.43 20.02
C LYS C 483 -57.35 -3.34 21.05
N ALA C 484 -56.13 -3.81 20.78
CA ALA C 484 -55.43 -4.67 21.73
C ALA C 484 -54.72 -3.88 22.82
N ILE C 485 -54.31 -2.65 22.53
CA ILE C 485 -53.78 -1.76 23.56
C ILE C 485 -54.89 -1.38 24.54
N SER C 486 -56.05 -0.99 24.00
CA SER C 486 -57.13 -0.46 24.82
C SER C 486 -57.86 -1.52 25.64
N ARG C 487 -57.57 -2.81 25.46
CA ARG C 487 -58.17 -3.80 26.35
C ARG C 487 -57.27 -4.07 27.57
N THR C 488 -55.95 -4.08 27.40
CA THR C 488 -55.07 -4.28 28.54
C THR C 488 -55.01 -3.04 29.45
N ARG C 489 -55.52 -1.89 29.00
CA ARG C 489 -55.70 -0.75 29.90
C ARG C 489 -56.84 -0.97 30.87
N GLU C 490 -57.91 -1.64 30.45
CA GLU C 490 -59.03 -1.90 31.35
C GLU C 490 -58.96 -3.26 32.03
N ALA C 491 -58.19 -4.21 31.49
CA ALA C 491 -57.94 -5.45 32.22
C ALA C 491 -56.94 -5.26 33.35
N GLN C 492 -56.17 -4.16 33.34
CA GLN C 492 -55.23 -3.90 34.42
C GLN C 492 -55.89 -3.12 35.55
N ILE C 493 -56.86 -2.26 35.23
CA ILE C 493 -57.58 -1.52 36.25
C ILE C 493 -58.56 -2.40 37.03
N MET C 494 -58.91 -3.57 36.51
CA MET C 494 -59.69 -4.53 37.27
C MET C 494 -58.75 -5.48 38.01
N LYS D 5 -7.11 24.63 45.93
CA LYS D 5 -7.68 25.95 45.65
C LYS D 5 -7.02 26.46 44.36
N LYS D 6 -5.77 26.89 44.47
CA LYS D 6 -4.99 27.29 43.31
C LYS D 6 -3.64 26.58 43.37
N THR D 7 -3.27 25.94 42.27
CA THR D 7 -2.08 25.09 42.25
C THR D 7 -1.21 25.44 41.07
N ILE D 8 0.08 25.66 41.33
CA ILE D 8 1.07 25.82 40.28
C ILE D 8 1.62 24.44 39.93
N VAL D 9 1.54 24.09 38.65
CA VAL D 9 2.27 22.95 38.12
C VAL D 9 3.54 23.49 37.50
N TRP D 10 4.68 23.16 38.10
CA TRP D 10 5.98 23.68 37.67
C TRP D 10 6.60 22.66 36.73
N PHE D 11 6.58 22.97 35.43
CA PHE D 11 7.19 22.13 34.42
C PHE D 11 8.68 22.39 34.36
N ARG D 12 9.48 21.33 34.49
CA ARG D 12 10.92 21.47 34.27
C ARG D 12 11.43 20.60 33.14
N ARG D 13 11.29 19.29 33.23
CA ARG D 13 11.76 18.39 32.18
C ARG D 13 10.75 17.25 31.99
N ASP D 14 9.48 17.61 31.95
CA ASP D 14 8.35 16.68 31.85
C ASP D 14 7.33 17.22 30.86
N LEU D 15 7.81 17.62 29.67
CA LEU D 15 7.01 18.42 28.75
C LEU D 15 6.02 17.55 27.97
N ARG D 16 5.00 17.10 28.70
CA ARG D 16 3.92 16.28 28.15
C ARG D 16 2.71 16.44 29.05
N ILE D 17 1.57 15.88 28.62
CA ILE D 17 0.37 15.94 29.45
C ILE D 17 -0.16 14.55 29.78
N GLU D 18 0.15 13.56 28.94
CA GLU D 18 -0.18 12.18 29.25
C GLU D 18 0.81 11.62 30.25
N ASP D 19 0.30 10.86 31.24
CA ASP D 19 1.09 10.26 32.32
C ASP D 19 1.92 11.29 33.08
N ASN D 20 1.32 12.43 33.37
CA ASN D 20 2.00 13.48 34.13
C ASN D 20 1.35 13.55 35.50
N PRO D 21 1.96 12.96 36.54
CA PRO D 21 1.27 12.86 37.82
C PRO D 21 1.13 14.17 38.58
N ALA D 22 1.96 15.17 38.29
CA ALA D 22 1.79 16.46 38.94
C ALA D 22 0.69 17.28 38.30
N LEU D 23 0.52 17.16 36.99
CA LEU D 23 -0.59 17.82 36.33
C LEU D 23 -1.92 17.12 36.59
N ALA D 24 -1.90 15.79 36.68
CA ALA D 24 -3.13 15.04 36.92
C ALA D 24 -3.65 15.23 38.33
N ALA D 25 -2.74 15.33 39.31
CA ALA D 25 -3.17 15.52 40.68
C ALA D 25 -3.69 16.93 40.93
N ALA D 26 -3.15 17.92 40.22
CA ALA D 26 -3.61 19.29 40.43
C ALA D 26 -4.95 19.52 39.77
N ALA D 27 -5.30 18.76 38.75
CA ALA D 27 -6.55 18.92 38.03
C ALA D 27 -7.74 18.25 38.71
N HIS D 28 -7.59 17.79 39.95
CA HIS D 28 -8.71 17.21 40.68
C HIS D 28 -9.45 18.22 41.54
N GLU D 29 -8.75 19.12 42.23
CA GLU D 29 -9.41 19.98 43.20
C GLU D 29 -9.94 21.28 42.59
N GLY D 30 -9.04 22.15 42.12
CA GLY D 30 -9.44 23.50 41.78
C GLY D 30 -8.72 24.12 40.59
N SER D 31 -8.18 25.31 40.79
CA SER D 31 -7.64 26.11 39.69
C SER D 31 -6.17 25.80 39.45
N VAL D 32 -5.80 25.60 38.18
CA VAL D 32 -4.47 25.17 37.77
C VAL D 32 -3.91 26.21 36.80
N PHE D 33 -2.64 26.57 36.97
CA PHE D 33 -1.96 27.24 35.89
C PHE D 33 -0.51 26.79 35.78
N PRO D 34 -0.04 26.53 34.55
CA PRO D 34 1.29 25.94 34.36
C PRO D 34 2.38 26.98 34.23
N VAL D 35 3.57 26.64 34.72
CA VAL D 35 4.69 27.56 34.84
C VAL D 35 5.97 26.85 34.40
N PHE D 36 6.72 27.48 33.49
CA PHE D 36 8.10 27.12 33.21
C PHE D 36 8.99 28.28 33.64
N ILE D 37 10.09 27.98 34.31
CA ILE D 37 11.04 29.00 34.74
C ILE D 37 12.41 28.67 34.16
N TRP D 38 12.91 29.55 33.31
CA TRP D 38 14.22 29.40 32.70
C TRP D 38 15.23 30.03 33.63
N CYS D 39 16.06 29.21 34.25
CA CYS D 39 17.06 29.68 35.21
C CYS D 39 18.34 28.88 34.99
N PRO D 40 19.10 29.21 33.95
CA PRO D 40 20.25 28.37 33.59
C PRO D 40 21.51 28.66 34.40
N GLU D 41 21.52 29.69 35.25
CA GLU D 41 22.73 29.99 35.99
C GLU D 41 22.90 29.17 37.25
N GLU D 42 21.87 28.46 37.72
CA GLU D 42 22.06 27.55 38.84
C GLU D 42 22.73 26.25 38.43
N GLU D 43 22.70 25.89 37.15
CA GLU D 43 23.37 24.69 36.69
C GLU D 43 24.88 24.82 36.68
N GLY D 44 25.41 26.04 36.70
CA GLY D 44 26.85 26.24 36.72
C GLY D 44 27.52 25.87 35.42
N GLN D 45 28.39 24.86 35.47
CA GLN D 45 29.04 24.34 34.27
C GLN D 45 28.14 23.45 33.44
N PHE D 46 26.99 23.03 33.98
CA PHE D 46 26.03 22.23 33.24
C PHE D 46 24.90 23.09 32.68
N TYR D 47 25.21 24.35 32.35
CA TYR D 47 24.38 25.20 31.51
C TYR D 47 24.02 24.45 30.23
N PRO D 48 22.75 24.45 29.81
CA PRO D 48 22.36 23.67 28.63
C PRO D 48 23.02 24.19 27.35
N GLY D 49 23.44 23.24 26.53
CA GLY D 49 24.20 23.57 25.34
C GLY D 49 23.35 24.14 24.24
N ARG D 50 24.00 24.40 23.11
CA ARG D 50 23.39 25.15 22.03
C ARG D 50 22.27 24.38 21.34
N ALA D 51 22.47 23.10 21.09
CA ALA D 51 21.43 22.32 20.43
C ALA D 51 20.31 21.94 21.38
N SER D 52 20.58 21.84 22.68
CA SER D 52 19.53 21.55 23.64
C SER D 52 18.59 22.73 23.83
N ARG D 53 19.13 23.94 23.80
CA ARG D 53 18.32 25.13 23.93
C ARG D 53 17.44 25.36 22.71
N TRP D 54 17.81 24.82 21.55
CA TRP D 54 16.92 24.89 20.40
C TRP D 54 15.73 23.96 20.58
N TRP D 55 15.95 22.78 21.15
CA TRP D 55 14.87 21.81 21.32
C TRP D 55 13.88 22.25 22.39
N MET D 56 14.35 22.85 23.49
CA MET D 56 13.46 23.36 24.52
C MET D 56 12.54 24.45 23.99
N LYS D 57 13.08 25.30 23.13
CA LYS D 57 12.33 26.40 22.55
C LYS D 57 11.21 25.89 21.65
N GLN D 58 11.47 24.82 20.90
CA GLN D 58 10.47 24.29 19.98
C GLN D 58 9.38 23.52 20.71
N SER D 59 9.71 22.84 21.80
CA SER D 59 8.74 21.99 22.46
C SER D 59 8.01 22.67 23.61
N LEU D 60 8.50 23.82 24.09
CA LEU D 60 7.70 24.62 24.99
C LEU D 60 6.55 25.28 24.24
N ALA D 61 6.78 25.69 23.01
CA ALA D 61 5.72 26.24 22.17
C ALA D 61 4.72 25.16 21.76
N HIS D 62 5.18 23.92 21.63
CA HIS D 62 4.30 22.80 21.36
C HIS D 62 3.45 22.46 22.58
N LEU D 63 4.03 22.58 23.77
CA LEU D 63 3.29 22.30 25.00
C LEU D 63 2.32 23.42 25.36
N SER D 64 2.65 24.66 24.98
CA SER D 64 1.81 25.79 25.34
C SER D 64 0.48 25.78 24.60
N GLN D 65 0.49 25.39 23.33
CA GLN D 65 -0.75 25.33 22.57
C GLN D 65 -1.61 24.13 22.94
N SER D 66 -0.99 23.05 23.42
CA SER D 66 -1.76 21.89 23.83
C SER D 66 -2.40 22.09 25.20
N LEU D 67 -1.79 22.91 26.05
CA LEU D 67 -2.45 23.29 27.30
C LEU D 67 -3.55 24.32 27.06
N LYS D 68 -3.46 25.08 25.97
CA LYS D 68 -4.54 26.00 25.62
C LYS D 68 -5.76 25.25 25.12
N ALA D 69 -5.55 24.15 24.39
CA ALA D 69 -6.66 23.33 23.93
C ALA D 69 -7.33 22.56 25.07
N LEU D 70 -6.66 22.40 26.20
CA LEU D 70 -7.30 21.97 27.43
C LEU D 70 -7.81 23.12 28.26
N GLY D 71 -7.59 24.36 27.82
CA GLY D 71 -8.07 25.53 28.52
C GLY D 71 -7.20 26.10 29.63
N SER D 72 -5.98 26.53 29.31
CA SER D 72 -5.11 27.27 30.25
C SER D 72 -4.14 28.14 29.44
N ASP D 73 -3.03 28.55 30.08
CA ASP D 73 -1.95 29.28 29.42
C ASP D 73 -0.66 29.11 30.22
N LEU D 74 0.47 28.90 29.52
CA LEU D 74 1.75 28.60 30.16
C LEU D 74 2.53 29.89 30.47
N THR D 75 2.87 30.07 31.74
CA THR D 75 3.52 31.28 32.24
C THR D 75 5.03 31.07 32.30
N LEU D 76 5.79 32.02 31.73
CA LEU D 76 7.25 31.92 31.68
C LEU D 76 7.90 33.02 32.50
N ILE D 77 8.98 32.67 33.18
CA ILE D 77 9.70 33.57 34.09
C ILE D 77 11.20 33.28 33.92
N LYS D 78 11.99 34.35 33.84
CA LYS D 78 13.45 34.23 33.74
C LYS D 78 14.09 34.85 34.96
N THR D 79 14.90 34.07 35.67
CA THR D 79 15.57 34.56 36.87
C THR D 79 16.93 33.89 36.94
N HIS D 80 17.82 34.41 37.79
CA HIS D 80 19.07 33.77 38.13
C HIS D 80 18.95 32.94 39.40
N ASN D 81 17.74 32.81 39.93
CA ASN D 81 17.49 32.05 41.14
C ASN D 81 16.02 31.62 41.10
N THR D 82 15.78 30.34 40.80
CA THR D 82 14.40 29.91 40.57
C THR D 82 13.60 29.80 41.85
N ILE D 83 14.24 29.74 43.01
CA ILE D 83 13.50 29.60 44.25
C ILE D 83 12.87 30.92 44.67
N SER D 84 13.45 32.04 44.23
CA SER D 84 12.88 33.36 44.41
C SER D 84 11.87 33.70 43.34
N ALA D 85 11.78 32.87 42.29
CA ALA D 85 10.93 33.15 41.15
C ALA D 85 9.56 32.50 41.26
N ILE D 86 9.47 31.25 41.73
CA ILE D 86 8.14 30.67 41.97
C ILE D 86 7.49 31.32 43.17
N LEU D 87 8.28 31.79 44.14
CA LEU D 87 7.69 32.44 45.30
C LEU D 87 7.11 33.80 44.92
N ASP D 88 7.73 34.47 43.95
CA ASP D 88 7.15 35.69 43.41
C ASP D 88 5.97 35.40 42.50
N CYS D 89 5.88 34.18 41.93
CA CYS D 89 4.72 33.81 41.15
C CYS D 89 3.53 33.43 42.03
N ILE D 90 3.81 32.97 43.24
CA ILE D 90 2.75 32.64 44.19
C ILE D 90 2.08 33.91 44.72
N ARG D 91 2.90 34.92 45.05
CA ARG D 91 2.39 36.18 45.56
C ARG D 91 1.56 36.95 44.54
N VAL D 92 1.81 36.74 43.24
CA VAL D 92 1.02 37.39 42.20
C VAL D 92 -0.35 36.72 42.07
N THR D 93 -0.35 35.41 41.87
CA THR D 93 -1.57 34.68 41.55
C THR D 93 -2.36 34.26 42.78
N GLY D 94 -1.77 34.36 43.98
CA GLY D 94 -2.45 33.96 45.19
C GLY D 94 -2.64 32.46 45.27
N ALA D 95 -1.59 31.71 44.96
CA ALA D 95 -1.65 30.26 44.92
C ALA D 95 -1.29 29.69 46.28
N THR D 96 -1.77 28.48 46.54
CA THR D 96 -1.56 27.82 47.82
C THR D 96 -0.66 26.59 47.73
N LYS D 97 -0.61 25.93 46.58
CA LYS D 97 0.17 24.72 46.40
C LYS D 97 1.13 24.87 45.23
N VAL D 98 2.22 24.11 45.28
CA VAL D 98 3.14 23.94 44.15
C VAL D 98 3.38 22.44 43.99
N VAL D 99 3.07 21.90 42.82
CA VAL D 99 3.34 20.51 42.51
C VAL D 99 4.34 20.44 41.36
N PHE D 100 5.26 19.49 41.43
CA PHE D 100 6.24 19.26 40.37
C PHE D 100 6.67 17.81 40.41
N ASN D 101 7.55 17.43 39.49
CA ASN D 101 8.05 16.07 39.37
C ASN D 101 9.53 16.02 39.73
N HIS D 102 9.98 14.86 40.22
CA HIS D 102 11.34 14.69 40.69
C HIS D 102 12.36 14.76 39.56
N LEU D 103 13.59 15.11 39.93
CA LEU D 103 14.76 14.93 39.08
C LEU D 103 15.87 14.37 39.95
N TYR D 104 16.87 13.78 39.31
CA TYR D 104 17.82 12.94 40.02
C TYR D 104 19.29 13.30 39.78
N ASP D 105 19.58 14.25 38.90
CA ASP D 105 20.94 14.72 38.74
C ASP D 105 21.37 15.48 40.00
N PRO D 106 22.68 15.49 40.32
CA PRO D 106 23.09 15.98 41.65
C PRO D 106 22.97 17.47 41.85
N VAL D 107 22.81 18.25 40.77
CA VAL D 107 22.57 19.68 40.95
C VAL D 107 21.13 19.93 41.36
N SER D 108 20.18 19.25 40.73
CA SER D 108 18.78 19.47 41.02
C SER D 108 18.32 18.82 42.32
N LEU D 109 19.10 17.88 42.86
CA LEU D 109 18.72 17.26 44.12
C LEU D 109 18.91 18.22 45.29
N VAL D 110 20.05 18.93 45.31
CA VAL D 110 20.26 19.90 46.38
C VAL D 110 19.51 21.20 46.13
N ARG D 111 19.07 21.45 44.89
CA ARG D 111 18.26 22.62 44.60
C ARG D 111 16.82 22.39 45.02
N ASP D 112 16.30 21.17 44.81
CA ASP D 112 14.94 20.85 45.23
C ASP D 112 14.84 20.68 46.73
N HIS D 113 15.94 20.29 47.38
CA HIS D 113 15.94 20.19 48.83
C HIS D 113 15.81 21.56 49.48
N THR D 114 16.37 22.60 48.86
CA THR D 114 16.31 23.94 49.42
C THR D 114 15.00 24.66 49.14
N VAL D 115 14.33 24.37 48.01
CA VAL D 115 13.10 25.06 47.69
C VAL D 115 11.95 24.57 48.56
N LYS D 116 12.08 23.37 49.15
CA LYS D 116 11.06 22.92 50.09
C LYS D 116 11.13 23.70 51.38
N GLU D 117 12.34 23.89 51.92
CA GLU D 117 12.47 24.72 53.12
C GLU D 117 12.28 26.20 52.82
N LYS D 118 12.40 26.63 51.57
CA LYS D 118 12.16 28.03 51.25
C LYS D 118 10.68 28.38 51.28
N LEU D 119 9.80 27.40 51.11
CA LEU D 119 8.39 27.67 50.91
C LEU D 119 7.49 27.25 52.06
N VAL D 120 8.00 26.56 53.09
CA VAL D 120 7.23 26.49 54.34
C VAL D 120 7.48 27.71 55.22
N GLU D 121 8.44 28.57 54.86
CA GLU D 121 8.52 29.88 55.48
C GLU D 121 7.30 30.73 55.12
N ARG D 122 6.73 30.53 53.93
CA ARG D 122 5.51 31.21 53.54
C ARG D 122 4.27 30.34 53.68
N GLY D 123 4.39 29.14 54.23
CA GLY D 123 3.23 28.30 54.46
C GLY D 123 2.58 27.74 53.21
N ILE D 124 3.38 27.33 52.24
CA ILE D 124 2.90 26.78 50.98
C ILE D 124 3.16 25.28 50.97
N SER D 125 2.12 24.49 50.71
CA SER D 125 2.28 23.05 50.63
C SER D 125 2.92 22.64 49.32
N VAL D 126 4.01 21.88 49.40
CA VAL D 126 4.79 21.48 48.25
C VAL D 126 4.73 19.97 48.11
N GLN D 127 4.29 19.48 46.96
CA GLN D 127 4.23 18.05 46.67
C GLN D 127 5.04 17.73 45.44
N SER D 128 5.86 16.67 45.52
CA SER D 128 6.65 16.22 44.40
C SER D 128 6.28 14.79 44.03
N TYR D 129 6.43 14.46 42.76
CA TYR D 129 5.93 13.21 42.19
C TYR D 129 7.03 12.52 41.38
N ASN D 130 6.78 11.27 41.03
CA ASN D 130 7.68 10.48 40.20
C ASN D 130 7.11 10.42 38.80
N GLY D 131 7.83 11.00 37.84
CA GLY D 131 7.37 10.99 36.46
C GLY D 131 8.38 10.42 35.48
N ASP D 132 9.57 10.06 35.95
CA ASP D 132 10.68 9.71 35.07
C ASP D 132 11.14 8.27 35.14
N LEU D 133 10.87 7.55 36.22
CA LEU D 133 11.46 6.25 36.45
C LEU D 133 10.40 5.17 36.57
N LEU D 134 10.83 3.92 36.44
CA LEU D 134 9.92 2.80 36.70
C LEU D 134 9.76 2.59 38.21
N TYR D 135 10.87 2.47 38.93
CA TYR D 135 10.88 2.47 40.38
C TYR D 135 11.82 3.56 40.87
N GLU D 136 11.61 3.97 42.10
CA GLU D 136 12.51 4.93 42.71
C GLU D 136 13.78 4.23 43.16
N PRO D 137 14.93 4.93 43.14
CA PRO D 137 16.20 4.26 43.45
C PRO D 137 16.37 3.83 44.91
N TRP D 138 15.49 4.26 45.82
CA TRP D 138 15.50 3.77 47.19
C TRP D 138 14.56 2.59 47.39
N GLU D 139 14.22 1.88 46.31
CA GLU D 139 13.38 0.70 46.37
C GLU D 139 14.07 -0.56 45.87
N ILE D 140 15.18 -0.43 45.15
CA ILE D 140 15.89 -1.56 44.57
C ILE D 140 17.13 -1.77 45.42
N TYR D 141 17.13 -2.82 46.23
CA TYR D 141 18.24 -3.13 47.10
C TYR D 141 18.69 -4.57 46.88
N CYS D 142 19.76 -4.92 47.58
CA CYS D 142 20.27 -6.29 47.61
C CYS D 142 19.61 -7.04 48.76
N GLU D 143 20.14 -8.23 49.08
CA GLU D 143 19.55 -9.05 50.14
C GLU D 143 19.75 -8.44 51.52
N LYS D 144 20.87 -7.75 51.72
CA LYS D 144 21.16 -7.06 52.97
C LYS D 144 20.59 -5.65 53.02
N GLY D 145 19.91 -5.21 51.97
CA GLY D 145 19.35 -3.87 51.94
C GLY D 145 20.31 -2.78 51.51
N LYS D 146 21.32 -3.11 50.72
CA LYS D 146 22.33 -2.18 50.25
C LYS D 146 22.22 -2.01 48.74
N PRO D 147 22.63 -0.86 48.20
CA PRO D 147 22.53 -0.65 46.76
C PRO D 147 23.52 -1.51 45.97
N PHE D 148 23.15 -1.76 44.72
CA PHE D 148 23.96 -2.54 43.79
C PHE D 148 25.15 -1.73 43.29
N THR D 149 26.07 -2.42 42.61
CA THR D 149 27.22 -1.79 41.99
C THR D 149 27.45 -2.21 40.54
N SER D 150 26.71 -3.17 40.02
CA SER D 150 26.80 -3.58 38.64
C SER D 150 25.43 -3.46 37.99
N PHE D 151 25.39 -3.49 36.66
CA PHE D 151 24.13 -3.26 35.99
C PHE D 151 23.25 -4.50 35.98
N ASN D 152 23.80 -5.66 35.59
CA ASN D 152 22.95 -6.84 35.47
C ASN D 152 22.58 -7.43 36.82
N SER D 153 23.34 -7.12 37.87
CA SER D 153 22.85 -7.38 39.21
C SER D 153 21.66 -6.50 39.55
N TYR D 154 21.65 -5.27 39.03
CA TYR D 154 20.60 -4.31 39.31
C TYR D 154 19.35 -4.59 38.48
N TRP D 155 19.53 -5.00 37.23
CA TRP D 155 18.39 -5.17 36.33
C TRP D 155 17.66 -6.49 36.53
N LYS D 156 18.33 -7.50 37.11
CA LYS D 156 17.61 -8.72 37.46
C LYS D 156 16.75 -8.57 38.70
N LYS D 157 16.95 -7.51 39.48
CA LYS D 157 16.07 -7.21 40.60
C LYS D 157 14.86 -6.40 40.17
N CYS D 158 15.03 -5.48 39.22
CA CYS D 158 13.92 -4.64 38.76
C CYS D 158 12.89 -5.43 37.97
N LEU D 159 13.27 -6.56 37.39
CA LEU D 159 12.31 -7.42 36.71
C LEU D 159 11.62 -8.41 37.63
N ASP D 160 11.86 -8.31 38.94
CA ASP D 160 11.27 -9.20 39.93
C ASP D 160 10.91 -8.42 41.19
N MET D 161 10.22 -7.30 41.03
CA MET D 161 10.13 -6.29 42.09
C MET D 161 8.83 -6.31 42.87
N SER D 162 7.93 -7.26 42.61
CA SER D 162 6.64 -7.49 43.27
C SER D 162 5.61 -6.38 43.05
N ILE D 163 5.92 -5.34 42.27
CA ILE D 163 5.00 -4.25 41.93
C ILE D 163 5.38 -3.72 40.55
N GLU D 164 4.56 -2.81 40.03
CA GLU D 164 4.86 -1.98 38.86
C GLU D 164 3.87 -0.81 38.85
N SER D 165 4.31 0.33 38.31
CA SER D 165 3.50 1.54 38.31
C SER D 165 2.68 1.67 37.02
N VAL D 166 1.71 2.58 37.06
CA VAL D 166 0.62 2.60 36.09
C VAL D 166 0.70 3.86 35.23
N MET D 167 -0.19 3.94 34.23
CA MET D 167 -0.24 5.06 33.27
C MET D 167 -1.49 5.88 33.54
N LEU D 168 -1.31 7.11 33.95
CA LEU D 168 -2.45 7.97 34.21
C LEU D 168 -3.00 8.56 32.91
N PRO D 169 -4.32 8.61 32.74
CA PRO D 169 -4.88 9.34 31.60
C PRO D 169 -4.74 10.84 31.82
N PRO D 170 -4.71 11.63 30.76
CA PRO D 170 -4.62 13.09 30.90
C PRO D 170 -5.90 13.65 31.47
N PRO D 171 -5.86 14.85 32.05
CA PRO D 171 -7.08 15.47 32.55
C PRO D 171 -8.02 15.86 31.41
N TRP D 172 -9.30 15.97 31.76
CA TRP D 172 -10.31 16.28 30.76
C TRP D 172 -10.45 17.78 30.52
N ARG D 173 -10.15 18.59 31.53
CA ARG D 173 -10.28 20.04 31.45
C ARG D 173 -9.43 20.67 32.54
N LEU D 174 -8.87 21.83 32.24
CA LEU D 174 -8.15 22.64 33.23
C LEU D 174 -8.88 23.97 33.43
N MET D 175 -8.60 24.61 34.56
CA MET D 175 -9.28 25.85 34.94
C MET D 175 -8.29 26.87 35.47
N PRO D 176 -8.03 27.95 34.74
CA PRO D 176 -7.55 29.17 35.38
C PRO D 176 -8.66 30.21 35.50
N ILE D 177 -8.38 31.35 36.12
CA ILE D 177 -9.30 32.49 36.09
C ILE D 177 -8.56 33.75 35.68
N THR D 178 -7.55 33.61 34.81
CA THR D 178 -6.76 34.74 34.36
C THR D 178 -7.53 35.63 33.40
N SER D 188 4.21 37.45 32.27
CA SER D 188 5.03 36.45 31.52
C SER D 188 6.17 37.15 30.77
N ILE D 189 7.31 36.48 30.63
CA ILE D 189 8.50 37.05 29.93
C ILE D 189 8.69 36.25 28.64
N GLU D 190 9.44 36.81 27.68
CA GLU D 190 9.72 36.07 26.42
C GLU D 190 10.60 34.86 26.71
N GLU D 191 11.68 35.04 27.48
CA GLU D 191 12.52 33.87 27.88
C GLU D 191 13.05 33.27 26.58
N LEU D 192 12.61 33.81 25.45
CA LEU D 192 13.01 33.30 24.13
C LEU D 192 14.52 33.44 24.01
N GLY D 193 15.17 34.00 25.02
CA GLY D 193 16.63 34.00 24.96
C GLY D 193 16.86 32.51 25.10
N LEU D 194 17.08 31.83 23.97
CA LEU D 194 17.37 30.38 24.01
C LEU D 194 18.31 30.20 22.82
N GLU D 195 18.60 31.29 22.10
CA GLU D 195 19.46 31.22 20.89
C GLU D 195 20.07 32.59 20.60
N ASN D 196 21.27 32.63 20.03
CA ASN D 196 21.93 33.89 19.59
C ASN D 196 21.46 34.18 18.17
N GLU D 197 21.46 35.44 17.74
CA GLU D 197 20.87 35.81 16.45
C GLU D 197 21.79 35.41 15.31
N ALA D 198 23.07 35.17 15.57
CA ALA D 198 23.97 34.66 14.54
C ALA D 198 23.80 33.16 14.35
N GLU D 199 23.58 32.43 15.44
CA GLU D 199 23.42 30.97 15.40
C GLU D 199 22.00 30.55 15.07
N LYS D 200 21.10 31.51 14.86
CA LYS D 200 19.68 31.17 14.67
C LYS D 200 19.36 30.47 13.34
N PRO D 201 19.87 30.89 12.16
CA PRO D 201 19.51 30.14 10.95
C PRO D 201 20.23 28.83 10.77
N SER D 202 21.38 28.63 11.42
CA SER D 202 22.03 27.34 11.36
C SER D 202 21.43 26.35 12.33
N ASN D 203 20.80 26.85 13.41
CA ASN D 203 20.08 25.97 14.33
C ASN D 203 18.79 25.46 13.71
N ALA D 204 18.15 26.25 12.86
CA ALA D 204 16.88 25.87 12.26
C ALA D 204 17.01 24.73 11.26
N LEU D 205 18.22 24.46 10.78
CA LEU D 205 18.45 23.34 9.86
C LEU D 205 18.46 21.99 10.56
N LEU D 206 18.36 21.95 11.88
CA LEU D 206 18.18 20.71 12.62
C LEU D 206 16.79 20.10 12.44
N THR D 207 15.85 20.86 11.87
CA THR D 207 14.48 20.42 11.64
C THR D 207 14.38 19.53 10.41
N ARG D 208 15.44 19.40 9.62
CA ARG D 208 15.47 18.43 8.55
C ARG D 208 15.47 17.00 9.06
N ALA D 209 15.91 16.77 10.29
CA ALA D 209 15.94 15.44 10.87
C ALA D 209 15.05 15.25 12.08
N TRP D 210 14.65 16.32 12.77
CA TRP D 210 13.97 16.20 14.06
C TRP D 210 12.77 17.12 14.12
N SER D 211 11.82 16.74 14.98
CA SER D 211 10.61 17.52 15.21
C SER D 211 10.23 17.36 16.69
N PRO D 212 10.48 18.36 17.52
CA PRO D 212 10.17 18.25 18.95
C PRO D 212 8.67 18.34 19.23
N GLY D 213 8.31 17.96 20.45
CA GLY D 213 6.93 17.97 20.89
C GLY D 213 6.44 16.60 21.31
N TRP D 214 5.50 16.55 22.26
CA TRP D 214 5.02 15.26 22.76
C TRP D 214 4.15 14.54 21.74
N SER D 215 3.52 15.26 20.82
CA SER D 215 2.70 14.60 19.80
C SER D 215 3.56 13.86 18.79
N ASN D 216 4.79 14.30 18.59
CA ASN D 216 5.71 13.63 17.70
C ASN D 216 6.45 12.49 18.38
N ALA D 217 6.61 12.55 19.70
CA ALA D 217 7.16 11.43 20.45
C ALA D 217 6.22 10.23 20.43
N ASP D 218 4.92 10.47 20.38
CA ASP D 218 3.95 9.39 20.29
C ASP D 218 3.94 8.75 18.91
N LYS D 219 4.20 9.51 17.86
CA LYS D 219 4.23 8.94 16.53
C LYS D 219 5.50 8.18 16.25
N LEU D 220 6.60 8.51 16.93
CA LEU D 220 7.82 7.75 16.77
C LEU D 220 7.86 6.49 17.62
N LEU D 221 7.06 6.40 18.67
CA LEU D 221 6.95 5.15 19.39
C LEU D 221 6.10 4.14 18.62
N ASN D 222 5.03 4.60 17.96
CA ASN D 222 4.22 3.72 17.12
C ASN D 222 5.01 3.26 15.90
N GLU D 223 5.82 4.15 15.34
CA GLU D 223 6.58 3.83 14.14
C GLU D 223 7.67 2.81 14.42
N PHE D 224 8.20 2.77 15.65
CA PHE D 224 9.24 1.81 16.00
C PHE D 224 8.67 0.46 16.39
N ILE D 225 7.56 0.47 17.11
CA ILE D 225 6.90 -0.76 17.56
C ILE D 225 6.39 -1.55 16.36
N GLU D 226 5.93 -0.86 15.33
CA GLU D 226 5.35 -1.52 14.17
C GLU D 226 6.33 -1.79 13.05
N LYS D 227 7.53 -1.21 13.05
CA LYS D 227 8.43 -1.47 11.94
C LYS D 227 9.69 -2.23 12.33
N GLN D 228 10.54 -1.71 13.23
CA GLN D 228 11.86 -2.30 13.38
C GLN D 228 12.17 -2.75 14.79
N LEU D 229 11.18 -2.78 15.69
CA LEU D 229 11.36 -3.46 16.96
C LEU D 229 11.52 -4.96 16.76
N ILE D 230 10.98 -5.50 15.67
CA ILE D 230 11.04 -6.92 15.36
C ILE D 230 12.48 -7.36 15.13
N ASP D 231 13.24 -6.55 14.41
CA ASP D 231 14.59 -6.89 13.97
C ASP D 231 15.66 -6.35 14.89
N TYR D 232 15.30 -5.89 16.08
CA TYR D 232 16.24 -5.17 16.94
C TYR D 232 17.36 -6.06 17.47
N ALA D 233 17.10 -7.35 17.71
CA ALA D 233 18.12 -8.20 18.30
C ALA D 233 19.22 -8.57 17.33
N LYS D 234 19.00 -8.40 16.03
CA LYS D 234 20.02 -8.64 15.04
C LYS D 234 20.55 -7.37 14.39
N ASN D 235 19.91 -6.23 14.59
CA ASN D 235 20.27 -5.00 13.89
C ASN D 235 20.71 -3.86 14.79
N SER D 236 20.67 -3.99 16.12
CA SER D 236 20.92 -2.86 17.01
C SER D 236 22.39 -2.43 17.05
N LYS D 237 23.29 -3.14 16.39
CA LYS D 237 24.68 -2.73 16.31
C LYS D 237 25.06 -2.22 14.92
N LYS D 238 24.15 -2.26 13.96
CA LYS D 238 24.41 -1.76 12.62
C LYS D 238 24.06 -0.27 12.57
N VAL D 239 24.99 0.52 12.04
CA VAL D 239 24.77 1.95 11.89
C VAL D 239 24.21 2.28 10.51
N VAL D 240 24.38 1.40 9.53
CA VAL D 240 23.62 1.49 8.30
C VAL D 240 22.15 1.22 8.58
N GLY D 241 21.28 2.08 8.06
CA GLY D 241 19.86 1.92 8.31
C GLY D 241 19.41 2.45 9.65
N ASN D 242 18.11 2.77 9.75
CA ASN D 242 17.53 3.23 11.01
C ASN D 242 17.04 2.01 11.78
N SER D 243 17.95 1.43 12.56
CA SER D 243 17.67 0.19 13.26
C SER D 243 17.31 0.38 14.72
N THR D 244 17.49 1.57 15.27
CA THR D 244 17.14 1.88 16.65
C THR D 244 15.93 2.80 16.65
N SER D 245 15.48 3.19 17.85
CA SER D 245 14.18 3.82 17.96
C SER D 245 14.20 5.33 17.71
N LEU D 246 15.36 5.98 17.89
CA LEU D 246 15.53 7.43 17.79
C LEU D 246 14.60 8.18 18.73
N LEU D 247 14.55 7.71 19.98
CA LEU D 247 13.64 8.26 20.97
C LEU D 247 14.35 9.05 22.05
N SER D 248 15.68 9.09 22.05
CA SER D 248 16.41 9.63 23.18
C SER D 248 16.29 11.13 23.44
N PRO D 249 16.12 12.03 22.47
CA PRO D 249 15.78 13.42 22.87
C PRO D 249 14.35 13.58 23.32
N TYR D 250 13.45 12.68 22.97
CA TYR D 250 12.10 12.72 23.53
C TYR D 250 12.08 12.20 24.96
N LEU D 251 12.89 11.19 25.25
CA LEU D 251 12.97 10.64 26.60
C LEU D 251 13.78 11.52 27.54
N HIS D 252 14.65 12.38 27.03
CA HIS D 252 15.42 13.25 27.90
C HIS D 252 14.57 14.41 28.40
N PHE D 253 13.76 15.00 27.54
CA PHE D 253 12.92 16.13 27.93
C PHE D 253 11.58 15.70 28.46
N GLY D 254 11.33 14.40 28.59
CA GLY D 254 10.11 13.91 29.18
C GLY D 254 8.88 14.12 28.34
N GLU D 255 9.01 14.03 27.02
CA GLU D 255 7.86 14.16 26.14
C GLU D 255 7.17 12.83 25.89
N ILE D 256 7.83 11.73 26.19
CA ILE D 256 7.23 10.42 26.18
C ILE D 256 7.49 9.79 27.54
N SER D 257 6.47 9.11 28.07
CA SER D 257 6.60 8.48 29.37
C SER D 257 7.31 7.15 29.22
N VAL D 258 8.17 6.83 30.19
CA VAL D 258 8.94 5.61 30.09
C VAL D 258 8.15 4.41 30.60
N ARG D 259 7.10 4.64 31.39
CA ARG D 259 6.20 3.57 31.78
C ARG D 259 5.22 3.25 30.66
N HIS D 260 4.96 4.22 29.80
CA HIS D 260 4.17 4.02 28.61
C HIS D 260 4.90 3.15 27.60
N VAL D 261 6.23 3.27 27.54
CA VAL D 261 7.04 2.44 26.65
C VAL D 261 7.11 1.00 27.17
N PHE D 262 7.29 0.85 28.49
CA PHE D 262 7.39 -0.46 29.11
C PHE D 262 6.11 -1.26 29.01
N GLN D 263 4.95 -0.59 29.09
CA GLN D 263 3.66 -1.26 28.95
C GLN D 263 3.44 -1.75 27.53
N CYS D 264 3.73 -0.91 26.53
CA CYS D 264 3.44 -1.26 25.15
C CYS D 264 4.40 -2.31 24.61
N ALA D 265 5.65 -2.32 25.09
CA ALA D 265 6.60 -3.32 24.61
C ALA D 265 6.35 -4.68 25.24
N ARG D 266 5.84 -4.72 26.47
CA ARG D 266 5.51 -5.99 27.09
C ARG D 266 4.18 -6.55 26.60
N MET D 267 3.38 -5.77 25.89
CA MET D 267 2.19 -6.28 25.24
C MET D 267 2.49 -6.84 23.85
N LYS D 268 3.44 -6.26 23.12
CA LYS D 268 3.88 -6.87 21.87
C LYS D 268 4.63 -8.17 22.13
N GLN D 269 5.24 -8.31 23.29
CA GLN D 269 6.02 -9.50 23.59
C GLN D 269 5.14 -10.71 23.85
N ILE D 270 3.92 -10.51 24.36
CA ILE D 270 3.05 -11.66 24.60
C ILE D 270 2.36 -12.10 23.31
N ILE D 271 2.16 -11.19 22.36
CA ILE D 271 1.58 -11.57 21.08
C ILE D 271 2.58 -12.36 20.25
N TRP D 272 3.85 -11.96 20.29
CA TRP D 272 4.88 -12.67 19.54
C TRP D 272 5.25 -13.99 20.18
N ALA D 273 5.11 -14.11 21.50
CA ALA D 273 5.30 -15.41 22.14
C ALA D 273 4.16 -16.37 21.84
N ARG D 274 2.98 -15.85 21.53
CA ARG D 274 1.84 -16.67 21.16
C ARG D 274 1.79 -17.01 19.69
N ASP D 275 2.70 -16.45 18.89
CA ASP D 275 2.90 -16.88 17.52
C ASP D 275 4.17 -17.71 17.36
N LYS D 276 4.88 -17.94 18.47
CA LYS D 276 6.20 -18.60 18.52
C LYS D 276 7.22 -17.90 17.62
N ASN D 277 7.14 -16.57 17.58
CA ASN D 277 8.13 -15.71 16.92
C ASN D 277 9.24 -15.47 17.93
N SER D 278 10.19 -16.40 17.98
CA SER D 278 11.20 -16.38 19.03
C SER D 278 12.25 -15.30 18.83
N GLU D 279 12.39 -14.78 17.62
CA GLU D 279 13.36 -13.71 17.38
C GLU D 279 12.76 -12.35 17.66
N GLY D 280 11.50 -12.14 17.28
CA GLY D 280 10.81 -10.91 17.67
C GLY D 280 10.59 -10.79 19.16
N GLU D 281 10.47 -11.92 19.85
CA GLU D 281 10.34 -11.91 21.30
C GLU D 281 11.67 -11.62 21.97
N GLU D 282 12.77 -12.11 21.40
CA GLU D 282 14.10 -11.84 21.93
C GLU D 282 14.50 -10.39 21.70
N SER D 283 14.00 -9.77 20.65
CA SER D 283 14.25 -8.36 20.39
C SER D 283 13.55 -7.47 21.41
N ALA D 284 12.36 -7.86 21.85
CA ALA D 284 11.64 -7.07 22.85
C ALA D 284 12.28 -7.17 24.22
N ASP D 285 13.04 -8.22 24.47
CA ASP D 285 13.77 -8.36 25.73
C ASP D 285 15.04 -7.51 25.75
N LEU D 286 15.70 -7.37 24.60
CA LEU D 286 16.92 -6.58 24.50
C LEU D 286 16.63 -5.09 24.41
N PHE D 287 15.46 -4.71 23.89
CA PHE D 287 15.12 -3.29 23.86
C PHE D 287 14.79 -2.76 25.25
N LEU D 288 14.17 -3.58 26.09
CA LEU D 288 13.89 -3.16 27.45
C LEU D 288 15.15 -3.12 28.30
N ARG D 289 16.19 -3.86 27.92
CA ARG D 289 17.48 -3.76 28.60
C ARG D 289 18.14 -2.42 28.32
N GLY D 290 17.90 -1.83 27.15
CA GLY D 290 18.40 -0.51 26.86
C GLY D 290 17.69 0.58 27.65
N ILE D 291 16.40 0.39 27.93
CA ILE D 291 15.65 1.29 28.79
C ILE D 291 16.12 1.16 30.24
N GLY D 292 16.54 -0.03 30.65
CA GLY D 292 17.09 -0.22 31.97
C GLY D 292 18.45 0.41 32.19
N LEU D 293 19.19 0.68 31.11
CA LEU D 293 20.42 1.44 31.22
C LEU D 293 20.14 2.90 31.52
N ARG D 294 19.01 3.42 31.06
CA ARG D 294 18.58 4.76 31.44
C ARG D 294 18.17 4.80 32.91
N GLU D 295 17.54 3.71 33.39
CA GLU D 295 17.20 3.59 34.81
C GLU D 295 18.44 3.48 35.67
N TYR D 296 19.47 2.79 35.18
CA TYR D 296 20.66 2.56 35.98
C TYR D 296 21.53 3.80 36.09
N SER D 297 21.47 4.69 35.09
CA SER D 297 22.25 5.91 35.15
C SER D 297 21.74 6.87 36.22
N ARG D 298 20.42 6.87 36.46
CA ARG D 298 19.86 7.62 37.58
C ARG D 298 20.10 6.93 38.90
N TYR D 299 20.34 5.62 38.88
CA TYR D 299 20.55 4.86 40.10
C TYR D 299 21.92 5.16 40.72
N ILE D 300 22.99 5.04 39.93
CA ILE D 300 24.32 5.31 40.48
C ILE D 300 24.58 6.80 40.64
N CYS D 301 23.82 7.65 39.97
CA CYS D 301 23.91 9.07 40.23
C CYS D 301 23.30 9.42 41.58
N PHE D 302 22.26 8.70 41.99
CA PHE D 302 21.61 8.96 43.27
C PHE D 302 22.46 8.42 44.42
N ASN D 303 23.09 7.27 44.23
CA ASN D 303 23.80 6.58 45.31
C ASN D 303 25.27 6.99 45.39
N PHE D 304 25.96 7.12 44.25
CA PHE D 304 27.34 7.57 44.21
C PHE D 304 27.40 8.87 43.41
N PRO D 305 27.04 10.00 44.02
CA PRO D 305 27.04 11.27 43.27
C PRO D 305 28.43 11.87 43.10
N SER D 311 37.30 14.80 40.30
CA SER D 311 35.89 15.15 40.14
C SER D 311 35.06 13.93 39.73
N LEU D 312 34.89 13.75 38.42
CA LEU D 312 34.10 12.63 37.90
C LEU D 312 34.97 11.41 37.57
N LEU D 313 35.94 11.59 36.69
CA LEU D 313 36.86 10.51 36.32
C LEU D 313 38.16 10.75 37.08
N SER D 314 38.21 10.25 38.32
CA SER D 314 39.38 10.45 39.17
C SER D 314 40.41 9.35 39.03
N HIS D 315 40.08 8.23 38.39
CA HIS D 315 41.09 7.21 38.14
C HIS D 315 42.03 7.59 37.01
N LEU D 316 41.74 8.66 36.26
CA LEU D 316 42.67 9.27 35.32
C LEU D 316 42.86 10.72 35.76
N ARG D 317 43.74 10.93 36.74
CA ARG D 317 44.08 12.27 37.18
C ARG D 317 45.58 12.55 37.19
N PHE D 318 46.42 11.52 37.16
CA PHE D 318 47.83 11.67 36.89
C PHE D 318 48.20 11.21 35.49
N PHE D 319 47.21 11.13 34.60
CA PHE D 319 47.46 10.79 33.20
C PHE D 319 48.12 11.96 32.48
N PRO D 320 49.19 11.72 31.73
CA PRO D 320 49.79 12.78 30.91
C PRO D 320 48.99 13.01 29.63
N TRP D 321 48.24 14.11 29.61
CA TRP D 321 47.44 14.46 28.45
C TRP D 321 48.21 15.40 27.53
N ASP D 322 48.00 15.25 26.23
CA ASP D 322 48.59 16.15 25.25
C ASP D 322 47.65 17.32 25.02
N ALA D 323 48.07 18.52 25.45
CA ALA D 323 47.26 19.72 25.31
C ALA D 323 47.54 20.37 23.96
N ASP D 324 47.01 19.74 22.92
CA ASP D 324 47.18 20.20 21.55
C ASP D 324 45.83 20.65 21.01
N VAL D 325 45.69 21.94 20.73
CA VAL D 325 44.39 22.49 20.36
C VAL D 325 44.09 22.37 18.87
N ASP D 326 45.09 22.16 18.03
CA ASP D 326 44.80 21.94 16.62
C ASP D 326 44.49 20.49 16.32
N LYS D 327 44.90 19.56 17.18
CA LYS D 327 44.38 18.20 17.10
C LYS D 327 42.92 18.15 17.53
N PHE D 328 42.52 19.04 18.44
CA PHE D 328 41.13 19.14 18.83
C PHE D 328 40.30 19.75 17.71
N LYS D 329 40.88 20.65 16.92
CA LYS D 329 40.17 21.25 15.81
C LYS D 329 40.01 20.28 14.65
N ALA D 330 41.00 19.42 14.45
CA ALA D 330 40.89 18.38 13.41
C ALA D 330 39.95 17.27 13.81
N TRP D 331 39.72 17.06 15.10
CA TRP D 331 38.80 16.02 15.54
C TRP D 331 37.35 16.43 15.34
N ARG D 332 37.01 17.68 15.69
CA ARG D 332 35.62 18.09 15.53
C ARG D 332 35.28 18.51 14.12
N GLN D 333 36.28 18.73 13.27
CA GLN D 333 36.02 18.99 11.86
C GLN D 333 35.83 17.71 11.07
N GLY D 334 36.25 16.57 11.60
CA GLY D 334 36.17 15.33 10.88
C GLY D 334 37.22 15.26 9.79
N ARG D 335 38.48 15.48 10.15
CA ARG D 335 39.56 15.50 9.18
C ARG D 335 40.77 14.78 9.74
N THR D 336 40.54 13.62 10.35
CA THR D 336 41.60 12.86 10.99
C THR D 336 42.25 11.84 10.08
N GLY D 337 41.60 11.47 8.99
CA GLY D 337 42.10 10.39 8.15
C GLY D 337 41.61 9.02 8.52
N TYR D 338 40.72 8.91 9.49
CA TYR D 338 40.13 7.65 9.90
C TYR D 338 38.66 7.71 9.56
N PRO D 339 38.19 6.95 8.56
CA PRO D 339 36.86 7.24 7.97
C PRO D 339 35.67 6.95 8.88
N LEU D 340 35.74 6.00 9.82
CA LEU D 340 34.64 5.86 10.77
C LEU D 340 34.56 7.02 11.73
N VAL D 341 35.70 7.58 12.14
CA VAL D 341 35.69 8.73 13.03
C VAL D 341 35.22 9.97 12.29
N ASP D 342 35.66 10.13 11.03
CA ASP D 342 35.29 11.32 10.25
C ASP D 342 33.82 11.28 9.84
N ALA D 343 33.27 10.11 9.54
CA ALA D 343 31.87 10.03 9.20
C ALA D 343 30.97 10.26 10.41
N GLY D 344 31.41 9.80 11.58
CA GLY D 344 30.66 10.04 12.79
C GLY D 344 30.68 11.49 13.24
N MET D 345 31.80 12.17 13.03
CA MET D 345 31.87 13.58 13.40
C MET D 345 31.11 14.47 12.43
N ARG D 346 30.96 14.05 11.17
CA ARG D 346 30.17 14.82 10.23
C ARG D 346 28.67 14.60 10.41
N GLU D 347 28.26 13.41 10.82
CA GLU D 347 26.85 13.17 11.13
C GLU D 347 26.43 13.89 12.40
N LEU D 348 27.33 13.96 13.39
CA LEU D 348 27.04 14.62 14.65
C LEU D 348 26.83 16.12 14.45
N TRP D 349 27.66 16.76 13.63
CA TRP D 349 27.48 18.19 13.38
C TRP D 349 26.26 18.46 12.52
N ALA D 350 25.94 17.57 11.59
CA ALA D 350 24.82 17.82 10.69
C ALA D 350 23.46 17.58 11.35
N THR D 351 23.33 16.53 12.15
CA THR D 351 22.03 16.13 12.67
C THR D 351 21.89 16.22 14.19
N GLY D 352 22.98 16.22 14.95
CA GLY D 352 22.87 16.30 16.38
C GLY D 352 22.62 14.99 17.09
N TRP D 353 22.83 13.86 16.41
CA TRP D 353 22.59 12.56 16.99
C TRP D 353 23.61 11.59 16.40
N MET D 354 24.01 10.60 17.20
CA MET D 354 24.83 9.51 16.75
C MET D 354 24.32 8.20 17.29
N HIS D 355 24.50 7.14 16.51
CA HIS D 355 24.29 5.78 16.99
C HIS D 355 25.26 5.48 18.12
N ASN D 356 24.82 4.62 19.04
CA ASN D 356 25.55 4.37 20.29
C ASN D 356 26.92 3.76 20.06
N ARG D 357 27.07 2.93 19.03
CA ARG D 357 28.35 2.33 18.71
C ARG D 357 29.31 3.31 18.06
N ILE D 358 28.81 4.38 17.44
CA ILE D 358 29.67 5.41 16.87
C ILE D 358 30.13 6.38 17.96
N ARG D 359 29.31 6.61 18.99
CA ARG D 359 29.73 7.41 20.13
C ARG D 359 30.86 6.74 20.90
N VAL D 360 30.91 5.41 20.90
CA VAL D 360 32.05 4.72 21.49
C VAL D 360 33.28 4.90 20.63
N ILE D 361 33.12 4.96 19.31
CA ILE D 361 34.25 5.03 18.39
C ILE D 361 34.91 6.39 18.44
N VAL D 362 34.11 7.46 18.35
CA VAL D 362 34.71 8.79 18.27
C VAL D 362 35.25 9.27 19.60
N SER D 363 34.82 8.68 20.71
CA SER D 363 35.30 9.08 22.03
C SER D 363 36.44 8.22 22.52
N SER D 364 36.51 6.96 22.11
CA SER D 364 37.71 6.17 22.34
C SER D 364 38.88 6.70 21.51
N PHE D 365 38.59 7.25 20.32
CA PHE D 365 39.63 7.85 19.50
C PHE D 365 40.19 9.11 20.13
N ALA D 366 39.33 9.92 20.75
CA ALA D 366 39.79 11.17 21.34
C ALA D 366 40.63 10.94 22.58
N VAL D 367 40.37 9.86 23.31
CA VAL D 367 41.01 9.62 24.60
C VAL D 367 42.24 8.72 24.45
N LYS D 368 42.18 7.70 23.59
CA LYS D 368 43.28 6.76 23.46
C LYS D 368 44.25 7.08 22.33
N PHE D 369 43.80 7.69 21.24
CA PHE D 369 44.70 7.97 20.12
C PHE D 369 45.29 9.37 20.22
N LEU D 370 44.42 10.38 20.21
CA LEU D 370 44.91 11.76 20.29
C LEU D 370 45.37 12.09 21.70
N LEU D 371 44.82 11.39 22.70
CA LEU D 371 45.15 11.53 24.11
C LEU D 371 44.94 12.96 24.61
N LEU D 372 43.88 13.59 24.11
CA LEU D 372 43.41 14.86 24.61
C LEU D 372 42.66 14.63 25.92
N PRO D 373 42.56 15.66 26.78
CA PRO D 373 41.80 15.51 28.02
C PRO D 373 40.33 15.21 27.77
N ALA D 374 39.78 14.30 28.57
CA ALA D 374 38.41 13.85 28.39
C ALA D 374 37.40 14.93 28.72
N LYS D 375 37.78 15.91 29.53
CA LYS D 375 36.94 17.07 29.79
C LYS D 375 36.68 17.88 28.52
N TRP D 376 37.65 17.90 27.61
CA TRP D 376 37.50 18.66 26.36
C TRP D 376 36.46 18.01 25.46
N GLY D 377 36.40 16.68 25.43
CA GLY D 377 35.45 16.01 24.59
C GLY D 377 34.06 15.93 25.18
N MET D 378 33.97 15.91 26.51
CA MET D 378 32.68 15.92 27.17
C MET D 378 31.97 17.25 26.99
N LYS D 379 32.73 18.35 26.97
CA LYS D 379 32.15 19.66 26.76
C LYS D 379 31.71 19.87 25.32
N TYR D 380 32.33 19.16 24.36
CA TYR D 380 31.88 19.23 22.99
C TYR D 380 30.63 18.38 22.75
N PHE D 381 30.49 17.25 23.45
CA PHE D 381 29.28 16.46 23.35
C PHE D 381 28.10 17.18 24.01
N TRP D 382 28.36 17.94 25.07
CA TRP D 382 27.34 18.70 25.76
C TRP D 382 26.76 19.81 24.90
N ASP D 383 27.51 20.28 23.91
CA ASP D 383 27.13 21.42 23.11
C ASP D 383 26.52 21.02 21.76
N THR D 384 26.70 19.77 21.34
CA THR D 384 26.32 19.34 20.01
C THR D 384 25.32 18.20 19.96
N LEU D 385 24.98 17.57 21.08
CA LEU D 385 23.99 16.51 21.11
C LEU D 385 22.64 17.06 21.56
N LEU D 386 21.57 16.56 20.95
CA LEU D 386 20.22 16.99 21.31
C LEU D 386 19.72 16.30 22.57
N ASP D 387 20.21 15.10 22.85
CA ASP D 387 19.85 14.35 24.04
C ASP D 387 20.94 14.41 25.10
N ALA D 388 21.60 15.54 25.25
CA ALA D 388 22.71 15.68 26.20
C ALA D 388 22.16 15.63 27.61
N ASP D 389 22.25 14.45 28.21
CA ASP D 389 21.69 14.13 29.50
C ASP D 389 22.84 14.04 30.49
N LEU D 390 22.68 14.64 31.67
CA LEU D 390 23.78 14.69 32.64
C LEU D 390 24.13 13.31 33.17
N GLU D 391 23.13 12.49 33.49
CA GLU D 391 23.40 11.18 34.07
C GLU D 391 23.78 10.14 33.02
N CYS D 392 23.34 10.30 31.77
CA CYS D 392 23.68 9.37 30.72
C CYS D 392 25.02 9.68 30.07
N ASP D 393 25.46 10.93 30.08
CA ASP D 393 26.78 11.28 29.59
C ASP D 393 27.85 10.83 30.58
N ILE D 394 27.53 10.82 31.87
CA ILE D 394 28.44 10.27 32.89
C ILE D 394 28.65 8.78 32.71
N LEU D 395 27.57 8.01 32.52
CA LEU D 395 27.71 6.58 32.35
C LEU D 395 28.38 6.21 31.05
N GLY D 396 28.24 7.05 30.02
CA GLY D 396 28.86 6.75 28.75
C GLY D 396 30.36 7.00 28.74
N TRP D 397 30.78 8.10 29.34
CA TRP D 397 32.20 8.42 29.39
C TRP D 397 32.95 7.62 30.45
N GLN D 398 32.24 7.05 31.42
CA GLN D 398 32.87 6.10 32.34
C GLN D 398 32.97 4.71 31.74
N TYR D 399 32.15 4.40 30.73
CA TYR D 399 32.19 3.11 30.09
C TYR D 399 33.36 2.98 29.14
N ILE D 400 33.80 4.07 28.52
CA ILE D 400 34.91 3.98 27.58
C ILE D 400 36.26 4.16 28.26
N SER D 401 36.32 4.77 29.44
CA SER D 401 37.57 5.06 30.12
C SER D 401 37.94 4.02 31.17
N GLY D 402 37.07 3.04 31.41
CA GLY D 402 37.39 1.98 32.34
C GLY D 402 37.04 2.26 33.79
N SER D 403 36.20 3.26 34.07
CA SER D 403 35.83 3.54 35.45
C SER D 403 34.87 2.49 35.99
N ILE D 404 33.89 2.10 35.19
CA ILE D 404 32.87 1.11 35.56
C ILE D 404 33.56 -0.24 35.71
N PRO D 405 33.15 -1.08 36.67
CA PRO D 405 33.67 -2.46 36.70
C PRO D 405 33.40 -3.27 35.43
N ASP D 406 32.15 -3.33 34.98
CA ASP D 406 31.85 -4.04 33.73
C ASP D 406 31.82 -3.08 32.55
N GLY D 407 32.95 -2.42 32.34
CA GLY D 407 33.11 -1.48 31.24
C GLY D 407 34.17 -1.91 30.24
N HIS D 408 34.76 -0.95 29.53
CA HIS D 408 35.84 -1.25 28.60
C HIS D 408 37.18 -1.30 29.31
N GLU D 409 38.11 -2.04 28.71
CA GLU D 409 39.48 -2.04 29.20
C GLU D 409 40.20 -0.79 28.68
N LEU D 410 41.17 -0.33 29.47
CA LEU D 410 41.92 0.87 29.14
C LEU D 410 43.21 0.56 28.40
N ASP D 411 43.74 -0.65 28.54
CA ASP D 411 44.99 -1.07 27.91
C ASP D 411 44.84 -1.39 26.42
N ARG D 412 43.62 -1.40 25.90
CA ARG D 412 43.32 -1.89 24.56
C ARG D 412 43.05 -0.72 23.61
N LEU D 413 43.48 -0.88 22.36
CA LEU D 413 43.09 0.03 21.28
C LEU D 413 42.43 -0.79 20.19
N ASP D 414 41.38 -0.25 19.60
CA ASP D 414 40.57 -0.98 18.64
C ASP D 414 41.17 -0.93 17.25
N ASN D 415 41.09 -2.04 16.54
CA ASN D 415 41.50 -2.12 15.14
C ASN D 415 40.44 -1.47 14.26
N PRO D 416 40.81 -0.55 13.35
CA PRO D 416 39.79 0.13 12.54
C PRO D 416 39.09 -0.77 11.55
N ALA D 417 39.75 -1.82 11.05
CA ALA D 417 39.09 -2.72 10.12
C ALA D 417 38.08 -3.63 10.81
N LEU D 418 38.35 -4.01 12.06
CA LEU D 418 37.45 -4.92 12.77
C LEU D 418 36.23 -4.19 13.30
N GLN D 419 36.41 -3.01 13.88
CA GLN D 419 35.26 -2.21 14.28
C GLN D 419 34.52 -1.66 13.07
N GLY D 420 35.16 -1.57 11.92
CA GLY D 420 34.44 -1.20 10.72
C GLY D 420 33.51 -2.30 10.25
N ALA D 421 33.97 -3.55 10.31
CA ALA D 421 33.16 -4.66 9.84
C ALA D 421 31.99 -4.99 10.76
N LYS D 422 32.07 -4.61 12.02
CA LYS D 422 31.00 -4.91 12.95
C LYS D 422 29.80 -3.97 12.77
N TYR D 423 30.05 -2.68 12.64
CA TYR D 423 29.00 -1.68 12.64
C TYR D 423 28.69 -1.14 11.26
N ASP D 424 29.57 -1.39 10.29
CA ASP D 424 29.38 -0.90 8.93
C ASP D 424 29.93 -1.94 7.97
N PRO D 425 29.22 -3.08 7.81
CA PRO D 425 29.83 -4.21 7.10
C PRO D 425 29.95 -4.03 5.60
N GLU D 426 29.05 -3.27 4.97
CA GLU D 426 29.14 -3.02 3.54
C GLU D 426 29.69 -1.63 3.21
N GLY D 427 30.09 -0.86 4.20
CA GLY D 427 30.69 0.44 3.96
C GLY D 427 29.73 1.53 3.56
N GLU D 428 28.43 1.33 3.73
CA GLU D 428 27.44 2.30 3.29
C GLU D 428 27.26 3.46 4.26
N TYR D 429 27.76 3.35 5.49
CA TYR D 429 27.75 4.49 6.39
C TYR D 429 28.85 5.48 6.05
N ILE D 430 30.01 4.98 5.59
CA ILE D 430 31.11 5.86 5.21
C ILE D 430 30.79 6.56 3.90
N ARG D 431 30.21 5.84 2.94
CA ARG D 431 29.92 6.40 1.63
C ARG D 431 28.81 7.43 1.66
N GLN D 432 27.94 7.39 2.67
CA GLN D 432 26.93 8.41 2.82
C GLN D 432 27.53 9.71 3.32
N TRP D 433 28.42 9.65 4.29
CA TRP D 433 28.93 10.86 4.92
C TRP D 433 30.26 11.32 4.37
N LEU D 434 31.01 10.46 3.68
CA LEU D 434 32.23 10.85 2.98
C LEU D 434 32.08 10.42 1.54
N PRO D 435 31.40 11.22 0.70
CA PRO D 435 31.20 10.82 -0.71
C PRO D 435 32.45 10.86 -1.57
N GLU D 436 33.58 11.35 -1.05
CA GLU D 436 34.84 11.26 -1.77
C GLU D 436 35.38 9.83 -1.84
N LEU D 437 34.95 8.96 -0.93
CA LEU D 437 35.40 7.56 -0.89
C LEU D 437 34.35 6.61 -1.43
N ALA D 438 33.51 7.05 -2.35
CA ALA D 438 32.39 6.23 -2.79
C ALA D 438 32.80 5.13 -3.77
N ARG D 439 33.93 5.27 -4.45
CA ARG D 439 34.41 4.24 -5.36
C ARG D 439 35.59 3.47 -4.77
N LEU D 440 35.75 3.50 -3.47
CA LEU D 440 36.75 2.69 -2.80
C LEU D 440 36.11 1.40 -2.31
N PRO D 441 36.68 0.24 -2.64
CA PRO D 441 36.07 -1.03 -2.24
C PRO D 441 36.06 -1.24 -0.72
N THR D 442 35.19 -2.13 -0.29
CA THR D 442 34.84 -2.26 1.13
C THR D 442 35.97 -2.84 1.96
N GLU D 443 36.87 -3.60 1.34
CA GLU D 443 37.99 -4.17 2.10
C GLU D 443 39.04 -3.15 2.49
N TRP D 444 38.99 -1.92 1.96
CA TRP D 444 39.93 -0.90 2.37
C TRP D 444 39.27 0.41 2.79
N ILE D 445 37.95 0.50 2.84
CA ILE D 445 37.29 1.78 3.05
C ILE D 445 37.41 2.25 4.49
N HIS D 446 37.70 1.36 5.43
CA HIS D 446 37.87 1.76 6.82
C HIS D 446 39.33 1.93 7.20
N HIS D 447 40.28 1.66 6.29
CA HIS D 447 41.70 1.87 6.54
C HIS D 447 42.42 2.14 5.22
N PRO D 448 42.22 3.34 4.64
CA PRO D 448 42.77 3.59 3.29
C PRO D 448 44.29 3.74 3.23
N TRP D 449 44.97 3.92 4.36
CA TRP D 449 46.43 4.02 4.34
C TRP D 449 47.10 2.67 4.12
N ASP D 450 46.38 1.57 4.31
CA ASP D 450 46.91 0.24 4.06
C ASP D 450 46.69 -0.23 2.64
N ALA D 451 45.92 0.51 1.84
CA ALA D 451 45.63 0.07 0.49
C ALA D 451 46.85 0.23 -0.40
N PRO D 452 47.06 -0.69 -1.35
CA PRO D 452 48.14 -0.52 -2.32
C PRO D 452 47.85 0.65 -3.25
N LEU D 453 48.93 1.11 -3.90
CA LEU D 453 48.92 2.41 -4.55
C LEU D 453 48.04 2.42 -5.81
N THR D 454 47.97 1.30 -6.53
CA THR D 454 47.12 1.26 -7.71
C THR D 454 45.65 1.08 -7.38
N VAL D 455 45.32 0.58 -6.19
CA VAL D 455 43.93 0.52 -5.75
C VAL D 455 43.41 1.91 -5.43
N LEU D 456 44.25 2.74 -4.82
CA LEU D 456 43.82 4.08 -4.41
C LEU D 456 43.62 4.99 -5.61
N LYS D 457 44.44 4.86 -6.65
CA LYS D 457 44.25 5.68 -7.83
C LYS D 457 43.32 5.05 -8.86
N ALA D 458 42.91 3.80 -8.68
CA ALA D 458 41.77 3.30 -9.45
C ALA D 458 40.48 3.96 -9.01
N SER D 459 40.40 4.38 -7.75
CA SER D 459 39.42 5.36 -7.36
C SER D 459 40.04 6.75 -7.42
N GLY D 460 39.29 7.76 -7.08
CA GLY D 460 39.83 9.09 -7.24
C GLY D 460 40.49 9.61 -5.98
N VAL D 461 41.33 8.81 -5.34
CA VAL D 461 41.83 9.10 -4.00
C VAL D 461 43.34 9.24 -4.04
N GLU D 462 43.82 10.43 -3.73
CA GLU D 462 45.23 10.65 -3.40
C GLU D 462 45.29 11.16 -1.97
N LEU D 463 45.92 10.39 -1.10
CA LEU D 463 45.94 10.72 0.32
C LEU D 463 46.83 11.93 0.57
N GLY D 464 46.26 12.95 1.20
CA GLY D 464 46.93 14.21 1.43
C GLY D 464 46.38 15.36 0.62
N THR D 465 45.64 15.08 -0.47
CA THR D 465 45.07 16.14 -1.31
C THR D 465 43.55 16.17 -1.26
N ASN D 466 42.86 15.10 -1.64
CA ASN D 466 41.41 15.09 -1.52
C ASN D 466 40.89 14.18 -0.41
N TYR D 467 41.74 13.37 0.20
CA TYR D 467 41.44 12.78 1.49
C TYR D 467 42.70 12.88 2.35
N ALA D 468 42.50 13.00 3.66
CA ALA D 468 43.60 13.29 4.57
C ALA D 468 44.39 12.04 4.91
N LYS D 469 45.68 12.24 5.21
CA LYS D 469 46.49 11.20 5.81
C LYS D 469 46.08 11.03 7.27
N PRO D 470 46.33 9.86 7.86
CA PRO D 470 46.04 9.68 9.29
C PRO D 470 46.92 10.58 10.15
N ILE D 471 46.27 11.31 11.06
CA ILE D 471 46.94 12.39 11.76
C ILE D 471 47.92 11.85 12.80
N VAL D 472 47.65 10.68 13.35
CA VAL D 472 48.62 9.91 14.10
C VAL D 472 48.55 8.47 13.59
N ASP D 473 49.72 7.84 13.47
CA ASP D 473 49.75 6.44 13.08
C ASP D 473 49.36 5.56 14.25
N ILE D 474 48.82 4.38 13.94
CA ILE D 474 48.24 3.54 14.98
C ILE D 474 49.32 2.91 15.86
N ASP D 475 50.49 2.60 15.29
CA ASP D 475 51.57 2.08 16.12
C ASP D 475 52.29 3.16 16.91
N THR D 476 52.11 4.43 16.52
CA THR D 476 52.69 5.52 17.30
C THR D 476 51.94 5.71 18.62
N ALA D 477 50.61 5.79 18.54
CA ALA D 477 49.79 6.01 19.72
C ALA D 477 49.63 4.77 20.59
N ARG D 478 49.80 3.57 20.02
CA ARG D 478 49.74 2.36 20.83
C ARG D 478 50.92 2.27 21.78
N GLU D 479 52.10 2.69 21.32
CA GLU D 479 53.26 2.73 22.19
C GLU D 479 53.37 4.04 22.96
N LEU D 480 52.63 5.08 22.56
CA LEU D 480 52.60 6.29 23.35
C LEU D 480 51.66 6.14 24.53
N LEU D 481 50.69 5.23 24.43
CA LEU D 481 49.74 5.00 25.52
C LEU D 481 50.33 4.12 26.60
N ALA D 482 51.08 3.09 26.20
CA ALA D 482 51.67 2.17 27.18
C ALA D 482 52.74 2.84 28.03
N LYS D 483 53.44 3.83 27.46
CA LYS D 483 54.31 4.66 28.28
C LYS D 483 53.51 5.67 29.10
N ALA D 484 52.34 6.10 28.61
CA ALA D 484 51.53 7.04 29.37
C ALA D 484 50.66 6.34 30.41
N ILE D 485 50.29 5.09 30.18
CA ILE D 485 49.60 4.31 31.20
C ILE D 485 50.55 4.02 32.35
N SER D 486 51.78 3.59 32.04
CA SER D 486 52.71 3.15 33.06
C SER D 486 53.32 4.28 33.87
N ARG D 487 53.07 5.55 33.53
CA ARG D 487 53.53 6.62 34.41
C ARG D 487 52.48 6.99 35.45
N THR D 488 51.19 6.99 35.08
CA THR D 488 50.15 7.28 36.07
C THR D 488 49.95 6.13 37.06
N ARG D 489 50.52 4.94 36.80
CA ARG D 489 50.55 3.90 37.81
C ARG D 489 51.53 4.22 38.93
N GLU D 490 52.66 4.85 38.60
CA GLU D 490 53.64 5.20 39.64
C GLU D 490 53.47 6.62 40.17
N ALA D 491 52.79 7.50 39.43
CA ALA D 491 52.46 8.80 40.00
C ALA D 491 51.30 8.71 40.98
N GLN D 492 50.53 7.61 40.95
CA GLN D 492 49.44 7.45 41.90
C GLN D 492 49.92 6.78 43.19
N ILE D 493 50.92 5.91 43.10
CA ILE D 493 51.47 5.26 44.29
C ILE D 493 52.33 6.22 45.11
N MET D 494 52.75 7.34 44.54
CA MET D 494 53.43 8.37 45.32
C MET D 494 52.40 9.38 45.82
PA FAD E . -12.39 -14.59 -20.56
O1A FAD E . -11.88 -15.84 -20.00
O2A FAD E . -11.73 -13.37 -19.98
O5B FAD E . -12.28 -14.63 -22.08
C5B FAD E . -11.53 -13.65 -22.82
C4B FAD E . -12.34 -13.20 -24.00
O4B FAD E . -12.33 -14.21 -25.03
C3B FAD E . -13.81 -12.94 -23.70
O3B FAD E . -13.99 -11.59 -23.31
C2B FAD E . -14.49 -13.25 -25.04
O2B FAD E . -14.49 -12.13 -25.91
C1B FAD E . -13.62 -14.37 -25.59
N9A FAD E . -14.08 -15.72 -25.27
C8A FAD E . -13.76 -16.46 -24.17
N7A FAD E . -14.32 -17.65 -24.16
C5A FAD E . -15.04 -17.69 -25.34
C6A FAD E . -15.85 -18.68 -25.92
N6A FAD E . -16.09 -19.87 -25.37
N1A FAD E . -16.44 -18.40 -27.10
C2A FAD E . -16.22 -17.21 -27.67
N3A FAD E . -15.47 -16.20 -27.21
C4A FAD E . -14.90 -16.51 -26.03
N1 FAD E . -19.78 -15.07 -25.47
C2 FAD E . -20.16 -13.85 -25.95
O2 FAD E . -19.34 -12.94 -26.11
N3 FAD E . -21.47 -13.63 -26.28
C4 FAD E . -22.48 -14.51 -26.18
O4 FAD E . -23.63 -14.19 -26.50
C4X FAD E . -22.10 -15.80 -25.64
N5 FAD E . -23.00 -16.69 -25.51
C5X FAD E . -22.64 -17.92 -25.01
C6 FAD E . -23.62 -18.90 -24.87
C7 FAD E . -23.31 -20.15 -24.36
C7M FAD E . -24.41 -21.17 -24.22
C8 FAD E . -22.00 -20.45 -24.00
C8M FAD E . -21.63 -21.81 -23.45
C9 FAD E . -21.00 -19.49 -24.16
C9A FAD E . -21.31 -18.22 -24.65
N10 FAD E . -20.34 -17.20 -24.78
C10 FAD E . -20.71 -15.98 -25.32
C1' FAD E . -18.91 -17.43 -24.47
C2' FAD E . -18.52 -17.25 -23.00
O2' FAD E . -19.57 -17.61 -22.11
C3' FAD E . -18.11 -15.80 -22.74
O3' FAD E . -17.38 -15.31 -23.85
C4' FAD E . -17.27 -15.57 -21.49
O4' FAD E . -18.11 -15.65 -20.34
C5' FAD E . -16.59 -14.23 -21.53
O5' FAD E . -16.28 -13.82 -20.18
P FAD E . -14.84 -13.29 -19.80
O1P FAD E . -14.53 -12.03 -20.60
O2P FAD E . -14.68 -13.10 -18.42
O3P FAD E . -13.95 -14.48 -20.31
PA FAD F . 15.45 12.73 -19.73
O1A FAD F . 14.87 14.03 -19.38
O2A FAD F . 14.70 11.58 -19.16
O5B FAD F . 15.59 12.64 -21.25
C5B FAD F . 14.94 11.59 -22.00
C4B FAD F . 15.93 11.03 -22.99
O4B FAD F . 16.09 11.95 -24.10
C3B FAD F . 17.33 10.81 -22.44
O3B FAD F . 17.44 9.51 -21.90
C2B FAD F . 18.22 11.00 -23.68
O2B FAD F . 18.33 9.81 -24.44
C1B FAD F . 17.45 12.06 -24.46
N9A FAD F . 17.86 13.44 -24.21
C8A FAD F . 17.39 14.28 -23.24
N7A FAD F . 17.94 15.47 -23.25
C5A FAD F . 18.85 15.40 -24.31
C6A FAD F . 19.75 16.34 -24.83
N6A FAD F . 19.90 17.57 -24.37
N1A FAD F . 20.50 15.95 -25.88
C2A FAD F . 20.36 14.70 -26.36
N3A FAD F . 19.55 13.75 -25.93
C4A FAD F . 18.80 14.15 -24.90
N1 FAD F . 23.53 12.80 -23.44
C2 FAD F . 23.96 11.55 -23.74
O2 FAD F . 23.18 10.63 -23.93
N3 FAD F . 25.31 11.31 -23.84
C4 FAD F . 26.30 12.21 -23.65
O4 FAD F . 27.47 11.86 -23.77
C4X FAD F . 25.84 13.54 -23.32
N5 FAD F . 26.73 14.44 -23.13
C5X FAD F . 26.29 15.70 -22.81
C6 FAD F . 27.25 16.70 -22.60
C7 FAD F . 26.89 18.00 -22.27
C7M FAD F . 27.96 19.03 -22.05
C8 FAD F . 25.52 18.32 -22.15
C8M FAD F . 25.09 19.71 -21.80
C9 FAD F . 24.57 17.34 -22.37
C9A FAD F . 24.94 16.03 -22.68
N10 FAD F . 24.00 14.99 -22.88
C10 FAD F . 24.42 13.73 -23.23
C1' FAD F . 22.53 15.25 -22.82
C2' FAD F . 21.91 15.20 -21.41
O2' FAD F . 22.81 15.65 -20.41
C3' FAD F . 21.46 13.78 -21.09
O3' FAD F . 20.90 13.18 -22.25
C4' FAD F . 20.43 13.67 -19.97
O4' FAD F . 21.08 13.85 -18.71
C5' FAD F . 19.74 12.32 -19.99
O5' FAD F . 19.22 12.02 -18.67
P FAD F . 17.75 11.54 -18.48
O1P FAD F . 17.55 10.21 -19.20
O2P FAD F . 17.36 11.47 -17.13
O3P FAD F . 16.95 12.67 -19.23
PA FAD G . -20.86 -1.06 18.64
O1A FAD G . -21.46 0.15 18.07
O2A FAD G . -19.46 -1.30 18.17
O5B FAD G . -20.97 -1.01 20.16
C5B FAD G . -19.78 -1.08 21.00
C4B FAD G . -20.05 -2.05 22.13
O4B FAD G . -20.91 -1.43 23.11
C3B FAD G . -20.75 -3.33 21.71
O3B FAD G . -19.80 -4.31 21.37
C2B FAD G . -21.54 -3.70 22.98
O2B FAD G . -20.75 -4.44 23.89
C1B FAD G . -21.90 -2.34 23.55
N9A FAD G . -23.20 -1.83 23.14
C8A FAD G . -23.49 -1.07 22.05
N7A FAD G . -24.74 -0.74 21.94
C5A FAD G . -25.33 -1.32 23.05
C6A FAD G . -26.66 -1.34 23.52
N6A FAD G . -27.67 -0.74 22.90
N1A FAD G . -26.91 -2.01 24.66
C2A FAD G . -25.90 -2.62 25.28
N3A FAD G . -24.62 -2.67 24.93
C4A FAD G . -24.40 -1.99 23.80
N1 FAD G . -26.32 -6.65 22.89
C2 FAD G . -25.66 -7.73 23.38
O2 FAD G . -24.46 -7.69 23.65
N3 FAD G . -26.34 -8.90 23.62
C4 FAD G . -27.66 -9.11 23.39
O4 FAD G . -28.15 -10.21 23.63
C4X FAD G . -28.36 -7.97 22.84
N5 FAD G . -29.60 -8.09 22.59
C5X FAD G . -30.28 -7.02 22.08
C6 FAD G . -31.64 -7.15 21.81
C7 FAD G . -32.38 -6.10 21.28
C7M FAD G . -33.84 -6.29 21.01
C8 FAD G . -31.74 -4.87 21.02
C8M FAD G . -32.51 -3.70 20.46
C9 FAD G . -30.39 -4.73 21.30
C9A FAD G . -29.64 -5.79 21.82
N10 FAD G . -28.26 -5.70 22.07
C10 FAD G . -27.60 -6.77 22.62
C1' FAD G . -27.51 -4.43 21.88
C2' FAD G . -27.00 -4.19 20.45
O2' FAD G . -27.86 -4.74 19.46
C3' FAD G . -25.60 -4.79 20.28
O3' FAD G . -24.85 -4.57 21.47
C4' FAD G . -24.79 -4.24 19.12
O4' FAD G . -25.28 -4.79 17.89
C5' FAD G . -23.32 -4.56 19.26
O5' FAD G . -22.69 -4.54 17.97
P FAD G . -21.35 -3.76 17.73
O1P FAD G . -20.25 -4.34 18.61
O2P FAD G . -20.98 -3.68 16.38
O3P FAD G . -21.74 -2.32 18.26
PA FAD H . 17.77 2.92 21.53
O1A FAD H . 18.44 1.67 21.17
O2A FAD H . 16.46 3.11 20.84
O5B FAD H . 17.64 3.01 23.05
C5B FAD H . 16.36 3.14 23.70
C4B FAD H . 16.46 4.22 24.75
O4B FAD H . 17.16 3.70 25.90
C3B FAD H . 17.23 5.46 24.33
O3B FAD H . 16.34 6.39 23.76
C2B FAD H . 17.82 5.95 25.66
O2B FAD H . 16.90 6.77 26.37
C1B FAD H . 18.07 4.65 26.40
N9A FAD H . 19.42 4.11 26.25
C8A FAD H . 19.86 3.26 25.28
N7A FAD H . 21.12 2.92 25.38
C5A FAD H . 21.54 3.61 26.51
C6A FAD H . 22.79 3.69 27.17
N6A FAD H . 23.88 3.04 26.76
N1A FAD H . 22.87 4.46 28.26
C2A FAD H . 21.78 5.12 28.67
N3A FAD H . 20.56 5.13 28.14
C4A FAD H . 20.50 4.34 27.05
N1 FAD H . 22.58 8.91 26.01
C2 FAD H . 21.86 10.03 26.29
O2 FAD H . 20.63 10.00 26.38
N3 FAD H . 22.51 11.22 26.52
C4 FAD H . 23.84 11.42 26.46
O4 FAD H . 24.30 12.54 26.68
C4X FAD H . 24.61 10.24 26.14
N5 FAD H . 25.88 10.35 26.07
C5X FAD H . 26.61 9.22 25.76
C6 FAD H . 28.00 9.34 25.69
C7 FAD H . 28.80 8.26 25.38
C7M FAD H . 30.30 8.43 25.31
C8 FAD H . 28.20 7.00 25.14
C8M FAD H . 29.04 5.81 24.80
C9 FAD H . 26.81 6.88 25.22
C9A FAD H . 26.02 7.98 25.52
N10 FAD H . 24.61 7.91 25.59
C10 FAD H . 23.88 9.02 25.92
C1' FAD H . 23.89 6.62 25.39
C2' FAD H . 23.59 6.25 23.93
O2' FAD H . 24.60 6.70 23.03
C3' FAD H . 22.24 6.81 23.51
O3' FAD H . 21.32 6.71 24.58
C4' FAD H . 21.61 6.16 22.28
O4' FAD H . 22.27 6.60 21.10
C5' FAD H . 20.13 6.48 22.19
O5' FAD H . 19.70 6.33 20.82
P FAD H . 18.41 5.52 20.46
O1P FAD H . 17.19 6.17 21.10
O2P FAD H . 18.24 5.33 19.08
O3P FAD H . 18.71 4.14 21.17
#